data_3TPU
#
_entry.id   3TPU
#
_cell.length_a   291.332
_cell.length_b   291.332
_cell.length_c   291.240
_cell.angle_alpha   90.00
_cell.angle_beta   90.00
_cell.angle_gamma   120.00
#
_symmetry.space_group_name_H-M   'H 3 2'
#
loop_
_entity.id
_entity.type
_entity.pdbx_description
1 polymer '42F3 alpha'
2 polymer '42F3 beta'
3 polymer 'H2-Ld SBM2'
4 polymer 'p5E8 peptide'
5 non-polymer 'SULFATE ION'
6 non-polymer 1,2-ETHANEDIOL
7 water water
#
loop_
_entity_poly.entity_id
_entity_poly.type
_entity_poly.pdbx_seq_one_letter_code
_entity_poly.pdbx_strand_id
1 'polypeptide(L)'
;SHMAQSVTQPDARVTVSEGASLQLRCKYSYSATPYLFWYVQYPRQGLQMLLKYYSGDPVVQGVNGFEAEFSKSDSSFHLR
KASVHWSDSAVYFCAVSAKGTGSKLSFGKGAKLTVSPNIQNPDPAVYQLRDSKSSDKSVCLFTDFDSQTNVSQSKDSDVY
ITDKCVLDMRSMDFKSNSAVAWSNKSDFACANAFNNSIIPEDTFFPSPESS
;
A,C,G,M
2 'polypeptide(L)'
;MGEAAVTQSPRNKVTVTGGNVTLSCRQTNSHNYMYWYRQDTGHGLRLIHYSYGAGNLQIGDVPDGYKATRTTQEDFFLLL
ELASPSQTSLYFCASSDAPGQLYFGEGSKLTVLEDLKNVFPPEVAVFEPSEAEISHTQKATLVCLATGFYPDHVELSWWV
NGKEVHSGVCTDPQPLKEQPALNDSRYALSSRLRVSATFWQNPRNHFRCQVQFYGLSENDEWTQDRAKPVTQIVSAEAWG
RAD
;
B,D,H,N
3 'polypeptide(L)'
;MGPHSMRYYETATSRRGLGEPRYTSVGYVDDKEFVRFDSDAENPRYEPQVPWMEQEGPEYWERITQVAKGQEQWFRVNLR
TLLGYYNQSAGGTHTLQRMYGCDVGSDGRLLRGYEQFAYDGCDYIALNEDLRTWTAADMAAQITRRKWEQAGAAEYYRAY
LEGECVEWLHRYLKNGNATL
;
I,E,K,Q
4 'polypeptide(L)' FLSPFWFDI J,F,L,R
#
loop_
_chem_comp.id
_chem_comp.type
_chem_comp.name
_chem_comp.formula
EDO non-polymer 1,2-ETHANEDIOL 'C2 H6 O2'
SO4 non-polymer 'SULFATE ION' 'O4 S -2'
#
# COMPACT_ATOMS: atom_id res chain seq x y z
N ALA A 4 -13.53 54.95 14.32
CA ALA A 4 -14.42 53.82 14.13
C ALA A 4 -13.84 53.10 12.93
N GLN A 5 -13.08 53.84 12.14
CA GLN A 5 -12.62 53.36 10.84
C GLN A 5 -11.62 52.22 10.98
N SER A 6 -12.07 50.98 10.82
CA SER A 6 -11.14 49.85 10.92
C SER A 6 -10.94 49.28 9.52
N VAL A 7 -10.04 48.30 9.41
CA VAL A 7 -9.93 47.45 8.25
C VAL A 7 -9.81 46.05 8.81
N THR A 8 -10.36 45.07 8.11
CA THR A 8 -10.23 43.69 8.58
C THR A 8 -9.63 42.71 7.57
N GLN A 9 -8.66 41.93 8.04
CA GLN A 9 -8.06 40.86 7.28
C GLN A 9 -8.52 39.55 7.92
N PRO A 10 -9.06 38.64 7.09
CA PRO A 10 -9.75 37.43 7.52
C PRO A 10 -8.82 36.37 8.10
N ASP A 11 -7.64 36.19 7.52
CA ASP A 11 -6.76 35.08 7.88
C ASP A 11 -5.37 35.53 8.30
N ALA A 12 -4.92 35.06 9.45
CA ALA A 12 -3.58 35.42 9.96
C ALA A 12 -2.46 34.61 9.32
N ARG A 13 -2.78 33.35 8.99
CA ARG A 13 -1.83 32.45 8.36
C ARG A 13 -2.36 32.03 7.00
N VAL A 14 -1.48 31.97 6.00
CA VAL A 14 -1.85 31.58 4.64
C VAL A 14 -0.68 31.00 3.84
N THR A 15 -0.93 29.85 3.19
CA THR A 15 0.12 29.13 2.45
C THR A 15 -0.28 28.81 1.02
N VAL A 16 0.62 29.03 0.07
CA VAL A 16 0.41 28.70 -1.35
C VAL A 16 1.71 28.29 -2.03
N SER A 17 1.62 27.74 -3.24
CA SER A 17 2.79 27.12 -3.87
C SER A 17 3.44 27.96 -4.97
N GLU A 18 4.77 27.98 -4.98
CA GLU A 18 5.56 28.74 -5.94
C GLU A 18 4.89 28.63 -7.30
N GLY A 19 4.50 29.76 -7.86
CA GLY A 19 3.83 29.80 -9.14
C GLY A 19 2.33 30.09 -9.05
N ALA A 20 1.69 29.63 -7.98
CA ALA A 20 0.27 29.87 -7.75
C ALA A 20 -0.07 31.35 -7.79
N SER A 21 -1.35 31.67 -7.81
CA SER A 21 -1.76 33.07 -7.82
C SER A 21 -2.39 33.47 -6.49
N LEU A 22 -2.08 34.69 -6.07
CA LEU A 22 -2.32 35.09 -4.70
C LEU A 22 -3.44 36.10 -4.60
N GLN A 23 -4.35 35.88 -3.65
CA GLN A 23 -5.32 36.90 -3.27
C GLN A 23 -5.39 37.00 -1.75
N LEU A 24 -5.00 38.16 -1.21
CA LEU A 24 -5.09 38.42 0.22
C LEU A 24 -6.24 39.36 0.48
N ARG A 25 -7.16 38.94 1.33
CA ARG A 25 -8.43 39.63 1.53
C ARG A 25 -8.33 40.79 2.51
N CYS A 26 -8.82 41.97 2.10
CA CYS A 26 -8.93 43.08 3.03
C CYS A 26 -10.26 43.78 2.91
N LYS A 27 -11.02 43.80 4.00
CA LYS A 27 -12.29 44.53 4.04
C LYS A 27 -12.21 45.73 4.97
N TYR A 28 -12.75 46.87 4.52
CA TYR A 28 -12.67 48.08 5.34
C TYR A 28 -14.03 48.52 5.87
N SER A 29 -14.04 49.02 7.10
CA SER A 29 -15.27 49.53 7.69
C SER A 29 -15.61 50.70 6.82
N TYR A 30 -16.90 50.95 6.63
CA TYR A 30 -17.30 51.97 5.68
C TYR A 30 -16.81 53.36 6.00
N SER A 31 -16.34 54.03 4.97
CA SER A 31 -15.97 55.42 5.07
C SER A 31 -16.00 56.03 3.70
N ALA A 32 -16.35 57.30 3.63
CA ALA A 32 -16.21 58.05 2.40
C ALA A 32 -15.45 59.28 2.84
N THR A 33 -14.35 59.57 2.19
CA THR A 33 -13.85 58.79 1.08
C THR A 33 -12.64 58.02 1.59
N PRO A 34 -12.60 56.73 1.31
CA PRO A 34 -11.53 55.85 1.78
C PRO A 34 -10.15 56.01 1.15
N TYR A 35 -9.12 56.01 1.99
CA TYR A 35 -7.75 56.02 1.56
C TYR A 35 -7.15 54.74 2.11
N LEU A 36 -6.55 53.94 1.24
CA LEU A 36 -6.17 52.58 1.57
C LEU A 36 -4.72 52.24 1.21
N PHE A 37 -4.14 51.30 1.96
CA PHE A 37 -2.76 50.91 1.80
C PHE A 37 -2.47 49.41 2.02
N TRP A 38 -1.48 48.89 1.31
CA TRP A 38 -0.89 47.59 1.62
C TRP A 38 0.58 47.74 1.94
N TYR A 39 0.96 47.24 3.10
CA TYR A 39 2.36 47.20 3.48
C TYR A 39 2.83 45.77 3.57
N VAL A 40 4.10 45.55 3.26
CA VAL A 40 4.69 44.23 3.42
C VAL A 40 5.85 44.27 4.40
N GLN A 41 6.04 43.18 5.15
CA GLN A 41 7.16 43.06 6.06
C GLN A 41 7.94 41.79 5.77
N TYR A 42 9.10 41.95 5.12
CA TYR A 42 9.99 40.82 4.88
C TYR A 42 10.67 40.45 6.18
N PRO A 43 10.81 39.15 6.45
CA PRO A 43 11.50 38.59 7.62
C PRO A 43 12.65 39.46 8.11
N ARG A 44 12.68 39.75 9.41
CA ARG A 44 13.76 40.50 10.02
C ARG A 44 13.87 41.94 9.50
N GLN A 45 12.77 42.51 9.02
CA GLN A 45 12.79 43.89 8.49
C GLN A 45 11.60 44.73 8.99
N GLY A 46 11.57 45.99 8.57
CA GLY A 46 10.43 46.83 8.90
C GLY A 46 9.30 46.66 7.90
N LEU A 47 8.31 47.54 7.99
CA LEU A 47 7.27 47.58 6.96
C LEU A 47 7.68 48.41 5.74
N GLN A 48 7.23 47.98 4.56
CA GLN A 48 7.44 48.70 3.33
C GLN A 48 6.08 49.02 2.73
N MET A 49 5.90 50.24 2.24
CA MET A 49 4.66 50.50 1.53
C MET A 49 4.67 49.76 0.18
N LEU A 50 3.64 48.95 -0.05
CA LEU A 50 3.46 48.22 -1.30
C LEU A 50 2.77 49.11 -2.32
N LEU A 51 1.60 49.64 -1.95
CA LEU A 51 0.81 50.53 -2.79
C LEU A 51 -0.21 51.34 -1.98
N LYS A 52 -0.68 52.45 -2.56
CA LYS A 52 -1.73 53.27 -1.93
C LYS A 52 -2.90 53.46 -2.88
N TYR A 53 -4.11 53.55 -2.34
CA TYR A 53 -5.20 54.04 -3.17
C TYR A 53 -5.78 55.34 -2.61
N TYR A 54 -5.61 56.43 -3.36
CA TYR A 54 -6.15 57.71 -2.96
C TYR A 54 -7.43 57.97 -3.75
N SER A 55 -7.30 57.92 -5.06
CA SER A 55 -8.44 58.11 -5.95
C SER A 55 -8.08 57.63 -7.35
N GLY A 56 -9.10 57.51 -8.20
CA GLY A 56 -8.89 57.23 -9.61
C GLY A 56 -8.97 55.75 -9.97
N ASP A 57 -8.01 55.31 -10.78
CA ASP A 57 -7.97 53.91 -11.23
C ASP A 57 -8.08 52.98 -10.02
N PRO A 58 -9.20 52.24 -9.92
CA PRO A 58 -9.50 51.39 -8.75
C PRO A 58 -8.63 50.14 -8.74
N VAL A 59 -7.84 49.99 -9.79
CA VAL A 59 -6.83 48.95 -9.86
C VAL A 59 -5.46 49.58 -9.70
N VAL A 60 -4.88 49.43 -8.52
CA VAL A 60 -3.61 50.09 -8.21
C VAL A 60 -2.44 49.15 -8.41
N GLN A 61 -1.46 49.64 -9.15
CA GLN A 61 -0.24 48.88 -9.44
C GLN A 61 0.80 49.18 -8.41
N GLY A 62 1.15 48.18 -7.60
CA GLY A 62 2.27 48.30 -6.68
C GLY A 62 3.56 47.82 -7.33
N VAL A 63 4.66 47.91 -6.61
CA VAL A 63 5.92 47.40 -7.12
C VAL A 63 6.00 45.91 -6.84
N ASN A 64 6.92 45.21 -7.51
CA ASN A 64 7.01 43.75 -7.44
C ASN A 64 5.82 43.00 -8.01
N GLY A 65 5.23 43.53 -9.08
CA GLY A 65 4.10 42.88 -9.74
C GLY A 65 2.92 42.62 -8.82
N PHE A 66 2.75 43.50 -7.85
CA PHE A 66 1.60 43.42 -6.98
C PHE A 66 0.55 44.42 -7.45
N GLU A 67 -0.70 44.15 -7.12
CA GLU A 67 -1.75 45.10 -7.43
C GLU A 67 -2.93 44.91 -6.50
N ALA A 68 -3.70 45.96 -6.33
CA ALA A 68 -4.85 45.89 -5.47
C ALA A 68 -6.06 46.43 -6.20
N GLU A 69 -7.23 45.94 -5.81
CA GLU A 69 -8.46 46.35 -6.45
C GLU A 69 -9.43 46.94 -5.43
N PHE A 70 -9.67 48.24 -5.59
CA PHE A 70 -10.59 48.99 -4.74
C PHE A 70 -12.01 48.75 -5.19
N SER A 71 -12.78 48.08 -4.35
CA SER A 71 -14.19 47.84 -4.66
C SER A 71 -15.08 48.61 -3.70
N LYS A 72 -15.70 49.66 -4.22
CA LYS A 72 -16.66 50.44 -3.46
C LYS A 72 -17.85 49.52 -3.16
N SER A 73 -18.24 48.74 -4.17
CA SER A 73 -19.36 47.80 -4.09
C SER A 73 -19.25 46.89 -2.88
N ASP A 74 -18.05 46.31 -2.69
CA ASP A 74 -17.78 45.31 -1.65
C ASP A 74 -17.39 45.88 -0.27
N SER A 75 -16.82 47.08 -0.27
CA SER A 75 -16.02 47.55 0.85
C SER A 75 -14.76 46.66 0.80
N SER A 76 -14.24 46.47 -0.40
CA SER A 76 -13.05 45.66 -0.63
C SER A 76 -11.77 46.28 -1.15
N PHE A 77 -10.64 45.81 -0.64
CA PHE A 77 -9.33 46.27 -1.09
C PHE A 77 -8.38 45.09 -1.18
N HIS A 78 -8.69 44.13 -2.04
CA HIS A 78 -7.93 42.88 -2.13
C HIS A 78 -6.56 43.03 -2.81
N LEU A 79 -5.55 42.38 -2.24
CA LEU A 79 -4.20 42.43 -2.79
C LEU A 79 -3.97 41.20 -3.65
N ARG A 80 -3.37 41.37 -4.82
CA ARG A 80 -3.22 40.25 -5.74
C ARG A 80 -1.86 40.21 -6.40
N LYS A 81 -1.33 39.01 -6.57
CA LYS A 81 -0.18 38.77 -7.44
C LYS A 81 -0.45 37.53 -8.27
N ALA A 82 0.01 37.53 -9.51
CA ALA A 82 -0.29 36.48 -10.48
C ALA A 82 0.46 35.16 -10.21
N SER A 83 1.79 35.24 -10.23
CA SER A 83 2.65 34.11 -9.98
C SER A 83 3.56 34.44 -8.82
N VAL A 84 3.25 33.90 -7.63
CA VAL A 84 4.07 34.17 -6.44
C VAL A 84 5.31 33.31 -6.53
N HIS A 85 6.45 33.95 -6.40
CA HIS A 85 7.73 33.27 -6.21
C HIS A 85 7.89 32.96 -4.70
N TRP A 86 8.95 32.24 -4.30
CA TRP A 86 9.20 32.00 -2.87
C TRP A 86 9.65 33.20 -2.04
N SER A 87 10.42 34.07 -2.65
CA SER A 87 10.91 35.26 -1.97
C SER A 87 9.76 36.19 -1.53
N ASP A 88 8.54 35.89 -1.93
CA ASP A 88 7.42 36.74 -1.56
C ASP A 88 6.83 36.32 -0.23
N SER A 89 7.48 35.37 0.43
CA SER A 89 7.01 34.91 1.74
C SER A 89 7.31 36.02 2.71
N ALA A 90 6.28 36.49 3.40
CA ALA A 90 6.38 37.70 4.18
C ALA A 90 5.07 37.96 4.87
N VAL A 91 5.01 39.02 5.66
CA VAL A 91 3.74 39.39 6.26
C VAL A 91 3.16 40.61 5.57
N TYR A 92 1.88 40.54 5.26
CA TYR A 92 1.21 41.54 4.46
C TYR A 92 0.18 42.26 5.30
N PHE A 93 0.29 43.58 5.34
CA PHE A 93 -0.58 44.42 6.15
C PHE A 93 -1.47 45.34 5.31
N CYS A 94 -2.77 45.30 5.60
CA CYS A 94 -3.73 46.25 5.02
C CYS A 94 -3.96 47.42 5.96
N ALA A 95 -4.27 48.59 5.44
CA ALA A 95 -4.37 49.76 6.31
C ALA A 95 -5.12 50.92 5.68
N VAL A 96 -5.99 51.56 6.46
CA VAL A 96 -6.70 52.75 6.00
C VAL A 96 -6.20 53.95 6.77
N SER A 97 -6.16 55.11 6.13
CA SER A 97 -5.84 56.36 6.80
C SER A 97 -7.10 57.14 7.00
N ALA A 98 -7.76 56.95 8.14
CA ALA A 98 -8.94 57.73 8.53
C ALA A 98 -8.78 59.22 8.27
N LYS A 99 -9.88 59.95 8.17
CA LYS A 99 -9.76 61.40 8.01
C LYS A 99 -9.96 62.02 9.38
N GLY A 100 -9.12 62.98 9.73
CA GLY A 100 -9.17 63.55 11.06
C GLY A 100 -8.31 62.68 11.97
N THR A 101 -8.44 61.37 11.79
CA THR A 101 -7.49 60.43 12.34
C THR A 101 -6.30 60.16 11.37
N GLY A 102 -6.01 61.21 10.59
CA GLY A 102 -5.14 61.13 9.44
C GLY A 102 -3.64 61.14 9.57
N SER A 103 -3.19 61.80 10.62
CA SER A 103 -1.78 61.75 10.99
C SER A 103 -1.40 60.32 11.37
N LYS A 104 -2.36 59.54 11.89
CA LYS A 104 -2.13 58.17 12.31
C LYS A 104 -2.61 57.27 11.19
N LEU A 105 -1.91 56.17 11.00
CA LEU A 105 -2.32 55.11 10.08
C LEU A 105 -2.88 53.97 10.94
N SER A 106 -4.04 53.44 10.55
CA SER A 106 -4.62 52.30 11.28
C SER A 106 -4.49 50.91 10.58
N PHE A 107 -3.66 50.04 11.15
CA PHE A 107 -3.31 48.75 10.53
C PHE A 107 -4.29 47.58 10.70
N GLY A 108 -4.19 46.63 9.79
CA GLY A 108 -4.84 45.34 9.94
C GLY A 108 -3.99 44.55 10.91
N LYS A 109 -4.48 43.35 11.21
CA LYS A 109 -3.81 42.39 12.07
C LYS A 109 -2.54 41.89 11.44
N GLY A 110 -2.58 41.75 10.12
CA GLY A 110 -1.52 41.18 9.32
C GLY A 110 -1.85 39.80 8.77
N ALA A 111 -1.28 39.47 7.61
CA ALA A 111 -1.39 38.13 7.04
C ALA A 111 0.00 37.57 6.74
N LYS A 112 0.35 36.47 7.40
CA LYS A 112 1.65 35.81 7.18
C LYS A 112 1.57 34.87 5.99
N LEU A 113 2.24 35.24 4.91
CA LEU A 113 2.20 34.46 3.69
C LEU A 113 3.42 33.57 3.52
N THR A 114 3.15 32.26 3.36
CA THR A 114 4.19 31.27 3.14
C THR A 114 4.14 30.69 1.73
N VAL A 115 5.09 31.05 0.90
CA VAL A 115 5.15 30.52 -0.45
C VAL A 115 6.02 29.28 -0.50
N SER A 116 5.36 28.11 -0.52
CA SER A 116 6.00 26.78 -0.62
C SER A 116 6.86 26.67 -1.86
N PRO A 117 8.12 26.27 -1.73
CA PRO A 117 8.89 26.21 -2.97
C PRO A 117 8.54 24.95 -3.73
N ASN A 118 8.65 25.00 -5.05
CA ASN A 118 8.32 23.85 -5.90
C ASN A 118 9.48 22.87 -5.93
N ILE A 119 9.29 21.69 -5.34
CA ILE A 119 10.39 20.73 -5.36
C ILE A 119 10.33 19.85 -6.61
N GLN A 120 11.23 20.13 -7.55
CA GLN A 120 11.26 19.51 -8.88
C GLN A 120 11.57 18.01 -8.82
N ASN A 121 12.65 17.66 -8.12
CA ASN A 121 13.09 16.27 -7.97
C ASN A 121 13.21 15.82 -6.52
N PRO A 122 12.10 15.59 -5.85
CA PRO A 122 12.13 15.24 -4.44
C PRO A 122 12.93 13.99 -4.19
N ASP A 123 13.70 14.01 -3.12
CA ASP A 123 14.53 12.90 -2.75
C ASP A 123 14.59 12.76 -1.25
N PRO A 124 13.51 12.30 -0.64
CA PRO A 124 13.47 12.20 0.81
C PRO A 124 14.57 11.31 1.30
N ALA A 125 15.16 11.69 2.43
CA ALA A 125 16.29 10.98 2.99
C ALA A 125 16.49 11.40 4.45
N VAL A 126 17.02 10.52 5.29
CA VAL A 126 17.28 10.86 6.68
C VAL A 126 18.71 10.50 7.07
N TYR A 127 19.64 11.40 6.80
CA TYR A 127 21.05 11.15 7.12
C TYR A 127 21.39 11.50 8.57
N GLN A 128 22.53 11.01 9.06
CA GLN A 128 22.99 11.32 10.41
C GLN A 128 24.28 12.10 10.34
N LEU A 129 24.42 13.11 11.19
CA LEU A 129 25.62 13.92 11.22
C LEU A 129 26.32 13.83 12.57
N ARG A 130 27.65 13.86 12.56
CA ARG A 130 28.39 13.63 13.79
C ARG A 130 29.08 14.88 14.24
N ASP A 131 29.16 15.07 15.56
CA ASP A 131 29.77 16.28 16.14
C ASP A 131 31.22 16.35 15.73
N SER A 132 31.63 17.51 15.19
CA SER A 132 33.02 17.70 14.76
C SER A 132 34.05 17.64 15.92
N LYS A 133 33.59 17.89 17.15
CA LYS A 133 34.47 17.91 18.32
C LYS A 133 34.27 16.68 19.23
N SER A 134 33.06 16.15 19.27
CA SER A 134 32.78 15.02 20.14
C SER A 134 32.16 13.83 19.41
N LYS A 137 28.28 12.85 20.30
CA LYS A 137 27.16 13.79 20.10
C LYS A 137 26.55 13.61 18.69
N SER A 138 25.21 13.64 18.62
CA SER A 138 24.51 13.15 17.43
C SER A 138 23.18 13.81 17.05
N VAL A 139 23.11 14.18 15.78
CA VAL A 139 21.96 14.83 15.19
C VAL A 139 21.40 14.11 13.98
N CYS A 140 20.08 14.05 13.85
CA CYS A 140 19.46 13.38 12.72
C CYS A 140 18.84 14.38 11.76
N LEU A 141 19.17 14.27 10.47
CA LEU A 141 18.67 15.20 9.50
C LEU A 141 17.77 14.62 8.42
N PHE A 142 16.50 15.00 8.49
CA PHE A 142 15.49 14.73 7.46
C PHE A 142 15.50 15.80 6.36
N THR A 143 15.86 15.46 5.14
CA THR A 143 16.04 16.51 4.15
C THR A 143 15.50 16.13 2.81
N ASP A 144 15.53 17.10 1.90
CA ASP A 144 15.16 16.92 0.50
C ASP A 144 13.72 16.51 0.22
N PHE A 145 12.85 16.46 1.23
CA PHE A 145 11.45 16.12 0.99
C PHE A 145 10.72 17.23 0.24
N ASP A 146 9.49 16.92 -0.12
CA ASP A 146 8.60 17.76 -0.90
C ASP A 146 7.85 18.75 -0.03
N SER A 147 7.22 19.71 -0.68
CA SER A 147 6.47 20.74 0.00
C SER A 147 5.32 20.17 0.80
N GLN A 148 4.64 19.18 0.24
CA GLN A 148 3.47 18.58 0.88
C GLN A 148 3.75 17.85 2.19
N THR A 149 4.87 17.13 2.26
CA THR A 149 5.28 16.44 3.48
C THR A 149 5.46 17.42 4.62
N ASN A 150 4.80 17.12 5.73
CA ASN A 150 4.89 17.92 6.95
C ASN A 150 5.47 17.12 8.12
N VAL A 151 6.44 17.72 8.81
CA VAL A 151 7.16 17.09 9.92
C VAL A 151 6.44 17.51 11.17
N SER A 152 6.23 16.60 12.10
CA SER A 152 5.51 16.91 13.32
C SER A 152 6.39 16.66 14.53
N GLN A 153 6.03 17.21 15.69
CA GLN A 153 6.89 17.17 16.87
C GLN A 153 6.98 15.76 17.49
N SER A 154 7.91 15.57 18.42
CA SER A 154 8.16 14.26 19.02
C SER A 154 7.20 14.12 20.17
N LYS A 155 6.64 12.94 20.29
CA LYS A 155 5.71 12.66 21.37
C LYS A 155 6.53 12.20 22.59
N ASP A 156 7.85 12.30 22.40
CA ASP A 156 8.86 11.91 23.38
C ASP A 156 9.38 12.99 24.35
N SER A 157 9.13 14.25 24.07
CA SER A 157 9.54 15.26 25.01
C SER A 157 11.05 15.41 25.12
N ASP A 158 11.72 14.31 25.40
CA ASP A 158 13.16 14.31 25.56
C ASP A 158 13.88 14.37 24.24
N VAL A 159 13.11 14.31 23.18
CA VAL A 159 13.66 14.38 21.83
C VAL A 159 13.20 15.67 21.15
N TYR A 160 14.14 16.38 20.53
CA TYR A 160 13.85 17.68 19.92
C TYR A 160 13.75 17.61 18.39
N ILE A 161 12.69 18.19 17.83
CA ILE A 161 12.54 18.27 16.37
C ILE A 161 12.06 19.63 15.91
N THR A 162 12.75 20.19 14.91
CA THR A 162 12.47 21.53 14.39
C THR A 162 11.42 21.50 13.27
N ASP A 163 10.96 22.64 12.79
CA ASP A 163 9.97 22.65 11.69
C ASP A 163 10.74 22.51 10.40
N LYS A 164 10.06 22.55 9.26
CA LYS A 164 10.79 22.49 8.01
C LYS A 164 11.42 23.84 7.77
N CYS A 165 12.61 23.87 7.17
CA CYS A 165 13.25 25.12 6.81
C CYS A 165 13.63 24.99 5.36
N VAL A 166 13.45 26.06 4.60
CA VAL A 166 13.80 26.02 3.19
C VAL A 166 15.07 26.79 2.98
N LEU A 167 16.05 26.14 2.35
CA LEU A 167 17.33 26.78 2.09
C LEU A 167 17.51 26.87 0.60
N ASP A 168 18.30 27.81 0.12
CA ASP A 168 18.37 28.05 -1.30
C ASP A 168 19.80 28.32 -1.74
N MET A 169 20.36 27.38 -2.50
CA MET A 169 21.71 27.54 -2.99
C MET A 169 21.64 28.26 -4.32
N ARG A 170 21.47 29.58 -4.27
CA ARG A 170 21.17 30.38 -5.47
C ARG A 170 22.14 30.22 -6.63
N SER A 171 23.42 30.00 -6.33
CA SER A 171 24.43 29.81 -7.36
C SER A 171 24.09 28.62 -8.27
N MET A 172 23.38 27.66 -7.71
CA MET A 172 22.96 26.47 -8.43
C MET A 172 21.44 26.44 -8.67
N ASP A 173 20.79 27.57 -8.50
CA ASP A 173 19.33 27.64 -8.59
C ASP A 173 18.62 26.44 -7.96
N PHE A 174 18.92 26.15 -6.69
CA PHE A 174 18.41 24.94 -6.04
C PHE A 174 17.85 25.16 -4.63
N LYS A 175 16.61 24.74 -4.40
CA LYS A 175 15.98 24.82 -3.08
C LYS A 175 15.63 23.44 -2.48
N SER A 176 15.68 23.34 -1.16
CA SER A 176 15.39 22.08 -0.48
C SER A 176 14.83 22.29 0.94
N ASN A 177 13.91 21.44 1.38
CA ASN A 177 13.47 21.45 2.77
C ASN A 177 14.39 20.67 3.73
N SER A 178 14.19 20.86 5.04
CA SER A 178 15.00 20.23 6.10
C SER A 178 14.38 20.35 7.47
N ALA A 179 14.30 19.23 8.19
CA ALA A 179 14.01 19.24 9.61
C ALA A 179 15.23 18.67 10.33
N VAL A 180 15.40 18.97 11.60
CA VAL A 180 16.55 18.50 12.34
C VAL A 180 16.02 17.88 13.62
N ALA A 181 16.63 16.78 14.06
CA ALA A 181 16.24 16.18 15.33
C ALA A 181 17.48 15.79 16.13
N TRP A 182 17.38 15.86 17.45
CA TRP A 182 18.48 15.45 18.31
C TRP A 182 17.96 14.98 19.67
N SER A 183 18.83 14.28 20.42
CA SER A 183 18.55 13.86 21.79
C SER A 183 19.86 13.29 22.29
N ASN A 184 20.03 13.20 23.61
CA ASN A 184 21.13 12.41 24.19
C ASN A 184 20.58 11.27 25.07
N LYS A 185 19.44 10.76 24.69
CA LYS A 185 18.99 9.53 25.25
C LYS A 185 20.08 8.66 24.70
N SER A 186 20.63 7.77 25.51
CA SER A 186 21.65 6.87 25.01
C SER A 186 20.94 6.08 23.94
N ASP A 187 19.72 5.68 24.29
CA ASP A 187 18.78 5.11 23.36
C ASP A 187 18.39 6.26 22.49
N PHE A 188 18.06 5.98 21.23
CA PHE A 188 17.67 7.00 20.28
C PHE A 188 18.49 6.84 19.04
N ALA A 189 17.80 6.83 17.92
CA ALA A 189 18.40 6.48 16.65
C ALA A 189 17.72 7.24 15.54
N CYS A 190 18.42 7.37 14.42
CA CYS A 190 17.92 8.14 13.28
C CYS A 190 16.63 7.55 12.70
N ALA A 191 16.57 6.23 12.61
CA ALA A 191 15.38 5.60 12.07
C ALA A 191 14.13 5.89 12.92
N ASN A 192 14.28 5.84 14.23
CA ASN A 192 13.18 6.04 15.15
C ASN A 192 12.84 7.51 15.34
N ALA A 193 13.64 8.41 14.76
CA ALA A 193 13.56 9.84 15.06
C ALA A 193 12.31 10.48 14.58
N PHE A 194 12.16 10.51 13.25
CA PHE A 194 11.01 11.15 12.63
C PHE A 194 9.84 10.21 12.47
N ASN A 195 9.84 9.10 13.19
CA ASN A 195 8.80 8.12 12.96
C ASN A 195 7.42 8.61 13.41
N ASN A 196 7.37 9.62 14.25
CA ASN A 196 6.07 10.18 14.62
C ASN A 196 5.58 11.10 13.50
N SER A 197 6.12 10.97 12.30
CA SER A 197 5.60 11.66 11.13
C SER A 197 5.13 10.92 9.88
N ILE A 198 4.35 11.59 9.05
CA ILE A 198 3.89 11.05 7.79
C ILE A 198 5.07 11.26 6.84
N ILE A 199 6.05 10.37 6.92
CA ILE A 199 7.20 10.34 6.04
C ILE A 199 6.80 9.61 4.75
N PRO A 200 7.33 10.05 3.59
CA PRO A 200 7.19 9.28 2.35
C PRO A 200 7.59 7.82 2.35
N GLU A 201 6.95 6.92 1.62
CA GLU A 201 7.37 5.51 1.69
C GLU A 201 8.77 5.59 1.08
N ASP A 202 8.90 6.56 0.19
CA ASP A 202 10.02 6.75 -0.70
C ASP A 202 11.36 6.96 0.00
N THR A 203 11.35 7.64 1.14
CA THR A 203 12.56 8.20 1.71
C THR A 203 13.70 7.22 2.01
N PHE A 204 14.90 7.64 1.64
CA PHE A 204 16.13 6.88 1.84
C PHE A 204 16.58 6.80 3.28
N PHE A 205 17.30 5.73 3.64
CA PHE A 205 17.84 5.62 4.97
C PHE A 205 19.17 4.98 4.74
N PRO A 206 20.25 5.72 4.95
CA PRO A 206 21.58 5.15 4.73
C PRO A 206 21.75 3.97 5.65
N SER A 207 22.22 2.85 5.11
CA SER A 207 22.15 1.57 5.82
C SER A 207 22.91 1.53 7.13
N PRO A 208 24.15 1.97 7.11
CA PRO A 208 24.94 1.99 8.34
C PRO A 208 24.30 2.94 9.34
N GLU A 209 24.13 4.19 8.94
CA GLU A 209 23.51 5.21 9.76
C GLU A 209 22.05 4.90 10.07
N SER A 210 21.34 4.36 9.10
CA SER A 210 19.92 4.09 9.23
C SER A 210 19.18 5.40 9.36
N ALA B 4 14.23 56.19 2.18
CA ALA B 4 14.48 54.87 2.77
C ALA B 4 15.21 54.90 4.15
N ALA B 5 16.17 55.83 4.27
CA ALA B 5 17.03 56.01 5.43
C ALA B 5 16.28 56.61 6.63
N VAL B 6 15.78 55.67 7.43
CA VAL B 6 15.28 55.91 8.77
C VAL B 6 16.03 54.86 9.60
N THR B 7 16.82 55.27 10.58
CA THR B 7 17.76 54.36 11.21
C THR B 7 17.64 54.31 12.73
N GLN B 8 17.35 53.13 13.28
CA GLN B 8 17.23 53.00 14.73
C GLN B 8 18.53 52.60 15.33
N SER B 9 18.75 53.04 16.55
CA SER B 9 19.90 52.64 17.35
C SER B 9 19.34 52.46 18.75
N PRO B 10 19.68 51.39 19.46
CA PRO B 10 20.51 50.29 18.99
C PRO B 10 19.60 49.22 18.47
N ARG B 11 20.11 48.37 17.61
CA ARG B 11 19.31 47.29 17.06
C ARG B 11 18.91 46.28 18.10
N ASN B 12 19.82 45.99 19.01
CA ASN B 12 19.60 45.05 20.10
C ASN B 12 19.90 45.66 21.43
N LYS B 13 19.14 45.27 22.45
CA LYS B 13 19.31 45.83 23.78
C LYS B 13 18.72 44.91 24.81
N VAL B 14 19.46 44.67 25.89
CA VAL B 14 18.93 43.93 27.03
C VAL B 14 19.16 44.76 28.28
N THR B 15 18.20 44.71 29.21
CA THR B 15 18.30 45.45 30.46
C THR B 15 17.50 44.72 31.52
N VAL B 16 17.60 45.12 32.77
CA VAL B 16 16.82 44.46 33.81
C VAL B 16 15.75 45.35 34.40
N THR B 17 14.64 44.79 34.85
CA THR B 17 13.53 45.57 35.44
C THR B 17 14.08 46.70 36.27
N GLY B 18 13.68 47.93 35.96
CA GLY B 18 14.09 49.08 36.75
C GLY B 18 15.12 49.92 36.02
N GLY B 19 15.62 49.38 34.93
CA GLY B 19 16.68 50.02 34.19
C GLY B 19 16.15 51.10 33.30
N ASN B 20 17.08 51.83 32.72
CA ASN B 20 16.77 52.88 31.81
C ASN B 20 17.06 52.38 30.41
N VAL B 21 16.15 52.59 29.48
CA VAL B 21 16.41 52.25 28.08
C VAL B 21 16.09 53.43 27.17
N THR B 22 16.94 53.69 26.19
CA THR B 22 16.72 54.77 25.23
C THR B 22 16.90 54.31 23.79
N LEU B 23 15.79 54.18 23.07
CA LEU B 23 15.83 53.85 21.65
C LEU B 23 15.89 55.16 20.85
N SER B 24 16.84 55.24 19.92
CA SER B 24 16.99 56.46 19.12
C SER B 24 16.49 56.17 17.72
N CYS B 25 16.03 57.21 17.04
CA CYS B 25 15.62 57.12 15.65
C CYS B 25 15.97 58.37 14.83
N ARG B 26 16.71 58.20 13.74
CA ARG B 26 17.14 59.33 12.92
C ARG B 26 16.55 59.16 11.53
N GLN B 27 15.99 60.24 10.99
CA GLN B 27 15.48 60.22 9.62
C GLN B 27 16.04 61.38 8.79
N THR B 28 16.59 61.02 7.64
CA THR B 28 17.28 61.95 6.73
C THR B 28 16.37 62.49 5.60
N ASN B 29 15.19 61.90 5.43
CA ASN B 29 14.11 62.60 4.75
C ASN B 29 13.83 63.86 5.57
N SER B 30 13.02 64.77 5.08
CA SER B 30 12.79 65.90 5.96
C SER B 30 11.36 65.81 6.38
N HIS B 31 10.97 64.60 6.81
CA HIS B 31 9.60 64.31 7.22
C HIS B 31 9.24 65.01 8.53
N ASN B 32 7.96 65.37 8.68
CA ASN B 32 7.53 66.05 9.89
C ASN B 32 7.01 65.07 10.90
N TYR B 33 6.28 64.08 10.42
CA TYR B 33 5.79 63.05 11.32
C TYR B 33 6.87 62.03 11.62
N MET B 34 6.94 61.62 12.89
CA MET B 34 7.69 60.43 13.28
C MET B 34 6.85 59.64 14.30
N TYR B 35 7.10 58.33 14.34
CA TYR B 35 6.29 57.40 15.12
C TYR B 35 7.15 56.37 15.82
N TRP B 36 6.72 55.97 17.02
CA TRP B 36 7.27 54.80 17.70
C TRP B 36 6.21 53.71 17.86
N TYR B 37 6.48 52.54 17.30
CA TYR B 37 5.59 51.40 17.37
C TYR B 37 6.24 50.27 18.13
N ARG B 38 5.44 49.44 18.80
CA ARG B 38 5.92 48.10 19.19
C ARG B 38 5.22 47.00 18.39
N GLN B 39 5.80 45.81 18.38
CA GLN B 39 5.21 44.69 17.63
C GLN B 39 5.39 43.46 18.47
N ASP B 40 4.28 42.80 18.78
CA ASP B 40 4.32 41.56 19.54
C ASP B 40 3.38 40.59 18.88
N THR B 41 3.73 39.30 18.84
CA THR B 41 2.79 38.32 18.29
C THR B 41 1.48 38.34 19.08
N GLY B 42 0.36 38.48 18.37
CA GLY B 42 -0.94 38.49 19.01
C GLY B 42 -1.51 39.88 19.21
N HIS B 43 -0.74 40.88 18.81
CA HIS B 43 -1.14 42.28 18.95
C HIS B 43 -0.75 43.15 17.74
N GLY B 44 -0.03 42.56 16.78
CA GLY B 44 0.40 43.28 15.60
C GLY B 44 1.19 44.53 15.96
N LEU B 45 0.93 45.61 15.24
CA LEU B 45 1.66 46.86 15.44
C LEU B 45 0.87 47.78 16.32
N ARG B 46 1.45 48.23 17.44
CA ARG B 46 0.78 49.17 18.33
C ARG B 46 1.55 50.46 18.47
N LEU B 47 0.83 51.57 18.45
CA LEU B 47 1.49 52.88 18.43
C LEU B 47 1.71 53.40 19.84
N ILE B 48 2.96 53.70 20.17
CA ILE B 48 3.31 54.18 21.50
C ILE B 48 3.23 55.71 21.61
N HIS B 49 4.01 56.41 20.78
CA HIS B 49 3.93 57.87 20.72
C HIS B 49 4.33 58.35 19.32
N TYR B 50 3.87 59.54 18.93
CA TYR B 50 4.32 60.12 17.68
C TYR B 50 4.51 61.62 17.75
N SER B 51 4.65 62.27 16.60
CA SER B 51 5.03 63.67 16.66
C SER B 51 4.78 64.27 15.30
N TYR B 52 4.15 65.43 15.27
CA TYR B 52 3.90 66.15 14.04
C TYR B 52 5.16 66.69 13.42
N GLY B 53 6.07 67.10 14.29
CA GLY B 53 7.24 67.87 13.91
C GLY B 53 8.05 68.28 15.12
N ALA B 54 9.12 69.02 14.88
CA ALA B 54 10.02 69.36 15.96
C ALA B 54 9.25 69.95 17.13
N GLY B 55 9.58 69.50 18.34
CA GLY B 55 9.04 70.08 19.55
C GLY B 55 7.58 69.75 19.81
N ASN B 56 7.03 68.79 19.08
CA ASN B 56 5.70 68.30 19.39
C ASN B 56 5.69 66.82 19.79
N LEU B 57 4.91 66.52 20.82
CA LEU B 57 4.62 65.11 21.13
C LEU B 57 3.13 64.85 21.18
N GLN B 58 2.72 63.73 20.60
CA GLN B 58 1.37 63.20 20.75
C GLN B 58 1.40 61.78 21.36
N ILE B 59 0.49 61.55 22.30
CA ILE B 59 0.33 60.25 22.92
C ILE B 59 -0.23 59.29 21.87
N GLY B 60 0.11 58.00 21.95
CA GLY B 60 -0.48 57.04 21.04
C GLY B 60 -1.46 56.13 21.77
N ASP B 61 -1.62 54.90 21.27
CA ASP B 61 -2.59 53.95 21.85
C ASP B 61 -2.11 53.23 23.12
N VAL B 62 -0.79 53.05 23.26
CA VAL B 62 -0.25 52.30 24.39
C VAL B 62 0.97 52.96 25.07
N PRO B 63 0.85 54.25 25.42
CA PRO B 63 1.91 55.16 25.88
C PRO B 63 2.39 54.84 27.27
N ASP B 64 1.51 54.30 28.09
CA ASP B 64 1.85 53.94 29.47
C ASP B 64 3.21 53.26 29.59
N GLY B 65 4.10 53.91 30.33
CA GLY B 65 5.41 53.35 30.62
C GLY B 65 6.48 53.90 29.73
N TYR B 66 6.09 54.63 28.68
CA TYR B 66 7.06 55.24 27.76
C TYR B 66 6.91 56.72 27.69
N LYS B 67 8.04 57.41 27.49
CA LYS B 67 8.03 58.84 27.12
C LYS B 67 8.74 58.97 25.78
N ALA B 68 8.44 60.05 25.06
CA ALA B 68 9.14 60.34 23.81
C ALA B 68 9.69 61.76 23.82
N THR B 69 10.72 62.00 23.01
CA THR B 69 11.30 63.33 22.87
C THR B 69 11.58 63.59 21.41
N ARG B 70 11.01 64.66 20.88
CA ARG B 70 11.30 65.07 19.51
C ARG B 70 12.12 66.36 19.66
N THR B 71 13.43 66.21 19.88
CA THR B 71 14.31 67.36 20.12
C THR B 71 14.38 68.21 18.88
N THR B 72 14.67 67.55 17.76
CA THR B 72 14.88 68.21 16.49
C THR B 72 14.09 67.54 15.39
N GLN B 73 14.21 68.08 14.19
CA GLN B 73 13.39 67.64 13.07
C GLN B 73 13.61 66.17 12.73
N GLU B 74 14.83 65.68 12.95
CA GLU B 74 15.20 64.37 12.44
C GLU B 74 15.49 63.31 13.50
N ASP B 75 15.44 63.70 14.76
CA ASP B 75 15.69 62.75 15.83
C ASP B 75 14.49 62.61 16.75
N PHE B 76 14.02 61.37 16.91
CA PHE B 76 12.89 61.05 17.77
C PHE B 76 13.34 59.97 18.73
N PHE B 77 13.17 60.16 20.04
CA PHE B 77 13.65 59.17 21.02
C PHE B 77 12.54 58.55 21.83
N LEU B 78 12.60 57.24 22.01
CA LEU B 78 11.69 56.58 22.95
C LEU B 78 12.47 56.34 24.25
N LEU B 79 11.83 56.58 25.39
CA LEU B 79 12.50 56.47 26.69
C LEU B 79 11.69 55.63 27.65
N LEU B 80 12.28 54.51 28.04
CA LEU B 80 11.69 53.68 29.07
C LEU B 80 12.50 53.97 30.31
N GLU B 81 11.95 54.77 31.22
CA GLU B 81 12.77 55.25 32.34
C GLU B 81 12.85 54.24 33.47
N LEU B 82 11.76 53.52 33.70
CA LEU B 82 11.80 52.35 34.57
C LEU B 82 11.26 51.17 33.80
N ALA B 83 12.17 50.35 33.27
CA ALA B 83 11.80 49.31 32.30
C ALA B 83 11.06 48.19 32.99
N SER B 84 10.05 47.66 32.33
CA SER B 84 9.29 46.54 32.87
C SER B 84 9.27 45.39 31.89
N PRO B 85 9.27 44.15 32.42
CA PRO B 85 9.20 42.95 31.58
C PRO B 85 8.16 43.05 30.45
N SER B 86 6.97 43.59 30.74
CA SER B 86 5.97 43.89 29.73
C SER B 86 6.57 44.46 28.45
N GLN B 87 7.69 45.18 28.57
CA GLN B 87 8.16 45.99 27.45
C GLN B 87 9.13 45.22 26.59
N THR B 88 9.36 43.97 26.93
CA THR B 88 10.26 43.22 26.13
C THR B 88 9.52 43.19 24.84
N SER B 89 10.17 43.55 23.74
CA SER B 89 9.49 43.57 22.48
C SER B 89 10.35 44.07 21.37
N LEU B 90 9.75 44.27 20.22
CA LEU B 90 10.44 44.75 19.05
C LEU B 90 9.83 46.08 18.72
N TYR B 91 10.69 47.08 18.59
CA TYR B 91 10.24 48.46 18.38
C TYR B 91 10.58 48.99 16.98
N PHE B 92 9.63 49.66 16.35
CA PHE B 92 9.86 50.26 15.05
C PHE B 92 9.59 51.74 15.05
N CYS B 93 10.56 52.47 14.50
CA CYS B 93 10.45 53.89 14.24
C CYS B 93 9.89 54.11 12.83
N ALA B 94 9.15 55.18 12.59
CA ALA B 94 8.74 55.49 11.21
C ALA B 94 8.60 56.99 10.98
N SER B 95 9.01 57.45 9.80
CA SER B 95 8.82 58.85 9.42
C SER B 95 7.70 58.94 8.39
N SER B 96 7.17 60.13 8.15
CA SER B 96 6.12 60.29 7.14
C SER B 96 5.98 61.73 6.75
N ASP B 97 5.53 61.96 5.52
CA ASP B 97 5.29 63.32 5.03
C ASP B 97 3.95 63.39 4.34
N ALA B 98 3.13 62.35 4.54
CA ALA B 98 1.80 62.28 3.94
C ALA B 98 0.94 61.20 4.60
N PRO B 99 -0.37 61.47 4.69
CA PRO B 99 -1.31 60.57 5.39
C PRO B 99 -1.18 59.14 4.93
N GLY B 100 -0.93 58.23 5.86
CA GLY B 100 -0.88 56.82 5.56
C GLY B 100 0.41 56.29 4.96
N GLN B 101 1.30 57.18 4.53
CA GLN B 101 2.59 56.77 3.99
C GLN B 101 3.72 56.87 5.02
N LEU B 102 4.05 55.75 5.65
CA LEU B 102 5.13 55.67 6.61
C LEU B 102 6.32 54.98 6.00
N TYR B 103 7.50 55.43 6.39
CA TYR B 103 8.77 54.82 5.99
C TYR B 103 9.41 54.32 7.26
N PHE B 104 9.57 52.99 7.37
CA PHE B 104 10.06 52.36 8.61
C PHE B 104 11.57 52.23 8.79
N GLY B 105 11.98 52.19 10.05
CA GLY B 105 13.33 51.78 10.39
C GLY B 105 13.40 50.27 10.53
N GLU B 106 14.53 49.77 10.98
CA GLU B 106 14.77 48.33 10.85
C GLU B 106 14.41 47.45 12.05
N GLY B 107 14.09 48.09 13.17
CA GLY B 107 13.78 47.37 14.40
C GLY B 107 14.83 47.58 15.48
N SER B 108 14.38 47.61 16.72
CA SER B 108 15.23 47.51 17.88
C SER B 108 14.60 46.44 18.71
N LYS B 109 15.36 45.41 19.03
CA LYS B 109 14.82 44.30 19.80
C LYS B 109 15.28 44.50 21.22
N LEU B 110 14.34 44.57 22.14
CA LEU B 110 14.63 44.82 23.53
C LEU B 110 14.10 43.72 24.43
N THR B 111 14.97 43.18 25.27
CA THR B 111 14.55 42.25 26.31
C THR B 111 14.72 42.94 27.65
N VAL B 112 13.65 43.03 28.44
CA VAL B 112 13.89 43.40 29.84
C VAL B 112 13.67 42.17 30.74
N LEU B 113 14.72 41.83 31.47
CA LEU B 113 14.79 40.63 32.28
C LEU B 113 14.29 40.91 33.69
N GLU B 114 13.45 40.02 34.19
CA GLU B 114 12.98 40.12 35.58
C GLU B 114 14.00 39.53 36.53
N ASP B 115 14.39 38.30 36.25
CA ASP B 115 15.25 37.56 37.16
C ASP B 115 16.55 37.20 36.45
N LEU B 116 17.66 37.72 36.94
CA LEU B 116 18.97 37.40 36.35
C LEU B 116 19.46 35.95 36.53
N LYS B 117 18.94 35.23 37.52
CA LYS B 117 19.38 33.86 37.75
C LYS B 117 19.12 33.00 36.51
N ASN B 118 18.12 33.39 35.74
CA ASN B 118 17.68 32.57 34.60
C ASN B 118 18.48 32.70 33.31
N VAL B 119 19.39 33.65 33.25
CA VAL B 119 20.10 33.95 32.01
C VAL B 119 21.26 33.01 31.78
N PHE B 120 21.29 32.34 30.62
CA PHE B 120 22.47 31.54 30.24
C PHE B 120 22.80 31.84 28.81
N PRO B 121 24.09 31.78 28.46
CA PRO B 121 24.51 31.90 27.07
C PRO B 121 24.29 30.59 26.36
N PRO B 122 24.36 30.60 25.03
CA PRO B 122 24.17 29.37 24.27
C PRO B 122 25.44 28.52 24.28
N GLU B 123 25.26 27.22 24.21
CA GLU B 123 26.35 26.34 23.82
C GLU B 123 26.19 26.11 22.33
N VAL B 124 27.28 26.24 21.58
CA VAL B 124 27.22 26.09 20.13
C VAL B 124 28.07 24.94 19.61
N ALA B 125 27.44 24.05 18.88
CA ALA B 125 28.15 22.92 18.27
C ALA B 125 27.88 22.87 16.77
N VAL B 126 28.89 22.54 15.97
CA VAL B 126 28.66 22.30 14.55
C VAL B 126 28.68 20.83 14.33
N PHE B 127 27.84 20.35 13.42
CA PHE B 127 27.85 18.94 13.06
C PHE B 127 28.22 18.75 11.59
N GLU B 128 29.08 17.77 11.30
CA GLU B 128 29.66 17.61 9.97
C GLU B 128 28.80 16.74 9.05
N PRO B 129 28.77 17.08 7.75
CA PRO B 129 27.84 16.55 6.75
C PRO B 129 27.96 15.04 6.61
N SER B 130 26.83 14.33 6.57
CA SER B 130 26.81 12.88 6.37
C SER B 130 27.51 12.47 5.06
N GLU B 131 28.31 11.41 5.10
CA GLU B 131 28.96 10.98 3.88
C GLU B 131 27.90 10.44 2.92
N ALA B 132 26.93 9.72 3.48
CA ALA B 132 25.79 9.23 2.74
C ALA B 132 25.17 10.31 1.88
N GLU B 133 24.96 11.47 2.47
CA GLU B 133 24.36 12.60 1.80
C GLU B 133 25.22 13.06 0.65
N ILE B 134 26.53 13.04 0.85
CA ILE B 134 27.45 13.54 -0.17
C ILE B 134 27.43 12.68 -1.41
N SER B 135 27.42 11.36 -1.21
CA SER B 135 27.43 10.39 -2.30
C SER B 135 26.07 10.30 -3.00
N HIS B 136 25.02 10.30 -2.19
CA HIS B 136 23.65 10.19 -2.67
C HIS B 136 23.18 11.43 -3.43
N THR B 137 23.72 12.60 -3.08
CA THR B 137 23.16 13.86 -3.62
C THR B 137 24.16 14.87 -4.16
N GLN B 138 25.45 14.66 -3.91
CA GLN B 138 26.48 15.60 -4.38
C GLN B 138 26.49 16.93 -3.61
N LYS B 139 25.92 16.93 -2.42
CA LYS B 139 25.79 18.13 -1.61
C LYS B 139 26.07 17.78 -0.18
N ALA B 140 26.72 18.70 0.55
CA ALA B 140 26.99 18.51 1.97
C ALA B 140 26.24 19.54 2.79
N THR B 141 25.42 19.07 3.72
CA THR B 141 24.67 19.95 4.61
C THR B 141 25.30 19.94 6.01
N LEU B 142 25.81 21.08 6.47
CA LEU B 142 26.27 21.20 7.85
C LEU B 142 25.13 21.70 8.73
N VAL B 143 25.07 21.25 9.98
CA VAL B 143 24.03 21.71 10.89
C VAL B 143 24.65 22.37 12.10
N CYS B 144 24.17 23.55 12.45
CA CYS B 144 24.58 24.22 13.68
C CYS B 144 23.52 24.16 14.76
N LEU B 145 23.96 23.90 15.98
CA LEU B 145 23.04 23.76 17.09
C LEU B 145 23.45 24.64 18.25
N ALA B 146 22.57 25.59 18.61
CA ALA B 146 22.79 26.49 19.73
C ALA B 146 21.76 26.16 20.78
N THR B 147 22.22 25.86 22.00
CA THR B 147 21.32 25.31 23.01
C THR B 147 21.45 25.90 24.39
N GLY B 148 20.38 25.77 25.18
CA GLY B 148 20.38 26.13 26.58
C GLY B 148 20.55 27.61 26.88
N PHE B 149 20.08 28.47 26.00
CA PHE B 149 20.20 29.90 26.21
C PHE B 149 18.91 30.63 26.52
N TYR B 150 19.00 31.46 27.55
CA TYR B 150 17.95 32.38 27.91
C TYR B 150 18.66 33.69 28.08
N PRO B 151 18.04 34.82 27.76
CA PRO B 151 16.72 34.92 27.11
C PRO B 151 16.81 34.72 25.59
N ASP B 152 15.69 34.51 24.91
CA ASP B 152 15.73 34.18 23.51
C ASP B 152 16.12 35.42 22.77
N HIS B 153 17.38 35.78 22.91
CA HIS B 153 17.92 36.94 22.24
C HIS B 153 19.26 36.59 21.62
N VAL B 154 19.24 35.86 20.51
CA VAL B 154 20.50 35.50 19.88
C VAL B 154 20.40 35.81 18.41
N GLU B 155 21.55 35.90 17.76
CA GLU B 155 21.61 36.06 16.30
C GLU B 155 22.69 35.14 15.71
N LEU B 156 22.25 34.18 14.87
CA LEU B 156 23.12 33.15 14.32
C LEU B 156 23.54 33.42 12.85
N SER B 157 24.81 33.18 12.52
CA SER B 157 25.34 33.52 11.19
C SER B 157 26.40 32.52 10.80
N TRP B 158 26.53 32.26 9.50
CA TRP B 158 27.55 31.30 9.02
C TRP B 158 28.73 32.02 8.43
N TRP B 159 29.92 31.65 8.88
CA TRP B 159 31.12 32.26 8.36
C TRP B 159 31.95 31.22 7.64
N VAL B 160 32.16 31.43 6.35
CA VAL B 160 33.01 30.55 5.57
C VAL B 160 34.23 31.30 5.06
N ASN B 161 35.39 30.94 5.59
CA ASN B 161 36.66 31.57 5.22
C ASN B 161 36.70 33.05 5.51
N GLY B 162 36.19 33.43 6.67
CA GLY B 162 36.20 34.82 7.11
C GLY B 162 35.14 35.72 6.53
N LYS B 163 34.24 35.21 5.68
CA LYS B 163 33.14 36.02 5.16
C LYS B 163 31.79 35.42 5.49
N GLU B 164 30.84 36.27 5.84
CA GLU B 164 29.52 35.79 6.19
C GLU B 164 28.94 35.27 4.89
N VAL B 165 28.18 34.19 4.99
CA VAL B 165 27.54 33.61 3.81
C VAL B 165 26.06 33.57 4.09
N HIS B 166 25.27 33.73 3.04
CA HIS B 166 23.82 33.71 3.17
C HIS B 166 23.18 32.64 2.29
N SER B 167 23.68 32.50 1.07
CA SER B 167 23.20 31.46 0.19
C SER B 167 23.34 30.09 0.83
N GLY B 168 22.26 29.31 0.73
CA GLY B 168 22.28 27.94 1.20
C GLY B 168 22.14 27.84 2.71
N VAL B 169 21.59 28.87 3.33
CA VAL B 169 21.41 28.83 4.77
C VAL B 169 19.95 28.98 5.17
N CYS B 170 19.48 28.12 6.05
CA CYS B 170 18.18 28.26 6.67
C CYS B 170 18.36 28.19 8.18
N THR B 171 17.80 29.14 8.91
CA THR B 171 17.89 29.10 10.35
C THR B 171 16.49 29.09 10.88
N ASP B 172 16.21 28.18 11.80
CA ASP B 172 14.86 28.11 12.35
C ASP B 172 14.35 29.51 12.61
N PRO B 173 13.13 29.80 12.15
CA PRO B 173 12.54 31.10 12.45
C PRO B 173 12.09 31.18 13.91
N GLN B 174 11.65 30.07 14.49
CA GLN B 174 11.24 30.06 15.89
C GLN B 174 12.19 29.16 16.70
N PRO B 175 12.56 29.59 17.90
CA PRO B 175 13.35 28.72 18.76
C PRO B 175 12.48 27.68 19.46
N LEU B 176 13.08 26.89 20.33
CA LEU B 176 12.46 25.68 20.85
C LEU B 176 12.65 25.61 22.37
N LYS B 177 11.56 25.62 23.13
CA LYS B 177 11.69 25.66 24.58
C LYS B 177 12.24 24.31 25.08
N GLU B 178 13.37 24.32 25.77
CA GLU B 178 13.87 23.04 26.23
C GLU B 178 12.84 22.36 27.09
N GLN B 179 12.38 23.06 28.11
CA GLN B 179 11.26 22.56 28.87
C GLN B 179 10.11 23.53 28.71
N PRO B 180 9.05 23.05 28.06
CA PRO B 180 7.80 23.80 27.92
C PRO B 180 7.15 24.05 29.28
N ALA B 181 7.18 23.06 30.17
CA ALA B 181 6.48 23.20 31.44
C ALA B 181 7.00 24.31 32.33
N LEU B 182 8.32 24.41 32.49
CA LEU B 182 8.89 25.58 33.12
C LEU B 182 8.68 26.81 32.22
N ASN B 183 8.38 27.98 32.81
CA ASN B 183 7.95 29.12 32.00
C ASN B 183 9.04 30.12 31.60
N ASP B 184 10.17 30.09 32.32
CA ASP B 184 11.37 30.81 31.91
C ASP B 184 12.42 29.80 31.45
N SER B 185 11.98 28.90 30.59
CA SER B 185 12.80 27.84 30.02
C SER B 185 13.90 28.38 29.13
N ARG B 186 15.02 27.68 29.07
CA ARG B 186 16.08 28.00 28.13
C ARG B 186 15.67 27.52 26.74
N TYR B 187 16.32 28.05 25.71
CA TYR B 187 15.89 27.74 24.34
C TYR B 187 16.97 27.05 23.54
N ALA B 188 16.55 26.28 22.54
CA ALA B 188 17.45 25.73 21.54
C ALA B 188 17.11 26.29 20.17
N LEU B 189 18.04 26.25 19.24
CA LEU B 189 17.78 26.77 17.92
C LEU B 189 18.74 26.13 16.93
N SER B 190 18.24 25.68 15.78
CA SER B 190 19.07 24.97 14.79
C SER B 190 19.22 25.73 13.49
N SER B 191 20.29 25.46 12.75
CA SER B 191 20.53 26.13 11.48
C SER B 191 21.26 25.20 10.51
N ARG B 192 21.09 25.40 9.21
CA ARG B 192 21.75 24.58 8.22
C ARG B 192 22.49 25.43 7.21
N LEU B 193 23.67 24.97 6.84
CA LEU B 193 24.38 25.50 5.69
C LEU B 193 24.61 24.34 4.74
N ARG B 194 24.09 24.44 3.52
CA ARG B 194 24.34 23.44 2.48
C ARG B 194 25.30 23.94 1.40
N VAL B 195 26.20 23.07 0.98
CA VAL B 195 27.18 23.42 -0.04
C VAL B 195 27.44 22.23 -0.95
N SER B 196 28.06 22.48 -2.10
CA SER B 196 28.40 21.41 -3.03
C SER B 196 29.41 20.45 -2.41
N ALA B 197 29.33 19.19 -2.78
CA ALA B 197 30.25 18.18 -2.24
C ALA B 197 31.70 18.57 -2.53
N THR B 198 31.96 19.04 -3.75
CA THR B 198 33.31 19.44 -4.14
C THR B 198 33.87 20.50 -3.17
N PHE B 199 32.99 21.39 -2.68
CA PHE B 199 33.39 22.47 -1.80
C PHE B 199 33.68 21.97 -0.39
N TRP B 200 32.76 21.18 0.16
CA TRP B 200 32.98 20.67 1.50
C TRP B 200 34.20 19.80 1.54
N GLN B 201 34.60 19.29 0.38
CA GLN B 201 35.66 18.29 0.31
C GLN B 201 37.05 18.91 0.29
N ASN B 202 37.16 20.12 -0.24
CA ASN B 202 38.35 20.93 -0.13
C ASN B 202 38.68 21.25 1.33
N PRO B 203 39.77 20.71 1.88
CA PRO B 203 40.03 20.83 3.32
C PRO B 203 40.79 22.07 3.72
N ARG B 204 40.81 23.04 2.82
CA ARG B 204 41.26 24.38 3.13
C ARG B 204 40.03 25.30 3.18
N ASN B 205 38.88 24.69 3.44
CA ASN B 205 37.65 25.42 3.62
C ASN B 205 37.33 25.42 5.12
N HIS B 206 37.16 26.62 5.66
CA HIS B 206 36.87 26.83 7.06
C HIS B 206 35.39 27.18 7.24
N PHE B 207 34.68 26.40 8.05
CA PHE B 207 33.28 26.68 8.38
C PHE B 207 33.09 27.08 9.85
N ARG B 208 32.47 28.23 10.07
CA ARG B 208 32.19 28.66 11.45
C ARG B 208 30.74 29.04 11.60
N CYS B 209 30.14 28.47 12.65
CA CYS B 209 28.82 28.85 13.07
C CYS B 209 28.95 29.82 14.26
N GLN B 210 28.48 31.05 14.06
CA GLN B 210 28.67 32.14 15.03
C GLN B 210 27.37 32.63 15.65
N VAL B 211 27.27 32.57 16.97
CA VAL B 211 26.04 32.99 17.61
C VAL B 211 26.30 34.14 18.55
N GLN B 212 25.75 35.29 18.22
CA GLN B 212 25.82 36.44 19.09
C GLN B 212 24.82 36.27 20.22
N PHE B 213 25.27 36.35 21.46
CA PHE B 213 24.34 36.31 22.57
C PHE B 213 24.21 37.71 23.18
N TYR B 214 22.98 38.14 23.45
CA TYR B 214 22.72 39.41 24.11
C TYR B 214 22.25 39.15 25.53
N GLY B 215 23.07 39.51 26.50
CA GLY B 215 22.81 39.15 27.87
C GLY B 215 23.23 40.25 28.81
N LEU B 216 23.85 39.91 29.93
CA LEU B 216 24.10 40.89 30.96
C LEU B 216 25.21 41.84 30.59
N SER B 217 25.24 42.97 31.30
CA SER B 217 26.15 44.06 31.00
C SER B 217 27.33 44.08 31.98
N GLU B 218 28.40 44.76 31.57
CA GLU B 218 29.58 44.89 32.41
C GLU B 218 29.23 45.29 33.85
N ASN B 219 28.19 46.09 34.06
CA ASN B 219 27.86 46.50 35.41
C ASN B 219 26.48 46.09 35.87
N ASP B 220 26.14 44.83 35.69
CA ASP B 220 25.00 44.21 36.36
C ASP B 220 25.70 43.42 37.42
N GLU B 221 25.23 43.42 38.66
CA GLU B 221 25.91 42.56 39.64
C GLU B 221 25.55 41.10 39.36
N TRP B 222 26.49 40.21 39.66
CA TRP B 222 26.30 38.77 39.48
C TRP B 222 26.64 38.00 40.74
N THR B 223 25.64 37.32 41.30
CA THR B 223 25.79 36.59 42.56
C THR B 223 25.44 35.12 42.37
N GLN B 224 26.08 34.48 41.41
CA GLN B 224 25.80 33.10 41.12
C GLN B 224 27.10 32.39 41.01
N ASP B 225 27.17 31.16 41.48
CA ASP B 225 28.44 30.46 41.39
C ASP B 225 28.59 29.77 40.05
N ARG B 226 28.57 30.58 39.00
CA ARG B 226 28.75 30.11 37.66
C ARG B 226 29.15 31.34 36.91
N ALA B 227 29.67 31.20 35.71
CA ALA B 227 30.13 32.34 34.92
C ALA B 227 29.03 33.35 34.67
N LYS B 228 29.40 34.63 34.65
CA LYS B 228 28.45 35.72 34.37
C LYS B 228 28.01 35.62 32.93
N PRO B 229 26.72 35.36 32.72
CA PRO B 229 26.13 35.12 31.41
C PRO B 229 25.99 36.45 30.70
N VAL B 230 27.15 36.99 30.42
CA VAL B 230 27.30 38.32 29.90
C VAL B 230 27.13 38.30 28.38
N THR B 231 26.91 39.46 27.77
CA THR B 231 26.87 39.53 26.32
C THR B 231 28.15 39.06 25.62
N GLN B 232 28.00 38.19 24.61
CA GLN B 232 29.18 37.52 24.04
C GLN B 232 28.93 36.83 22.73
N ILE B 233 30.01 36.41 22.09
CA ILE B 233 29.92 35.51 20.94
C ILE B 233 30.34 34.11 21.33
N VAL B 234 29.62 33.12 20.80
CA VAL B 234 29.95 31.71 21.03
C VAL B 234 29.94 31.05 19.67
N SER B 235 31.04 30.40 19.28
CA SER B 235 31.16 29.78 17.97
C SER B 235 31.48 28.31 18.04
N ALA B 236 31.38 27.66 16.88
CA ALA B 236 31.87 26.31 16.67
C ALA B 236 32.47 26.21 15.28
N GLU B 237 33.62 25.57 15.15
CA GLU B 237 34.19 25.41 13.82
C GLU B 237 34.18 24.04 13.19
N ALA B 238 34.53 23.98 11.91
CA ALA B 238 34.83 22.73 11.21
C ALA B 238 35.62 23.03 9.94
N TRP B 239 36.39 22.05 9.50
CA TRP B 239 37.15 22.17 8.25
C TRP B 239 36.72 21.09 7.25
N GLY B 240 36.86 21.40 5.96
CA GLY B 240 36.60 20.42 4.92
C GLY B 240 37.38 19.11 5.00
N ARG B 241 36.77 18.04 4.52
CA ARG B 241 37.41 16.75 4.38
C ARG B 241 37.21 16.05 3.03
N ALA B 242 38.22 15.33 2.55
CA ALA B 242 38.22 14.88 1.15
C ALA B 242 37.63 13.47 1.01
N ASP B 243 37.67 12.70 2.09
CA ASP B 243 37.14 11.32 2.13
C ASP B 243 36.43 10.88 0.85
N GLY C 2 -30.89 75.32 -8.95
CA GLY C 2 -29.87 75.99 -9.75
C GLY C 2 -28.47 75.47 -9.46
N PRO C 3 -27.41 76.29 -9.67
CA PRO C 3 -26.03 75.98 -9.24
C PRO C 3 -25.80 76.22 -7.74
N HIS C 4 -24.69 75.73 -7.19
CA HIS C 4 -24.40 75.85 -5.76
C HIS C 4 -22.92 75.85 -5.52
N SER C 5 -22.53 76.16 -4.29
CA SER C 5 -21.12 76.17 -3.92
C SER C 5 -20.94 75.85 -2.44
N MET C 6 -19.74 75.40 -2.10
CA MET C 6 -19.36 75.14 -0.72
C MET C 6 -17.93 75.61 -0.59
N ARG C 7 -17.63 76.33 0.49
CA ARG C 7 -16.28 76.78 0.75
C ARG C 7 -15.98 76.65 2.24
N TYR C 8 -14.72 76.31 2.55
CA TYR C 8 -14.28 76.29 3.93
C TYR C 8 -12.90 76.96 3.98
N TYR C 9 -12.77 77.99 4.82
CA TYR C 9 -11.49 78.66 4.99
C TYR C 9 -10.89 78.41 6.37
N GLU C 10 -9.59 78.17 6.38
CA GLU C 10 -8.82 78.05 7.62
C GLU C 10 -7.67 79.06 7.57
N THR C 11 -7.40 79.71 8.71
CA THR C 11 -6.23 80.57 8.81
C THR C 11 -5.54 80.31 10.12
N ALA C 12 -4.21 80.30 10.08
CA ALA C 12 -3.40 80.13 11.26
C ALA C 12 -2.40 81.26 11.28
N THR C 13 -2.34 81.96 12.39
CA THR C 13 -1.46 83.10 12.49
C THR C 13 -0.47 82.91 13.61
N SER C 14 0.82 82.85 13.28
CA SER C 14 1.84 82.63 14.29
C SER C 14 1.87 83.84 15.19
N ARG C 15 2.38 83.67 16.40
CA ARG C 15 2.45 84.77 17.37
C ARG C 15 3.86 85.09 17.83
N ARG C 16 4.10 86.35 18.22
CA ARG C 16 5.41 86.72 18.73
C ARG C 16 5.62 85.94 20.02
N GLY C 17 4.64 86.02 20.93
CA GLY C 17 4.54 85.15 22.11
C GLY C 17 4.44 83.64 21.88
N GLU C 20 1.35 79.42 20.79
CA GLU C 20 0.70 78.63 19.75
C GLU C 20 -0.21 79.49 18.85
N PRO C 21 -0.19 79.18 17.53
CA PRO C 21 -0.84 80.01 16.52
C PRO C 21 -2.35 80.18 16.71
N ARG C 22 -2.81 81.39 16.49
CA ARG C 22 -4.22 81.73 16.45
C ARG C 22 -4.83 81.04 15.23
N TYR C 23 -5.57 79.95 15.45
CA TYR C 23 -6.24 79.22 14.37
C TYR C 23 -7.69 79.65 14.21
N THR C 24 -8.15 79.67 12.97
CA THR C 24 -9.49 80.12 12.64
C THR C 24 -10.09 79.36 11.46
N SER C 25 -11.40 79.19 11.48
CA SER C 25 -12.05 78.58 10.34
C SER C 25 -13.47 79.06 10.18
N VAL C 26 -13.97 78.92 8.96
CA VAL C 26 -15.32 79.36 8.65
C VAL C 26 -15.79 78.65 7.36
N GLY C 27 -17.03 78.16 7.39
CA GLY C 27 -17.57 77.44 6.25
C GLY C 27 -18.76 78.14 5.63
N TYR C 28 -18.91 78.00 4.32
CA TYR C 28 -20.01 78.63 3.60
C TYR C 28 -20.60 77.63 2.63
N VAL C 29 -21.92 77.64 2.49
CA VAL C 29 -22.52 77.11 1.27
C VAL C 29 -23.32 78.27 0.69
N ASP C 30 -23.19 78.50 -0.61
CA ASP C 30 -24.01 79.53 -1.26
C ASP C 30 -23.91 80.89 -0.57
N ASP C 31 -22.68 81.33 -0.30
CA ASP C 31 -22.46 82.65 0.28
C ASP C 31 -23.20 82.82 1.62
N LYS C 32 -23.47 81.72 2.30
CA LYS C 32 -23.93 81.78 3.69
C LYS C 32 -23.02 81.04 4.67
N GLU C 33 -22.74 81.67 5.80
CA GLU C 33 -21.96 81.03 6.84
C GLU C 33 -22.78 79.92 7.47
N PHE C 34 -22.17 78.77 7.70
CA PHE C 34 -22.87 77.69 8.37
C PHE C 34 -22.08 77.16 9.57
N VAL C 35 -20.88 77.67 9.77
CA VAL C 35 -20.13 77.40 10.98
C VAL C 35 -18.83 78.19 11.02
N ARG C 36 -18.36 78.44 12.21
CA ARG C 36 -17.17 79.22 12.39
C ARG C 36 -16.42 78.66 13.58
N PHE C 37 -15.13 78.92 13.64
CA PHE C 37 -14.36 78.59 14.81
C PHE C 37 -13.23 79.59 15.00
N ASP C 38 -12.95 79.91 16.25
CA ASP C 38 -11.92 80.88 16.58
C ASP C 38 -11.28 80.51 17.93
N SER C 39 -9.97 80.25 17.96
CA SER C 39 -9.33 79.93 19.22
C SER C 39 -8.97 81.20 20.00
N ASP C 40 -9.94 82.11 20.08
CA ASP C 40 -9.73 83.42 20.68
C ASP C 40 -10.88 83.85 21.58
N ALA C 41 -12.05 83.24 21.40
CA ALA C 41 -13.13 83.47 22.34
C ALA C 41 -12.87 82.55 23.54
N GLU C 42 -13.37 82.91 24.71
CA GLU C 42 -12.96 82.21 25.93
C GLU C 42 -13.06 80.70 25.82
N ASN C 43 -14.17 80.22 25.29
CA ASN C 43 -14.26 78.81 24.91
C ASN C 43 -13.96 78.63 23.42
N PRO C 44 -12.98 77.77 23.12
CA PRO C 44 -12.75 77.42 21.72
C PRO C 44 -13.74 76.33 21.29
N ARG C 45 -14.88 76.72 20.73
CA ARG C 45 -15.86 75.74 20.23
C ARG C 45 -16.52 76.18 18.94
N TYR C 46 -16.83 75.20 18.09
CA TYR C 46 -17.47 75.45 16.80
C TYR C 46 -18.88 76.04 16.93
N GLU C 47 -19.17 77.14 16.24
CA GLU C 47 -20.49 77.79 16.35
C GLU C 47 -21.34 77.68 15.08
N PRO C 48 -22.13 76.59 14.96
CA PRO C 48 -23.01 76.47 13.80
C PRO C 48 -23.82 77.73 13.66
N GLN C 49 -24.04 78.21 12.45
CA GLN C 49 -24.77 79.46 12.22
C GLN C 49 -26.12 79.23 11.53
N VAL C 50 -26.54 77.97 11.49
CA VAL C 50 -27.66 77.59 10.65
C VAL C 50 -28.48 76.52 11.35
N PRO C 51 -29.83 76.66 11.32
CA PRO C 51 -30.73 75.87 12.17
C PRO C 51 -30.48 74.35 12.11
N TRP C 52 -30.34 73.79 10.92
CA TRP C 52 -30.24 72.35 10.79
C TRP C 52 -28.95 71.67 11.24
N MET C 53 -27.98 72.51 11.61
CA MET C 53 -26.67 72.10 12.08
C MET C 53 -26.62 72.19 13.59
N GLU C 54 -27.33 73.16 14.13
CA GLU C 54 -27.36 73.43 15.56
C GLU C 54 -27.95 72.23 16.24
N GLN C 55 -28.92 71.62 15.60
CA GLN C 55 -29.54 70.44 16.15
C GLN C 55 -28.71 69.22 15.82
N GLU C 56 -27.61 69.04 16.54
CA GLU C 56 -26.74 67.89 16.34
C GLU C 56 -26.15 67.38 17.64
N GLY C 57 -25.79 66.10 17.70
CA GLY C 57 -25.26 65.53 18.92
C GLY C 57 -23.95 66.12 19.38
N PRO C 58 -23.77 66.31 20.67
CA PRO C 58 -22.49 66.93 21.07
C PRO C 58 -21.29 65.97 20.95
N GLU C 59 -21.51 64.72 20.55
CA GLU C 59 -20.38 63.81 20.27
C GLU C 59 -20.00 63.89 18.78
N TYR C 60 -20.81 64.64 18.04
CA TYR C 60 -20.52 64.98 16.66
C TYR C 60 -19.50 66.10 16.70
N TRP C 61 -19.85 67.15 17.43
CA TRP C 61 -18.96 68.29 17.60
C TRP C 61 -17.69 67.93 18.37
N GLU C 62 -17.75 66.87 19.17
CA GLU C 62 -16.55 66.37 19.80
C GLU C 62 -15.53 65.91 18.77
N ARG C 63 -15.91 64.98 17.92
CA ARG C 63 -14.96 64.44 16.95
C ARG C 63 -14.45 65.57 16.06
N ILE C 64 -15.33 66.49 15.70
CA ILE C 64 -14.94 67.63 14.88
C ILE C 64 -13.79 68.35 15.59
N THR C 65 -14.00 68.60 16.88
CA THR C 65 -13.01 69.34 17.65
C THR C 65 -11.68 68.59 17.75
N GLN C 66 -11.76 67.30 17.99
CA GLN C 66 -10.57 66.47 18.04
C GLN C 66 -9.74 66.66 16.76
N VAL C 67 -10.41 66.59 15.62
CA VAL C 67 -9.74 66.81 14.35
C VAL C 67 -9.02 68.15 14.30
N ALA C 68 -9.72 69.22 14.69
CA ALA C 68 -9.11 70.54 14.73
C ALA C 68 -7.77 70.59 15.51
N LYS C 69 -7.75 70.05 16.72
CA LYS C 69 -6.51 70.08 17.50
C LYS C 69 -5.36 69.52 16.66
N GLY C 70 -5.65 68.51 15.83
CA GLY C 70 -4.64 67.96 14.94
C GLY C 70 -4.25 69.02 13.91
N GLN C 71 -5.26 69.45 13.17
CA GLN C 71 -5.04 70.44 12.12
C GLN C 71 -4.22 71.63 12.61
N GLU C 72 -4.46 72.05 13.86
CA GLU C 72 -3.72 73.16 14.45
C GLU C 72 -2.25 72.77 14.52
N GLN C 73 -2.01 71.62 15.14
CA GLN C 73 -0.64 71.16 15.29
C GLN C 73 0.05 71.06 13.93
N TRP C 74 -0.73 70.74 12.89
CA TRP C 74 -0.19 70.72 11.54
C TRP C 74 0.24 72.13 11.10
N PHE C 75 -0.67 73.09 11.26
CA PHE C 75 -0.38 74.49 10.98
C PHE C 75 0.85 75.00 11.71
N ARG C 76 0.94 74.67 13.00
CA ARG C 76 2.07 75.16 13.76
C ARG C 76 3.36 74.66 13.11
N VAL C 77 3.40 73.39 12.77
CA VAL C 77 4.63 72.83 12.23
C VAL C 77 4.97 73.43 10.87
N ASN C 78 4.00 73.49 9.98
CA ASN C 78 4.25 73.99 8.64
C ASN C 78 4.50 75.48 8.55
N LEU C 79 3.83 76.27 9.39
CA LEU C 79 4.11 77.71 9.50
C LEU C 79 5.61 77.93 9.66
N ARG C 80 6.25 77.00 10.35
CA ARG C 80 7.67 77.11 10.68
C ARG C 80 8.36 76.64 9.42
N THR C 81 7.75 75.73 8.68
CA THR C 81 8.33 75.24 7.43
C THR C 81 8.49 76.36 6.40
N LEU C 82 7.46 77.20 6.30
CA LEU C 82 7.53 78.47 5.56
C LEU C 82 8.53 79.57 5.89
N LEU C 83 8.59 79.98 7.15
CA LEU C 83 9.62 80.92 7.58
C LEU C 83 11.04 80.51 7.15
N GLY C 84 11.20 79.20 6.96
CA GLY C 84 12.47 78.65 6.55
C GLY C 84 12.60 78.96 5.07
N TYR C 85 11.61 78.53 4.30
CA TYR C 85 11.55 78.74 2.85
C TYR C 85 11.85 80.17 2.47
N TYR C 86 11.36 81.11 3.28
CA TYR C 86 11.43 82.55 2.96
C TYR C 86 12.47 83.32 3.78
N ASN C 87 13.35 82.59 4.43
CA ASN C 87 14.40 83.23 5.20
C ASN C 87 13.88 84.32 6.14
N GLN C 88 12.74 84.07 6.76
CA GLN C 88 12.10 85.09 7.59
C GLN C 88 12.50 85.02 9.06
N SER C 89 12.60 86.19 9.67
CA SER C 89 12.95 86.33 11.09
C SER C 89 12.02 85.53 11.99
N ALA C 90 12.58 84.92 13.03
CA ALA C 90 11.81 84.06 13.94
C ALA C 90 10.81 84.83 14.83
N GLY C 91 11.09 86.10 15.07
CA GLY C 91 10.28 86.90 15.98
C GLY C 91 8.91 87.34 15.48
N GLY C 92 8.74 87.41 14.16
CA GLY C 92 7.57 88.03 13.54
C GLY C 92 6.23 87.29 13.51
N THR C 93 5.29 87.87 12.75
CA THR C 93 3.92 87.39 12.66
C THR C 93 3.58 86.98 11.23
N HIS C 94 3.22 85.71 11.03
CA HIS C 94 2.85 85.24 9.70
C HIS C 94 1.56 84.44 9.66
N THR C 95 0.91 84.44 8.49
CA THR C 95 -0.41 83.84 8.35
C THR C 95 -0.44 82.91 7.16
N LEU C 96 -0.56 81.61 7.44
CA LEU C 96 -0.88 80.63 6.39
C LEU C 96 -2.37 80.45 6.32
N GLN C 97 -2.92 80.56 5.12
CA GLN C 97 -4.36 80.39 4.95
C GLN C 97 -4.68 79.32 3.94
N ARG C 98 -5.79 78.64 4.14
CA ARG C 98 -6.14 77.52 3.28
C ARG C 98 -7.62 77.54 2.95
N MET C 99 -7.95 77.26 1.70
CA MET C 99 -9.35 77.18 1.31
C MET C 99 -9.58 75.93 0.48
N TYR C 100 -10.69 75.25 0.73
CA TYR C 100 -11.14 74.17 -0.14
C TYR C 100 -12.61 74.30 -0.37
N GLY C 101 -13.12 73.49 -1.30
CA GLY C 101 -14.55 73.45 -1.58
C GLY C 101 -14.83 73.05 -3.02
N CYS C 102 -16.10 73.16 -3.39
CA CYS C 102 -16.54 72.80 -4.74
C CYS C 102 -17.70 73.66 -5.24
N ASP C 103 -17.80 73.80 -6.57
CA ASP C 103 -19.00 74.33 -7.24
C ASP C 103 -19.70 73.17 -7.95
N VAL C 104 -20.93 72.83 -7.58
CA VAL C 104 -21.69 71.91 -8.43
C VAL C 104 -22.67 72.73 -9.28
N GLY C 105 -22.93 72.28 -10.50
CA GLY C 105 -23.85 72.96 -11.38
C GLY C 105 -25.32 72.61 -11.18
N SER C 106 -26.13 73.00 -12.17
CA SER C 106 -27.58 72.77 -12.16
C SER C 106 -27.91 71.27 -12.06
N ASP C 107 -27.04 70.45 -12.64
CA ASP C 107 -27.21 68.97 -12.72
C ASP C 107 -26.81 68.18 -11.48
N GLY C 108 -26.10 68.81 -10.55
CA GLY C 108 -25.61 68.13 -9.36
C GLY C 108 -24.21 67.57 -9.58
N ARG C 109 -23.68 67.75 -10.79
CA ARG C 109 -22.38 67.24 -11.16
C ARG C 109 -21.34 68.29 -10.79
N LEU C 110 -20.24 67.86 -10.18
CA LEU C 110 -19.17 68.77 -9.83
C LEU C 110 -18.78 69.59 -11.05
N LEU C 111 -18.63 70.89 -10.82
CA LEU C 111 -18.33 71.84 -11.88
C LEU C 111 -16.91 72.37 -11.72
N ARG C 112 -16.39 72.29 -10.50
CA ARG C 112 -15.04 72.72 -10.18
C ARG C 112 -14.74 72.46 -8.71
N GLY C 113 -13.50 72.05 -8.43
CA GLY C 113 -13.06 71.79 -7.07
C GLY C 113 -11.95 72.74 -6.70
N TYR C 114 -11.79 73.01 -5.40
CA TYR C 114 -10.69 73.88 -4.96
C TYR C 114 -9.85 73.31 -3.80
N GLU C 115 -8.57 73.62 -3.82
CA GLU C 115 -7.69 73.31 -2.72
C GLU C 115 -6.49 74.23 -2.93
N GLN C 116 -6.26 75.14 -1.99
CA GLN C 116 -5.22 76.16 -2.17
C GLN C 116 -4.83 76.90 -0.91
N PHE C 117 -3.57 77.32 -0.89
CA PHE C 117 -3.01 78.02 0.25
C PHE C 117 -2.49 79.37 -0.21
N ALA C 118 -2.66 80.36 0.66
CA ALA C 118 -1.98 81.63 0.48
C ALA C 118 -1.15 81.88 1.73
N TYR C 119 0.00 82.52 1.56
CA TYR C 119 0.86 82.77 2.70
C TYR C 119 1.18 84.25 2.79
N ASP C 120 0.90 84.85 3.95
CA ASP C 120 1.19 86.27 4.17
C ASP C 120 0.50 87.14 3.13
N GLY C 121 -0.72 86.78 2.76
CA GLY C 121 -1.51 87.58 1.85
C GLY C 121 -1.37 87.15 0.41
N CYS C 122 -0.21 86.60 0.04
CA CYS C 122 0.07 86.32 -1.34
C CYS C 122 -0.23 84.86 -1.67
N ASP C 123 -0.68 84.58 -2.90
CA ASP C 123 -0.92 83.21 -3.35
C ASP C 123 0.32 82.36 -3.16
N TYR C 124 0.13 81.13 -2.69
CA TYR C 124 1.25 80.21 -2.52
C TYR C 124 1.17 79.00 -3.44
N ILE C 125 0.11 78.21 -3.30
CA ILE C 125 -0.04 77.05 -4.17
C ILE C 125 -1.53 76.72 -4.32
N ALA C 126 -1.90 76.15 -5.46
CA ALA C 126 -3.29 75.91 -5.73
C ALA C 126 -3.53 74.79 -6.72
N LEU C 127 -4.50 73.94 -6.40
CA LEU C 127 -4.80 72.77 -7.23
C LEU C 127 -5.57 73.23 -8.46
N ASN C 128 -5.06 72.87 -9.64
CA ASN C 128 -5.64 73.30 -10.90
C ASN C 128 -6.97 72.62 -11.18
N GLU C 129 -7.74 73.20 -12.09
CA GLU C 129 -9.08 72.70 -12.40
C GLU C 129 -9.07 71.23 -12.77
N ASP C 130 -7.90 70.77 -13.22
CA ASP C 130 -7.77 69.37 -13.61
C ASP C 130 -7.76 68.44 -12.41
N LEU C 131 -7.41 68.99 -11.26
CA LEU C 131 -7.32 68.20 -10.05
C LEU C 131 -6.19 67.22 -10.11
N ARG C 132 -5.20 67.50 -10.94
CA ARG C 132 -4.03 66.65 -11.00
C ARG C 132 -2.71 67.38 -10.95
N THR C 133 -2.77 68.69 -11.08
CA THR C 133 -1.56 69.49 -11.14
C THR C 133 -1.59 70.65 -10.20
N TRP C 134 -0.44 71.22 -9.90
CA TRP C 134 -0.46 72.32 -8.94
C TRP C 134 0.11 73.56 -9.60
N THR C 135 -0.33 74.72 -9.14
CA THR C 135 0.26 75.93 -9.64
C THR C 135 1.04 76.60 -8.54
N ALA C 136 2.33 76.80 -8.79
CA ALA C 136 3.23 77.30 -7.73
C ALA C 136 3.68 78.75 -7.91
N ALA C 137 3.20 79.62 -7.04
CA ALA C 137 3.50 81.04 -7.12
C ALA C 137 5.00 81.36 -7.23
N ASP C 138 5.81 80.70 -6.42
CA ASP C 138 7.23 81.03 -6.45
C ASP C 138 8.17 79.86 -6.20
N MET C 139 9.41 80.19 -5.86
CA MET C 139 10.45 79.20 -5.67
C MET C 139 10.16 78.28 -4.48
N ALA C 140 9.65 78.86 -3.38
CA ALA C 140 9.26 78.08 -2.23
C ALA C 140 8.14 77.13 -2.63
N ALA C 141 7.05 77.69 -3.14
CA ALA C 141 5.92 76.86 -3.57
C ALA C 141 6.20 75.64 -4.46
N GLN C 142 7.15 75.75 -5.38
CA GLN C 142 7.49 74.61 -6.24
C GLN C 142 8.01 73.44 -5.41
N ILE C 143 8.82 73.73 -4.41
CA ILE C 143 9.32 72.72 -3.47
C ILE C 143 8.13 71.95 -2.96
N THR C 144 7.19 72.68 -2.36
CA THR C 144 5.98 72.06 -1.85
C THR C 144 5.31 71.21 -2.91
N ARG C 145 5.19 71.78 -4.10
CA ARG C 145 4.56 71.10 -5.21
C ARG C 145 5.23 69.76 -5.49
N ARG C 146 6.57 69.75 -5.45
CA ARG C 146 7.35 68.54 -5.73
C ARG C 146 6.97 67.49 -4.71
N LYS C 147 7.03 67.85 -3.42
CA LYS C 147 6.63 66.96 -2.33
C LYS C 147 5.25 66.38 -2.61
N TRP C 148 4.32 67.27 -2.96
CA TRP C 148 2.92 66.88 -3.12
C TRP C 148 2.71 66.09 -4.40
N GLU C 149 3.47 66.46 -5.43
CA GLU C 149 3.49 65.67 -6.67
C GLU C 149 3.86 64.23 -6.35
N GLN C 150 4.98 64.05 -5.66
CA GLN C 150 5.48 62.71 -5.40
C GLN C 150 4.63 61.99 -4.33
N ALA C 151 4.06 62.74 -3.40
CA ALA C 151 3.27 62.16 -2.32
C ALA C 151 1.87 61.78 -2.77
N GLY C 152 1.42 62.41 -3.85
CA GLY C 152 0.12 62.12 -4.42
C GLY C 152 -0.98 62.96 -3.82
N ALA C 153 -0.64 64.19 -3.45
CA ALA C 153 -1.59 65.06 -2.78
C ALA C 153 -2.83 65.30 -3.65
N ALA C 154 -2.60 65.77 -4.87
CA ALA C 154 -3.71 66.00 -5.79
C ALA C 154 -4.71 64.83 -5.85
N GLU C 155 -4.22 63.59 -5.88
CA GLU C 155 -5.13 62.45 -5.94
C GLU C 155 -5.93 62.38 -4.65
N TYR C 156 -5.26 62.61 -3.53
CA TYR C 156 -5.91 62.53 -2.22
C TYR C 156 -7.14 63.40 -2.19
N TYR C 157 -7.01 64.59 -2.77
CA TYR C 157 -8.08 65.58 -2.64
C TYR C 157 -9.12 65.52 -3.75
N ARG C 158 -8.73 65.02 -4.91
CA ARG C 158 -9.70 64.67 -5.93
C ARG C 158 -10.74 63.74 -5.33
N ALA C 159 -10.29 62.72 -4.62
CA ALA C 159 -11.24 61.77 -4.05
C ALA C 159 -12.32 62.53 -3.29
N TYR C 160 -11.87 63.49 -2.48
CA TYR C 160 -12.77 64.26 -1.66
C TYR C 160 -13.66 65.14 -2.53
N LEU C 161 -13.03 66.07 -3.24
CA LEU C 161 -13.72 67.05 -4.06
C LEU C 161 -14.80 66.46 -4.98
N GLU C 162 -14.45 65.40 -5.71
CA GLU C 162 -15.40 64.76 -6.64
C GLU C 162 -16.48 63.93 -5.94
N GLY C 163 -16.27 63.59 -4.68
CA GLY C 163 -17.19 62.67 -4.04
C GLY C 163 -17.88 63.26 -2.84
N GLU C 164 -17.19 63.26 -1.71
CA GLU C 164 -17.74 63.74 -0.44
C GLU C 164 -18.14 65.23 -0.45
N CYS C 165 -17.31 66.06 -1.05
CA CYS C 165 -17.56 67.49 -1.05
C CYS C 165 -18.89 67.76 -1.73
N VAL C 166 -19.17 67.01 -2.79
CA VAL C 166 -20.43 67.15 -3.50
C VAL C 166 -21.59 66.49 -2.76
N GLU C 167 -21.36 65.29 -2.25
CA GLU C 167 -22.37 64.55 -1.47
C GLU C 167 -22.86 65.34 -0.24
N TRP C 168 -21.95 66.06 0.41
CA TRP C 168 -22.30 66.76 1.62
C TRP C 168 -23.10 67.99 1.26
N LEU C 169 -22.66 68.71 0.25
CA LEU C 169 -23.32 69.93 -0.09
C LEU C 169 -24.75 69.57 -0.37
N HIS C 170 -24.95 68.46 -1.04
CA HIS C 170 -26.28 68.06 -1.35
C HIS C 170 -27.14 67.77 -0.14
N ARG C 171 -26.63 67.02 0.83
CA ARG C 171 -27.44 66.67 1.98
C ARG C 171 -27.79 67.93 2.73
N TYR C 172 -26.80 68.78 2.83
CA TYR C 172 -26.89 70.07 3.54
C TYR C 172 -28.03 70.90 2.91
N LEU C 173 -27.94 71.16 1.61
CA LEU C 173 -29.00 71.87 0.87
C LEU C 173 -30.35 71.20 1.05
N LYS C 174 -30.35 69.88 1.20
CA LYS C 174 -31.61 69.17 1.36
C LYS C 174 -32.15 69.34 2.77
N ASN C 175 -31.24 69.39 3.74
CA ASN C 175 -31.61 69.53 5.15
C ASN C 175 -32.23 70.90 5.38
N GLY C 176 -31.97 71.84 4.47
CA GLY C 176 -32.58 73.17 4.51
C GLY C 176 -34.04 73.15 4.08
N PHE D 1 -18.16 70.41 5.49
CA PHE D 1 -17.64 69.35 6.33
C PHE D 1 -16.14 69.34 6.27
N LEU D 2 -15.54 68.25 6.72
CA LEU D 2 -14.11 68.20 6.87
C LEU D 2 -13.29 67.49 5.82
N SER D 3 -12.23 68.17 5.41
CA SER D 3 -11.20 67.63 4.57
C SER D 3 -9.88 68.12 5.14
N PRO D 4 -9.51 67.56 6.29
CA PRO D 4 -8.27 68.01 6.95
C PRO D 4 -7.07 67.97 6.00
N PHE D 5 -5.99 68.68 6.34
CA PHE D 5 -4.84 68.75 5.46
C PHE D 5 -3.55 68.46 6.21
N TRP D 6 -2.86 67.41 5.78
CA TRP D 6 -1.73 66.85 6.52
C TRP D 6 -0.43 66.74 5.75
N PHE D 7 -0.47 66.85 4.43
CA PHE D 7 0.75 66.69 3.65
C PHE D 7 1.77 67.76 4.04
N ASP D 8 3.04 67.40 4.04
CA ASP D 8 4.05 68.35 4.42
C ASP D 8 4.06 69.46 3.39
N ILE D 9 4.68 70.58 3.75
CA ILE D 9 4.78 71.73 2.85
C ILE D 9 6.00 71.63 1.95
N ALA E 4 -27.49 -25.31 -18.17
CA ALA E 4 -28.85 -24.92 -18.49
C ALA E 4 -29.52 -24.36 -17.24
N GLN E 5 -30.83 -24.26 -17.24
CA GLN E 5 -31.47 -23.72 -16.05
C GLN E 5 -30.76 -22.44 -15.69
N SER E 6 -30.83 -21.49 -16.60
CA SER E 6 -30.23 -20.19 -16.41
C SER E 6 -31.31 -19.23 -15.98
N VAL E 7 -30.91 -18.00 -15.68
CA VAL E 7 -31.83 -16.92 -15.30
C VAL E 7 -31.66 -15.78 -16.28
N THR E 8 -32.75 -15.16 -16.69
CA THR E 8 -32.64 -14.02 -17.59
C THR E 8 -33.33 -12.74 -17.10
N GLN E 9 -32.53 -11.68 -17.03
CA GLN E 9 -33.00 -10.34 -16.71
C GLN E 9 -32.91 -9.51 -17.97
N PRO E 10 -34.02 -8.83 -18.33
CA PRO E 10 -34.19 -8.17 -19.62
C PRO E 10 -33.35 -6.91 -19.77
N ASP E 11 -33.28 -6.10 -18.71
CA ASP E 11 -32.66 -4.77 -18.78
C ASP E 11 -31.52 -4.57 -17.77
N ALA E 12 -30.36 -4.14 -18.29
CA ALA E 12 -29.19 -3.91 -17.44
C ALA E 12 -29.27 -2.56 -16.70
N ARG E 13 -29.87 -1.57 -17.37
CA ARG E 13 -30.04 -0.26 -16.76
C ARG E 13 -31.52 0.09 -16.65
N VAL E 14 -31.88 0.70 -15.52
CA VAL E 14 -33.28 1.04 -15.23
C VAL E 14 -33.41 2.22 -14.24
N THR E 15 -34.25 3.21 -14.59
CA THR E 15 -34.41 4.42 -13.78
C THR E 15 -35.88 4.72 -13.48
N VAL E 16 -36.19 5.08 -12.23
CA VAL E 16 -37.54 5.47 -11.83
C VAL E 16 -37.49 6.55 -10.76
N SER E 17 -38.64 7.17 -10.45
CA SER E 17 -38.67 8.35 -9.56
C SER E 17 -39.16 8.09 -8.13
N GLU E 18 -38.46 8.68 -7.16
CA GLU E 18 -38.73 8.50 -5.74
C GLU E 18 -40.22 8.49 -5.53
N GLY E 19 -40.69 7.41 -4.93
CA GLY E 19 -42.10 7.13 -4.68
C GLY E 19 -42.79 6.28 -5.73
N ALA E 20 -42.13 6.05 -6.85
CA ALA E 20 -42.68 5.20 -7.91
C ALA E 20 -42.67 3.72 -7.54
N SER E 21 -43.64 2.98 -8.04
CA SER E 21 -43.64 1.52 -7.90
C SER E 21 -42.59 0.88 -8.80
N LEU E 22 -42.02 -0.24 -8.35
CA LEU E 22 -40.92 -0.91 -9.02
C LEU E 22 -41.26 -2.33 -9.38
N GLN E 23 -40.99 -2.68 -10.64
CA GLN E 23 -41.03 -4.07 -11.08
C GLN E 23 -39.78 -4.42 -11.88
N LEU E 24 -38.97 -5.34 -11.33
CA LEU E 24 -37.77 -5.81 -12.01
C LEU E 24 -38.00 -7.23 -12.54
N ARG E 25 -37.79 -7.40 -13.84
CA ARG E 25 -38.20 -8.61 -14.53
C ARG E 25 -37.15 -9.70 -14.45
N CYS E 26 -37.57 -10.88 -13.98
CA CYS E 26 -36.72 -12.07 -14.05
C CYS E 26 -37.43 -13.27 -14.62
N LYS E 27 -36.90 -13.80 -15.72
CA LYS E 27 -37.43 -15.04 -16.31
C LYS E 27 -36.42 -16.16 -16.18
N TYR E 28 -36.91 -17.34 -15.80
CA TYR E 28 -36.03 -18.48 -15.61
C TYR E 28 -36.18 -19.61 -16.63
N SER E 29 -35.06 -20.22 -17.00
CA SER E 29 -35.07 -21.42 -17.82
C SER E 29 -35.85 -22.50 -17.08
N TYR E 30 -36.65 -23.26 -17.81
CA TYR E 30 -37.54 -24.18 -17.16
C TYR E 30 -36.72 -25.19 -16.34
N SER E 31 -37.15 -25.30 -15.09
CA SER E 31 -36.79 -26.35 -14.15
C SER E 31 -37.91 -27.16 -13.58
N ALA E 32 -37.73 -28.45 -13.30
CA ALA E 32 -38.84 -29.29 -12.89
C ALA E 32 -39.28 -28.71 -11.56
N THR E 33 -38.33 -28.42 -10.68
CA THR E 33 -38.65 -27.73 -9.46
C THR E 33 -37.66 -26.60 -9.40
N PRO E 34 -38.16 -25.39 -9.38
CA PRO E 34 -37.30 -24.21 -9.35
C PRO E 34 -37.08 -23.68 -7.93
N TYR E 35 -35.83 -23.36 -7.62
CA TYR E 35 -35.49 -22.62 -6.42
C TYR E 35 -34.92 -21.28 -6.86
N LEU E 36 -35.54 -20.19 -6.39
CA LEU E 36 -35.22 -18.86 -6.91
C LEU E 36 -34.78 -17.82 -5.85
N PHE E 37 -34.01 -16.84 -6.30
CA PHE E 37 -33.46 -15.85 -5.39
C PHE E 37 -33.33 -14.45 -5.99
N TRP E 38 -33.53 -13.43 -5.14
CA TRP E 38 -33.15 -12.04 -5.45
C TRP E 38 -32.09 -11.54 -4.49
N TYR E 39 -30.98 -11.07 -5.05
CA TYR E 39 -29.91 -10.47 -4.26
C TYR E 39 -29.80 -9.02 -4.65
N VAL E 40 -29.43 -8.18 -3.68
CA VAL E 40 -29.18 -6.77 -3.98
C VAL E 40 -27.72 -6.40 -3.66
N GLN E 41 -27.15 -5.48 -4.45
CA GLN E 41 -25.81 -4.98 -4.18
C GLN E 41 -25.84 -3.45 -4.03
N TYR E 42 -25.75 -2.97 -2.79
CA TYR E 42 -25.62 -1.53 -2.56
C TYR E 42 -24.22 -1.07 -2.89
N PRO E 43 -24.11 0.08 -3.57
CA PRO E 43 -22.83 0.74 -3.92
C PRO E 43 -21.79 0.53 -2.83
N ARG E 44 -20.56 0.20 -3.22
CA ARG E 44 -19.47 -0.02 -2.28
C ARG E 44 -19.55 -1.30 -1.41
N GLN E 45 -20.46 -2.21 -1.78
CA GLN E 45 -20.66 -3.43 -1.00
C GLN E 45 -20.74 -4.77 -1.72
N GLY E 46 -20.92 -5.83 -0.93
CA GLY E 46 -21.20 -7.14 -1.50
C GLY E 46 -22.66 -7.37 -1.89
N LEU E 47 -22.99 -8.60 -2.26
CA LEU E 47 -24.39 -8.96 -2.45
C LEU E 47 -25.07 -9.33 -1.12
N GLN E 48 -26.36 -9.02 -1.03
CA GLN E 48 -27.18 -9.41 0.10
C GLN E 48 -28.38 -10.19 -0.40
N MET E 49 -28.71 -11.26 0.32
CA MET E 49 -29.89 -12.00 -0.11
C MET E 49 -31.13 -11.19 0.25
N LEU E 50 -31.95 -10.90 -0.74
CA LEU E 50 -33.20 -10.17 -0.53
C LEU E 50 -34.30 -11.12 -0.08
N LEU E 51 -34.53 -12.16 -0.88
CA LEU E 51 -35.53 -13.20 -0.58
C LEU E 51 -35.25 -14.48 -1.36
N LYS E 52 -35.75 -15.62 -0.85
CA LYS E 52 -35.70 -16.91 -1.57
C LYS E 52 -37.12 -17.42 -1.83
N TYR E 53 -37.30 -18.14 -2.92
CA TYR E 53 -38.48 -19.00 -3.05
C TYR E 53 -38.08 -20.47 -3.13
N TYR E 54 -38.50 -21.24 -2.12
CA TYR E 54 -38.28 -22.68 -2.12
C TYR E 54 -39.58 -23.38 -2.51
N SER E 55 -40.65 -23.11 -1.77
CA SER E 55 -41.96 -23.67 -2.04
C SER E 55 -43.02 -22.89 -1.26
N GLY E 56 -44.29 -23.15 -1.57
CA GLY E 56 -45.41 -22.61 -0.81
C GLY E 56 -45.95 -21.31 -1.38
N ASP E 57 -46.19 -20.35 -0.48
CA ASP E 57 -46.73 -19.04 -0.87
C ASP E 57 -45.90 -18.46 -2.03
N PRO E 58 -46.50 -18.37 -3.24
CA PRO E 58 -45.79 -17.91 -4.46
C PRO E 58 -45.52 -16.42 -4.43
N VAL E 59 -46.01 -15.75 -3.40
CA VAL E 59 -45.69 -14.36 -3.12
C VAL E 59 -44.70 -14.32 -1.95
N VAL E 60 -43.44 -14.01 -2.26
CA VAL E 60 -42.40 -14.01 -1.22
C VAL E 60 -42.13 -12.63 -0.69
N GLN E 61 -42.16 -12.53 0.64
CA GLN E 61 -41.91 -11.27 1.34
C GLN E 61 -40.45 -11.19 1.70
N GLY E 62 -39.74 -10.27 1.05
CA GLY E 62 -38.37 -9.99 1.44
C GLY E 62 -38.31 -8.89 2.49
N VAL E 63 -37.10 -8.57 2.95
CA VAL E 63 -36.92 -7.44 3.84
C VAL E 63 -36.91 -6.14 3.04
N ASN E 64 -37.08 -5.01 3.74
CA ASN E 64 -37.15 -3.71 3.09
C ASN E 64 -38.36 -3.53 2.18
N GLY E 65 -39.50 -4.09 2.60
CA GLY E 65 -40.73 -3.96 1.84
C GLY E 65 -40.59 -4.40 0.39
N PHE E 66 -39.75 -5.41 0.18
CA PHE E 66 -39.64 -6.02 -1.13
C PHE E 66 -40.47 -7.31 -1.19
N GLU E 67 -40.92 -7.66 -2.38
CA GLU E 67 -41.55 -8.96 -2.54
C GLU E 67 -41.42 -9.49 -3.96
N ALA E 68 -41.52 -10.81 -4.08
CA ALA E 68 -41.39 -11.44 -5.39
C ALA E 68 -42.56 -12.37 -5.62
N GLU E 69 -42.92 -12.51 -6.90
CA GLU E 69 -44.05 -13.35 -7.27
C GLU E 69 -43.64 -14.47 -8.23
N PHE E 70 -43.70 -15.69 -7.69
CA PHE E 70 -43.34 -16.88 -8.42
C PHE E 70 -44.49 -17.32 -9.31
N SER E 71 -44.26 -17.21 -10.61
CA SER E 71 -45.28 -17.58 -11.57
C SER E 71 -44.83 -18.80 -12.35
N LYS E 72 -45.44 -19.94 -12.06
CA LYS E 72 -45.17 -21.14 -12.81
C LYS E 72 -45.65 -20.99 -14.24
N SER E 73 -46.85 -20.44 -14.37
CA SER E 73 -47.46 -20.14 -15.68
C SER E 73 -46.52 -19.42 -16.65
N ASP E 74 -45.87 -18.36 -16.15
CA ASP E 74 -44.99 -17.48 -16.91
C ASP E 74 -43.56 -17.99 -17.07
N SER E 75 -43.09 -18.78 -16.10
CA SER E 75 -41.64 -18.97 -15.89
C SER E 75 -40.96 -17.63 -15.54
N SER E 76 -41.54 -16.90 -14.58
CA SER E 76 -41.04 -15.61 -14.17
C SER E 76 -41.00 -15.51 -12.66
N PHE E 77 -40.07 -14.71 -12.15
CA PHE E 77 -39.95 -14.44 -10.73
C PHE E 77 -39.69 -12.95 -10.58
N HIS E 78 -40.73 -12.15 -10.78
CA HIS E 78 -40.58 -10.69 -10.75
C HIS E 78 -40.42 -10.09 -9.35
N LEU E 79 -39.53 -9.11 -9.25
CA LEU E 79 -39.27 -8.44 -7.98
C LEU E 79 -40.05 -7.14 -7.99
N ARG E 80 -40.69 -6.86 -6.85
CA ARG E 80 -41.54 -5.67 -6.75
C ARG E 80 -41.37 -4.92 -5.42
N LYS E 81 -41.41 -3.59 -5.52
CA LYS E 81 -41.58 -2.71 -4.37
C LYS E 81 -42.63 -1.66 -4.72
N ALA E 82 -43.44 -1.29 -3.73
CA ALA E 82 -44.54 -0.34 -3.94
C ALA E 82 -44.10 1.12 -4.17
N SER E 83 -43.42 1.67 -3.16
CA SER E 83 -42.88 3.03 -3.20
C SER E 83 -41.35 2.97 -3.00
N VAL E 84 -40.61 3.15 -4.09
CA VAL E 84 -39.15 3.15 -4.03
C VAL E 84 -38.58 4.43 -3.41
N HIS E 85 -37.78 4.26 -2.36
CA HIS E 85 -36.95 5.31 -1.78
C HIS E 85 -35.67 5.50 -2.59
N TRP E 86 -35.01 6.65 -2.46
CA TRP E 86 -33.79 6.90 -3.22
C TRP E 86 -32.69 5.95 -2.76
N SER E 87 -32.68 5.65 -1.46
CA SER E 87 -31.71 4.72 -0.91
C SER E 87 -31.78 3.31 -1.52
N ASP E 88 -32.81 3.05 -2.32
CA ASP E 88 -32.94 1.74 -2.95
C ASP E 88 -32.19 1.68 -4.28
N SER E 89 -31.41 2.70 -4.57
CA SER E 89 -30.62 2.69 -5.80
C SER E 89 -29.49 1.73 -5.57
N ALA E 90 -29.41 0.73 -6.44
CA ALA E 90 -28.55 -0.42 -6.21
C ALA E 90 -28.60 -1.37 -7.41
N VAL E 91 -27.81 -2.42 -7.34
CA VAL E 91 -27.90 -3.42 -8.38
C VAL E 91 -28.65 -4.63 -7.84
N TYR E 92 -29.59 -5.11 -8.67
CA TYR E 92 -30.48 -6.19 -8.29
C TYR E 92 -30.21 -7.45 -9.13
N PHE E 93 -29.93 -8.55 -8.45
CA PHE E 93 -29.56 -9.81 -9.10
C PHE E 93 -30.59 -10.91 -8.87
N CYS E 94 -31.03 -11.53 -9.97
CA CYS E 94 -31.91 -12.69 -9.90
C CYS E 94 -31.07 -13.96 -10.00
N ALA E 95 -31.52 -15.04 -9.37
CA ALA E 95 -30.69 -16.23 -9.38
C ALA E 95 -31.46 -17.51 -9.05
N VAL E 96 -31.14 -18.58 -9.78
CA VAL E 96 -31.72 -19.90 -9.48
C VAL E 96 -30.65 -20.84 -8.99
N SER E 97 -31.01 -21.72 -8.07
CA SER E 97 -30.09 -22.76 -7.62
C SER E 97 -30.48 -24.06 -8.25
N ALA E 98 -29.88 -24.36 -9.40
CA ALA E 98 -30.04 -25.66 -10.09
C ALA E 98 -29.97 -26.85 -9.15
N LYS E 99 -30.59 -27.96 -9.52
CA LYS E 99 -30.41 -29.16 -8.72
C LYS E 99 -29.23 -29.89 -9.29
N GLY E 100 -28.42 -30.45 -8.42
CA GLY E 100 -27.25 -31.20 -8.86
C GLY E 100 -26.05 -30.29 -9.04
N THR E 101 -26.32 -29.11 -9.59
CA THR E 101 -25.35 -28.04 -9.59
C THR E 101 -25.80 -27.07 -8.45
N GLY E 102 -26.13 -27.67 -7.30
CA GLY E 102 -26.85 -26.97 -6.25
C GLY E 102 -25.96 -26.28 -5.28
N SER E 103 -24.75 -26.80 -5.16
CA SER E 103 -23.70 -26.17 -4.38
C SER E 103 -23.36 -24.81 -4.96
N LYS E 104 -23.50 -24.67 -6.29
CA LYS E 104 -23.28 -23.39 -6.98
C LYS E 104 -24.61 -22.68 -7.15
N LEU E 105 -24.56 -21.37 -7.08
CA LEU E 105 -25.71 -20.53 -7.39
C LEU E 105 -25.44 -19.89 -8.75
N SER E 106 -26.43 -19.90 -9.63
CA SER E 106 -26.23 -19.33 -10.97
C SER E 106 -26.93 -17.95 -11.18
N PHE E 107 -26.15 -16.87 -11.32
CA PHE E 107 -26.68 -15.49 -11.31
C PHE E 107 -27.22 -14.94 -12.64
N GLY E 108 -28.07 -13.94 -12.51
CA GLY E 108 -28.46 -13.13 -13.64
C GLY E 108 -27.28 -12.23 -13.88
N LYS E 109 -27.37 -11.37 -14.90
CA LYS E 109 -26.29 -10.46 -15.24
C LYS E 109 -26.48 -9.11 -14.52
N GLY E 110 -27.59 -9.03 -13.79
CA GLY E 110 -27.87 -7.88 -12.94
C GLY E 110 -28.66 -6.73 -13.52
N ALA E 111 -29.39 -6.02 -12.67
CA ALA E 111 -30.11 -4.82 -13.09
C ALA E 111 -29.73 -3.63 -12.21
N LYS E 112 -29.14 -2.60 -12.82
CA LYS E 112 -28.75 -1.39 -12.08
C LYS E 112 -29.91 -0.40 -11.92
N LEU E 113 -30.39 -0.25 -10.70
CA LEU E 113 -31.55 0.58 -10.46
C LEU E 113 -31.20 1.96 -9.92
N THR E 114 -31.64 2.98 -10.64
CA THR E 114 -31.41 4.37 -10.25
C THR E 114 -32.70 5.06 -9.81
N VAL E 115 -32.85 5.26 -8.51
CA VAL E 115 -34.03 5.95 -8.02
C VAL E 115 -33.83 7.47 -7.95
N SER E 116 -34.31 8.17 -8.99
CA SER E 116 -34.29 9.64 -9.11
C SER E 116 -34.89 10.31 -7.88
N PRO E 117 -34.16 11.24 -7.27
CA PRO E 117 -34.80 11.81 -6.08
C PRO E 117 -35.83 12.87 -6.52
N ASN E 118 -36.87 13.06 -5.71
CA ASN E 118 -37.92 14.04 -6.01
C ASN E 118 -37.46 15.44 -5.62
N ILE E 119 -37.21 16.30 -6.61
CA ILE E 119 -36.80 17.67 -6.31
C ILE E 119 -38.01 18.60 -6.12
N GLN E 120 -38.32 18.86 -4.84
CA GLN E 120 -39.50 19.63 -4.42
C GLN E 120 -39.48 21.09 -4.92
N ASN E 121 -38.37 21.78 -4.69
CA ASN E 121 -38.22 23.17 -5.11
C ASN E 121 -37.00 23.39 -5.99
N PRO E 122 -37.06 22.99 -7.24
CA PRO E 122 -35.89 23.10 -8.11
C PRO E 122 -35.39 24.53 -8.26
N ASP E 123 -34.08 24.71 -8.17
CA ASP E 123 -33.45 26.02 -8.29
C ASP E 123 -32.24 25.95 -9.19
N PRO E 124 -32.42 25.88 -10.50
CA PRO E 124 -31.29 25.74 -11.38
C PRO E 124 -30.34 26.90 -11.20
N ALA E 125 -29.04 26.65 -11.26
CA ALA E 125 -28.07 27.72 -11.02
C ALA E 125 -26.68 27.23 -11.44
N VAL E 126 -25.82 28.14 -11.90
CA VAL E 126 -24.47 27.75 -12.28
C VAL E 126 -23.44 28.69 -11.64
N TYR E 127 -23.09 28.41 -10.39
CA TYR E 127 -22.11 29.21 -9.67
C TYR E 127 -20.67 28.85 -10.06
N GLN E 128 -19.73 29.74 -9.74
CA GLN E 128 -18.30 29.47 -9.97
C GLN E 128 -17.58 29.38 -8.63
N LEU E 129 -16.64 28.44 -8.53
CA LEU E 129 -15.87 28.29 -7.30
C LEU E 129 -14.38 28.49 -7.57
N ARG E 130 -13.69 29.10 -6.61
CA ARG E 130 -12.29 29.46 -6.80
C ARG E 130 -11.36 28.61 -5.93
N ASP E 131 -10.20 28.25 -6.50
CA ASP E 131 -9.25 27.41 -5.79
C ASP E 131 -8.78 28.09 -4.51
N SER E 132 -8.84 27.38 -3.39
CA SER E 132 -8.46 27.94 -2.11
C SER E 132 -6.98 28.28 -2.00
N LYS E 133 -6.15 27.68 -2.85
CA LYS E 133 -4.71 27.89 -2.82
C LYS E 133 -4.19 28.71 -4.00
N SER E 134 -4.90 28.67 -5.13
CA SER E 134 -4.48 29.41 -6.30
C SER E 134 -5.65 30.16 -6.93
N SER E 135 -5.82 31.45 -6.63
CA SER E 135 -7.00 32.19 -7.09
C SER E 135 -7.34 32.10 -8.60
N ASP E 136 -6.38 31.79 -9.46
CA ASP E 136 -6.70 31.67 -10.89
C ASP E 136 -7.28 30.32 -11.36
N LYS E 137 -7.00 29.22 -10.63
CA LYS E 137 -7.59 27.90 -10.89
C LYS E 137 -9.11 27.94 -10.67
N SER E 138 -9.88 27.33 -11.58
CA SER E 138 -11.31 27.59 -11.62
C SER E 138 -12.23 26.42 -12.04
N VAL E 139 -13.29 26.24 -11.26
CA VAL E 139 -14.28 25.21 -11.48
C VAL E 139 -15.73 25.67 -11.66
N CYS E 140 -16.45 25.05 -12.59
CA CYS E 140 -17.83 25.45 -12.82
C CYS E 140 -18.82 24.46 -12.21
N LEU E 141 -19.76 24.97 -11.42
CA LEU E 141 -20.73 24.12 -10.77
C LEU E 141 -22.20 24.39 -11.09
N PHE E 142 -22.76 23.50 -11.87
CA PHE E 142 -24.18 23.43 -12.18
C PHE E 142 -24.92 22.65 -11.07
N THR E 143 -25.81 23.31 -10.34
CA THR E 143 -26.41 22.65 -9.21
C THR E 143 -27.91 22.90 -9.09
N ASP E 144 -28.52 22.20 -8.12
CA ASP E 144 -29.93 22.35 -7.73
C ASP E 144 -30.98 22.08 -8.81
N PHE E 145 -30.59 21.60 -10.00
CA PHE E 145 -31.58 21.27 -11.03
C PHE E 145 -32.43 20.06 -10.62
N ASP E 146 -33.38 19.74 -11.49
CA ASP E 146 -34.41 18.72 -11.29
C ASP E 146 -34.34 17.29 -11.79
N SER E 147 -35.32 16.50 -11.42
CA SER E 147 -35.39 15.12 -11.89
C SER E 147 -35.04 14.91 -13.46
N GLN E 148 -35.88 15.54 -14.27
CA GLN E 148 -35.71 15.51 -15.73
C GLN E 148 -34.42 16.07 -16.37
N THR E 149 -33.88 17.22 -15.94
CA THR E 149 -32.69 17.75 -16.59
C THR E 149 -31.50 16.78 -16.71
N ASN E 150 -31.00 16.60 -17.93
CA ASN E 150 -29.78 15.84 -18.18
C ASN E 150 -28.53 16.60 -18.67
N VAL E 151 -27.43 16.44 -17.94
CA VAL E 151 -26.14 17.02 -18.26
C VAL E 151 -25.46 16.10 -19.27
N SER E 152 -24.88 16.69 -20.32
CA SER E 152 -24.21 15.90 -21.34
C SER E 152 -22.75 16.36 -21.46
N GLN E 153 -21.90 15.58 -22.12
CA GLN E 153 -20.46 15.86 -22.17
C GLN E 153 -20.06 17.06 -23.07
N SER E 154 -18.80 17.44 -22.97
CA SER E 154 -18.28 18.50 -23.80
C SER E 154 -18.02 18.05 -25.21
N LYS E 155 -18.32 18.92 -26.17
CA LYS E 155 -17.86 18.69 -27.52
C LYS E 155 -16.34 18.71 -27.55
N ASP E 156 -15.75 19.69 -26.90
CA ASP E 156 -14.29 19.84 -26.88
C ASP E 156 -13.61 18.82 -25.98
N SER E 157 -12.44 18.35 -26.40
CA SER E 157 -11.69 17.41 -25.61
C SER E 157 -11.19 17.92 -24.27
N ASP E 158 -10.83 19.19 -24.24
CA ASP E 158 -10.08 19.77 -23.13
C ASP E 158 -10.93 20.40 -22.05
N VAL E 159 -12.24 20.23 -22.16
CA VAL E 159 -13.14 20.77 -21.15
C VAL E 159 -13.75 19.51 -20.52
N TYR E 160 -13.71 19.44 -19.20
CA TYR E 160 -14.19 18.26 -18.48
C TYR E 160 -15.54 18.51 -17.78
N ILE E 161 -16.48 17.59 -17.99
CA ILE E 161 -17.76 17.65 -17.29
C ILE E 161 -18.17 16.28 -16.73
N THR E 162 -18.59 16.27 -15.47
CA THR E 162 -19.01 15.06 -14.77
C THR E 162 -20.52 14.78 -14.99
N ASP E 163 -21.00 13.62 -14.55
CA ASP E 163 -22.44 13.30 -14.63
C ASP E 163 -23.14 13.96 -13.46
N LYS E 164 -24.44 13.79 -13.33
CA LYS E 164 -25.12 14.36 -12.19
C LYS E 164 -24.80 13.51 -10.97
N CYS E 165 -24.63 14.12 -9.82
CA CYS E 165 -24.43 13.36 -8.59
C CYS E 165 -25.41 13.89 -7.58
N VAL E 166 -26.06 12.98 -6.86
CA VAL E 166 -27.04 13.38 -5.89
C VAL E 166 -26.43 13.35 -4.51
N LEU E 167 -26.60 14.45 -3.78
CA LEU E 167 -26.07 14.53 -2.42
C LEU E 167 -27.22 14.77 -1.46
N ASP E 168 -27.06 14.35 -0.22
CA ASP E 168 -28.17 14.37 0.71
C ASP E 168 -27.75 14.87 2.07
N MET E 169 -28.17 16.08 2.41
CA MET E 169 -27.90 16.65 3.73
C MET E 169 -28.97 16.18 4.69
N ARG E 170 -28.84 14.95 5.17
CA ARG E 170 -29.89 14.28 5.93
C ARG E 170 -30.39 15.03 7.16
N SER E 171 -29.50 15.75 7.82
CA SER E 171 -29.89 16.55 8.99
C SER E 171 -30.99 17.55 8.66
N MET E 172 -31.03 17.98 7.41
CA MET E 172 -32.03 18.93 6.94
C MET E 172 -33.00 18.29 5.96
N ASP E 173 -33.03 16.96 5.92
CA ASP E 173 -33.87 16.22 4.98
C ASP E 173 -33.87 16.84 3.57
N PHE E 174 -32.68 17.07 3.01
CA PHE E 174 -32.58 17.81 1.74
C PHE E 174 -31.66 17.17 0.69
N LYS E 175 -32.18 16.96 -0.52
CA LYS E 175 -31.40 16.38 -1.62
C LYS E 175 -31.28 17.32 -2.82
N SER E 176 -30.15 17.25 -3.51
CA SER E 176 -29.92 18.11 -4.67
C SER E 176 -28.97 17.49 -5.69
N ASN E 177 -29.20 17.74 -6.98
CA ASN E 177 -28.27 17.29 -8.02
C ASN E 177 -27.07 18.23 -8.19
N SER E 178 -26.05 17.79 -8.95
CA SER E 178 -24.83 18.56 -9.22
C SER E 178 -23.97 17.98 -10.32
N ALA E 179 -23.54 18.81 -11.26
CA ALA E 179 -22.52 18.42 -12.22
C ALA E 179 -21.38 19.38 -11.97
N VAL E 180 -20.19 19.04 -12.44
CA VAL E 180 -19.05 19.91 -12.22
C VAL E 180 -18.33 20.01 -13.56
N ALA E 181 -17.76 21.18 -13.85
CA ALA E 181 -16.98 21.34 -15.07
C ALA E 181 -15.73 22.14 -14.82
N TRP E 182 -14.68 21.86 -15.59
CA TRP E 182 -13.46 22.63 -15.43
C TRP E 182 -12.66 22.62 -16.74
N SER E 183 -11.65 23.48 -16.80
CA SER E 183 -10.69 23.51 -17.91
C SER E 183 -9.49 24.45 -17.70
N ASN E 184 -8.37 24.17 -18.36
CA ASN E 184 -7.20 25.06 -18.32
C ASN E 184 -7.11 26.06 -19.49
N LYS E 185 -8.08 25.95 -20.39
CA LYS E 185 -8.20 26.73 -21.62
C LYS E 185 -8.45 28.19 -21.32
N SER E 186 -7.94 29.05 -22.19
CA SER E 186 -8.06 30.49 -22.04
C SER E 186 -9.47 31.04 -22.10
N ASP E 187 -10.27 30.48 -22.98
CA ASP E 187 -11.60 30.98 -23.28
C ASP E 187 -12.70 30.35 -22.48
N PHE E 188 -12.34 29.60 -21.46
CA PHE E 188 -13.34 28.87 -20.70
C PHE E 188 -14.02 29.81 -19.71
N ALA E 189 -15.34 29.87 -19.78
CA ALA E 189 -16.15 30.65 -18.86
C ALA E 189 -17.31 29.76 -18.45
N CYS E 190 -17.83 29.96 -17.26
CA CYS E 190 -18.88 29.07 -16.78
C CYS E 190 -20.15 29.12 -17.63
N ALA E 191 -20.54 30.31 -18.09
CA ALA E 191 -21.73 30.40 -18.91
C ALA E 191 -21.54 29.55 -20.16
N ASN E 192 -20.35 29.61 -20.73
CA ASN E 192 -20.02 28.84 -21.93
C ASN E 192 -19.48 27.47 -21.53
N ALA E 193 -19.92 26.98 -20.36
CA ALA E 193 -19.48 25.66 -19.86
C ALA E 193 -20.47 24.55 -20.18
N PHE E 194 -21.63 24.63 -19.54
CA PHE E 194 -22.70 23.66 -19.72
C PHE E 194 -23.60 23.98 -20.92
N ASN E 195 -23.15 24.86 -21.81
CA ASN E 195 -24.03 25.28 -22.90
C ASN E 195 -24.33 24.13 -23.88
N ASN E 196 -23.45 23.11 -23.91
CA ASN E 196 -23.72 21.94 -24.74
C ASN E 196 -24.78 21.04 -24.08
N SER E 197 -25.58 21.60 -23.17
CA SER E 197 -26.72 20.87 -22.63
C SER E 197 -28.10 21.53 -22.65
N ILE E 198 -29.13 20.71 -22.47
CA ILE E 198 -30.51 21.16 -22.32
C ILE E 198 -30.66 21.67 -20.87
N ILE E 199 -30.21 22.90 -20.66
CA ILE E 199 -30.35 23.61 -19.40
C ILE E 199 -31.73 24.25 -19.32
N PRO E 200 -32.34 24.28 -18.13
CA PRO E 200 -33.56 25.08 -17.94
C PRO E 200 -33.41 26.55 -18.34
N GLU E 201 -34.44 27.20 -18.85
CA GLU E 201 -34.29 28.60 -19.18
C GLU E 201 -34.16 29.28 -17.83
N ASP E 202 -34.82 28.69 -16.86
CA ASP E 202 -34.97 29.21 -15.51
C ASP E 202 -33.64 29.55 -14.83
N THR E 203 -32.54 29.06 -15.38
CA THR E 203 -31.26 29.19 -14.68
C THR E 203 -30.81 30.60 -14.27
N PHE E 204 -30.42 30.64 -13.00
CA PHE E 204 -29.73 31.68 -12.23
C PHE E 204 -28.26 31.64 -12.66
N PHE E 205 -27.74 32.78 -13.08
CA PHE E 205 -26.30 32.98 -13.26
C PHE E 205 -25.89 34.10 -12.31
N PRO E 206 -24.75 33.95 -11.64
CA PRO E 206 -24.44 34.83 -10.50
C PRO E 206 -23.82 36.20 -10.89
N SER E 207 -23.50 36.39 -12.18
CA SER E 207 -22.94 37.64 -12.71
C SER E 207 -23.75 38.90 -12.36
N ALA F 4 -23.67 -11.45 9.17
CA ALA F 4 -22.79 -12.26 8.31
C ALA F 4 -21.36 -11.69 8.16
N ALA F 5 -20.64 -11.67 9.27
CA ALA F 5 -19.31 -11.18 9.18
C ALA F 5 -18.55 -12.27 8.48
N VAL F 6 -18.16 -11.93 7.27
CA VAL F 6 -17.31 -12.68 6.39
C VAL F 6 -16.40 -11.52 6.12
N THR F 7 -15.10 -11.68 6.32
CA THR F 7 -14.22 -10.53 6.12
C THR F 7 -13.15 -10.78 5.07
N GLN F 8 -12.99 -9.85 4.12
CA GLN F 8 -11.86 -10.00 3.21
C GLN F 8 -10.69 -9.11 3.60
N SER F 9 -9.48 -9.60 3.40
CA SER F 9 -8.27 -8.84 3.57
C SER F 9 -7.43 -9.10 2.34
N PRO F 10 -6.88 -8.09 1.68
CA PRO F 10 -7.02 -6.69 2.00
C PRO F 10 -8.07 -5.99 1.18
N ARG F 11 -8.55 -4.85 1.61
CA ARG F 11 -9.60 -4.17 0.86
C ARG F 11 -9.11 -3.63 -0.46
N ASN F 12 -7.85 -3.22 -0.52
CA ASN F 12 -7.26 -2.73 -1.73
C ASN F 12 -5.88 -3.30 -1.94
N LYS F 13 -5.48 -3.46 -3.19
CA LYS F 13 -4.18 -4.04 -3.46
C LYS F 13 -3.74 -3.68 -4.87
N VAL F 14 -2.47 -3.30 -5.01
CA VAL F 14 -1.88 -3.03 -6.31
C VAL F 14 -0.61 -3.82 -6.44
N THR F 15 -0.35 -4.34 -7.64
CA THR F 15 0.84 -5.15 -7.88
C THR F 15 1.19 -5.04 -9.36
N VAL F 16 2.33 -5.59 -9.74
CA VAL F 16 2.70 -5.54 -11.14
C VAL F 16 2.72 -6.94 -11.78
N THR F 17 2.38 -7.04 -13.07
CA THR F 17 2.41 -8.30 -13.83
C THR F 17 3.57 -9.10 -13.36
N GLY F 18 3.30 -10.32 -12.91
CA GLY F 18 4.39 -11.22 -12.52
C GLY F 18 4.37 -11.40 -11.03
N GLY F 19 3.63 -10.52 -10.38
CA GLY F 19 3.61 -10.46 -8.94
C GLY F 19 2.85 -11.59 -8.31
N ASN F 20 2.96 -11.69 -7.00
CA ASN F 20 2.18 -12.62 -6.23
C ASN F 20 1.10 -11.84 -5.53
N VAL F 21 -0.14 -12.31 -5.57
CA VAL F 21 -1.23 -11.67 -4.82
C VAL F 21 -1.97 -12.71 -4.00
N THR F 22 -2.32 -12.39 -2.76
CA THR F 22 -3.08 -13.31 -1.91
C THR F 22 -4.25 -12.60 -1.24
N LEU F 23 -5.48 -12.90 -1.68
CA LEU F 23 -6.66 -12.34 -1.03
C LEU F 23 -7.08 -13.32 0.04
N SER F 24 -7.39 -12.84 1.24
CA SER F 24 -7.79 -13.74 2.30
C SER F 24 -9.28 -13.56 2.55
N CYS F 25 -9.92 -14.58 3.09
CA CYS F 25 -11.31 -14.48 3.49
C CYS F 25 -11.63 -15.29 4.75
N ARG F 26 -12.16 -14.62 5.77
CA ARG F 26 -12.46 -15.28 7.05
C ARG F 26 -13.97 -15.22 7.32
N GLN F 27 -14.56 -16.34 7.70
CA GLN F 27 -15.96 -16.36 8.04
C GLN F 27 -16.24 -17.00 9.40
N THR F 28 -16.95 -16.25 10.25
CA THR F 28 -17.19 -16.62 11.63
C THR F 28 -18.52 -17.36 11.77
N ASN F 29 -19.34 -17.35 10.72
CA ASN F 29 -20.41 -18.35 10.59
C ASN F 29 -19.74 -19.71 10.63
N SER F 30 -20.49 -20.79 10.73
CA SER F 30 -19.75 -22.05 10.74
C SER F 30 -20.13 -22.72 9.45
N HIS F 31 -20.17 -21.92 8.39
CA HIS F 31 -20.59 -22.35 7.07
C HIS F 31 -19.57 -23.29 6.44
N ASN F 32 -20.06 -24.21 5.61
CA ASN F 32 -19.17 -25.18 4.98
C ASN F 32 -18.75 -24.72 3.62
N TYR F 33 -19.66 -24.09 2.90
CA TYR F 33 -19.30 -23.60 1.58
C TYR F 33 -18.62 -22.25 1.69
N MET F 34 -17.57 -22.02 0.89
CA MET F 34 -17.04 -20.67 0.69
C MET F 34 -16.76 -20.51 -0.81
N TYR F 35 -16.76 -19.27 -1.28
CA TYR F 35 -16.67 -18.99 -2.70
C TYR F 35 -15.76 -17.81 -2.97
N TRP F 36 -15.08 -17.80 -4.10
CA TRP F 36 -14.41 -16.60 -4.56
C TRP F 36 -14.98 -16.19 -5.90
N TYR F 37 -15.46 -14.95 -5.98
CA TYR F 37 -16.04 -14.38 -7.19
C TYR F 37 -15.23 -13.19 -7.65
N ARG F 38 -15.20 -12.93 -8.95
CA ARG F 38 -14.77 -11.61 -9.41
C ARG F 38 -15.97 -10.88 -10.00
N GLN F 39 -15.86 -9.56 -10.14
CA GLN F 39 -16.94 -8.74 -10.70
C GLN F 39 -16.33 -7.76 -11.64
N ASP F 40 -16.76 -7.81 -12.89
CA ASP F 40 -16.37 -6.83 -13.89
C ASP F 40 -17.57 -6.27 -14.63
N THR F 41 -17.55 -4.98 -14.96
CA THR F 41 -18.66 -4.43 -15.74
C THR F 41 -18.67 -5.15 -17.09
N GLY F 42 -19.81 -5.69 -17.46
CA GLY F 42 -19.92 -6.40 -18.73
C GLY F 42 -19.88 -7.91 -18.59
N HIS F 43 -19.70 -8.38 -17.35
CA HIS F 43 -19.60 -9.81 -17.07
C HIS F 43 -20.26 -10.20 -15.76
N GLY F 44 -20.78 -9.23 -15.01
CA GLY F 44 -21.43 -9.50 -13.74
C GLY F 44 -20.53 -10.23 -12.76
N LEU F 45 -21.11 -11.17 -12.04
CA LEU F 45 -20.39 -11.96 -11.08
C LEU F 45 -19.92 -13.27 -11.72
N ARG F 46 -18.62 -13.53 -11.73
CA ARG F 46 -18.11 -14.82 -12.19
C ARG F 46 -17.37 -15.61 -11.09
N LEU F 47 -17.61 -16.93 -11.03
CA LEU F 47 -17.10 -17.73 -9.93
C LEU F 47 -15.75 -18.32 -10.27
N ILE F 48 -14.76 -18.05 -9.43
CA ILE F 48 -13.40 -18.49 -9.68
C ILE F 48 -13.16 -19.87 -9.07
N HIS F 49 -13.28 -19.98 -7.75
CA HIS F 49 -13.14 -21.27 -7.07
C HIS F 49 -14.03 -21.33 -5.83
N TYR F 50 -14.38 -22.53 -5.38
CA TYR F 50 -15.16 -22.64 -4.15
C TYR F 50 -14.79 -23.87 -3.39
N SER F 51 -15.59 -24.23 -2.40
CA SER F 51 -15.16 -25.27 -1.49
C SER F 51 -16.31 -25.79 -0.67
N TYR F 52 -16.44 -27.10 -0.58
CA TYR F 52 -17.49 -27.70 0.21
C TYR F 52 -17.28 -27.50 1.70
N GLY F 53 -16.02 -27.49 2.09
CA GLY F 53 -15.64 -27.51 3.49
C GLY F 53 -14.15 -27.58 3.61
N ALA F 54 -13.67 -27.75 4.84
CA ALA F 54 -12.24 -27.81 5.09
C ALA F 54 -11.59 -28.86 4.21
N GLY F 55 -10.48 -28.50 3.61
CA GLY F 55 -9.72 -29.45 2.82
C GLY F 55 -10.31 -29.87 1.49
N ASN F 56 -11.33 -29.17 1.02
CA ASN F 56 -11.86 -29.40 -0.30
C ASN F 56 -11.68 -28.18 -1.17
N LEU F 57 -11.28 -28.39 -2.43
CA LEU F 57 -11.41 -27.35 -3.45
C LEU F 57 -12.24 -27.83 -4.63
N GLN F 58 -13.12 -26.97 -5.14
CA GLN F 58 -13.76 -27.17 -6.44
C GLN F 58 -13.39 -25.91 -7.25
N ILE F 59 -12.95 -26.13 -8.48
CA ILE F 59 -12.69 -25.03 -9.41
C ILE F 59 -14.06 -24.48 -9.87
N GLY F 60 -14.13 -23.22 -10.27
CA GLY F 60 -15.38 -22.68 -10.79
C GLY F 60 -15.42 -22.43 -12.28
N ASP F 61 -16.08 -21.36 -12.72
CA ASP F 61 -16.25 -21.09 -14.15
C ASP F 61 -15.05 -20.45 -14.81
N VAL F 62 -14.25 -19.71 -14.05
CA VAL F 62 -13.13 -18.96 -14.60
C VAL F 62 -11.86 -19.07 -13.76
N PRO F 63 -11.49 -20.30 -13.40
CA PRO F 63 -10.38 -20.65 -12.51
C PRO F 63 -8.99 -20.33 -13.07
N ASP F 64 -8.87 -20.35 -14.40
CA ASP F 64 -7.58 -20.11 -15.04
C ASP F 64 -6.85 -18.91 -14.45
N GLY F 65 -5.66 -19.18 -13.91
CA GLY F 65 -4.85 -18.11 -13.41
C GLY F 65 -4.94 -17.96 -11.92
N TYR F 66 -5.92 -18.60 -11.30
CA TYR F 66 -6.07 -18.56 -9.84
C TYR F 66 -5.97 -19.93 -9.21
N LYS F 67 -5.40 -19.99 -8.01
CA LYS F 67 -5.52 -21.17 -7.17
C LYS F 67 -6.26 -20.76 -5.90
N ALA F 68 -6.81 -21.74 -5.19
CA ALA F 68 -7.43 -21.46 -3.89
C ALA F 68 -6.94 -22.44 -2.83
N THR F 69 -7.07 -22.08 -1.57
CA THR F 69 -6.70 -22.96 -0.47
C THR F 69 -7.73 -22.85 0.61
N ARG F 70 -8.33 -23.96 0.98
CA ARG F 70 -9.24 -23.97 2.09
C ARG F 70 -8.51 -24.73 3.19
N THR F 71 -7.67 -24.02 3.96
CA THR F 71 -6.82 -24.67 4.98
C THR F 71 -7.69 -25.20 6.07
N THR F 72 -8.56 -24.33 6.58
CA THR F 72 -9.41 -24.61 7.73
C THR F 72 -10.84 -24.25 7.44
N GLN F 73 -11.70 -24.49 8.42
CA GLN F 73 -13.13 -24.32 8.21
C GLN F 73 -13.52 -22.88 7.86
N GLU F 74 -12.77 -21.91 8.37
CA GLU F 74 -13.21 -20.54 8.27
C GLU F 74 -12.34 -19.63 7.40
N ASP F 75 -11.22 -20.13 6.92
CA ASP F 75 -10.33 -19.36 6.08
C ASP F 75 -10.18 -19.92 4.67
N PHE F 76 -10.45 -19.08 3.68
CA PHE F 76 -10.37 -19.48 2.27
C PHE F 76 -9.51 -18.46 1.58
N PHE F 77 -8.48 -18.89 0.88
CA PHE F 77 -7.59 -17.94 0.21
C PHE F 77 -7.60 -18.03 -1.31
N LEU F 78 -7.65 -16.90 -1.99
CA LEU F 78 -7.43 -16.90 -3.42
C LEU F 78 -5.97 -16.58 -3.70
N LEU F 79 -5.34 -17.25 -4.64
CA LEU F 79 -3.94 -17.00 -4.90
C LEU F 79 -3.66 -16.73 -6.37
N LEU F 80 -3.18 -15.53 -6.66
CA LEU F 80 -2.72 -15.23 -8.01
C LEU F 80 -1.22 -15.28 -7.98
N GLU F 81 -0.63 -16.41 -8.38
CA GLU F 81 0.81 -16.61 -8.22
C GLU F 81 1.66 -15.85 -9.24
N LEU F 82 1.11 -15.71 -10.46
CA LEU F 82 1.70 -14.85 -11.46
C LEU F 82 0.59 -13.98 -11.95
N ALA F 83 0.52 -12.76 -11.43
CA ALA F 83 -0.61 -11.85 -11.65
C ALA F 83 -0.56 -11.25 -13.04
N SER F 84 -1.73 -11.17 -13.67
CA SER F 84 -1.84 -10.69 -15.03
C SER F 84 -2.81 -9.54 -15.05
N PRO F 85 -2.54 -8.54 -15.91
CA PRO F 85 -3.45 -7.39 -16.07
C PRO F 85 -4.92 -7.79 -16.21
N SER F 86 -5.21 -8.92 -16.86
CA SER F 86 -6.56 -9.52 -16.93
C SER F 86 -7.24 -9.52 -15.58
N GLN F 87 -6.44 -9.67 -14.51
CA GLN F 87 -7.01 -9.95 -13.20
C GLN F 87 -7.32 -8.70 -12.42
N THR F 88 -7.05 -7.55 -13.01
CA THR F 88 -7.47 -6.30 -12.41
C THR F 88 -8.98 -6.37 -12.30
N SER F 89 -9.47 -6.32 -11.08
CA SER F 89 -10.88 -6.55 -10.84
C SER F 89 -11.31 -6.38 -9.39
N LEU F 90 -12.58 -6.70 -9.14
CA LEU F 90 -13.14 -6.57 -7.83
C LEU F 90 -13.52 -7.95 -7.34
N TYR F 91 -12.92 -8.42 -6.24
CA TYR F 91 -13.15 -9.80 -5.80
C TYR F 91 -14.06 -9.90 -4.59
N PHE F 92 -15.00 -10.84 -4.64
CA PHE F 92 -15.88 -11.12 -3.50
C PHE F 92 -15.82 -12.54 -2.97
N CYS F 93 -15.64 -12.63 -1.65
CA CYS F 93 -15.72 -13.87 -0.91
C CYS F 93 -17.16 -14.09 -0.47
N ALA F 94 -17.59 -15.34 -0.31
CA ALA F 94 -18.92 -15.61 0.25
C ALA F 94 -18.94 -16.94 0.99
N SER F 95 -19.69 -17.01 2.08
CA SER F 95 -19.89 -18.29 2.77
C SER F 95 -21.33 -18.73 2.55
N SER F 96 -21.63 -19.98 2.85
CA SER F 96 -22.99 -20.47 2.73
C SER F 96 -23.18 -21.77 3.48
N ASP F 97 -24.40 -22.01 3.94
CA ASP F 97 -24.75 -23.22 4.69
C ASP F 97 -26.02 -23.82 4.12
N ALA F 98 -26.39 -23.36 2.93
CA ALA F 98 -27.62 -23.80 2.29
C ALA F 98 -27.69 -23.32 0.84
N PRO F 99 -28.30 -24.13 -0.02
CA PRO F 99 -28.37 -23.87 -1.47
C PRO F 99 -28.91 -22.50 -1.82
N GLY F 100 -28.12 -21.70 -2.54
CA GLY F 100 -28.56 -20.40 -3.03
C GLY F 100 -28.53 -19.27 -2.03
N GLN F 101 -28.20 -19.58 -0.78
CA GLN F 101 -28.04 -18.56 0.24
C GLN F 101 -26.55 -18.28 0.55
N LEU F 102 -26.02 -17.25 -0.08
CA LEU F 102 -24.67 -16.79 0.15
C LEU F 102 -24.65 -15.53 1.02
N TYR F 103 -23.65 -15.45 1.88
CA TYR F 103 -23.38 -14.25 2.67
C TYR F 103 -22.05 -13.67 2.20
N PHE F 104 -22.07 -12.47 1.65
CA PHE F 104 -20.86 -11.88 1.06
C PHE F 104 -19.91 -11.06 1.99
N GLY F 105 -18.65 -10.99 1.60
CA GLY F 105 -17.71 -10.09 2.21
C GLY F 105 -17.82 -8.79 1.47
N GLU F 106 -16.93 -7.85 1.79
CA GLU F 106 -17.09 -6.48 1.35
C GLU F 106 -16.39 -6.08 0.04
N GLY F 107 -15.51 -6.94 -0.47
CA GLY F 107 -14.78 -6.66 -1.69
C GLY F 107 -13.29 -6.49 -1.46
N SER F 108 -12.49 -6.87 -2.44
CA SER F 108 -11.08 -6.56 -2.49
C SER F 108 -10.88 -6.02 -3.88
N LYS F 109 -10.37 -4.82 -3.99
CA LYS F 109 -10.17 -4.22 -5.28
C LYS F 109 -8.71 -4.39 -5.60
N LEU F 110 -8.42 -5.01 -6.75
CA LEU F 110 -7.05 -5.30 -7.12
C LEU F 110 -6.72 -4.69 -8.47
N THR F 111 -5.60 -3.98 -8.55
CA THR F 111 -5.11 -3.52 -9.84
C THR F 111 -3.80 -4.25 -10.08
N VAL F 112 -3.64 -4.90 -11.22
CA VAL F 112 -2.33 -5.37 -11.60
C VAL F 112 -1.87 -4.55 -12.79
N LEU F 113 -0.70 -3.94 -12.64
CA LEU F 113 -0.19 -2.95 -13.59
C LEU F 113 0.77 -3.63 -14.53
N GLU F 114 0.62 -3.34 -15.83
CA GLU F 114 1.55 -3.82 -16.85
C GLU F 114 2.79 -2.93 -16.87
N ASP F 115 2.57 -1.64 -17.05
CA ASP F 115 3.65 -0.68 -17.30
C ASP F 115 3.70 0.37 -16.18
N LEU F 116 4.78 0.36 -15.40
CA LEU F 116 4.94 1.30 -14.30
C LEU F 116 5.12 2.76 -14.72
N LYS F 117 5.62 3.01 -15.94
CA LYS F 117 5.79 4.36 -16.43
C LYS F 117 4.49 5.15 -16.37
N ASN F 118 3.35 4.46 -16.45
CA ASN F 118 2.06 5.14 -16.53
C ASN F 118 1.46 5.59 -15.21
N VAL F 119 2.10 5.23 -14.11
CA VAL F 119 1.52 5.49 -12.80
C VAL F 119 1.77 6.90 -12.31
N PHE F 120 0.70 7.61 -11.93
CA PHE F 120 0.82 8.95 -11.33
C PHE F 120 -0.16 9.09 -10.20
N PRO F 121 0.22 9.86 -9.16
CA PRO F 121 -0.69 10.10 -8.05
C PRO F 121 -1.58 11.23 -8.42
N PRO F 122 -2.66 11.39 -7.67
CA PRO F 122 -3.57 12.47 -7.98
C PRO F 122 -2.98 13.78 -7.48
N GLU F 123 -3.33 14.86 -8.16
CA GLU F 123 -3.20 16.18 -7.63
C GLU F 123 -4.58 16.53 -7.06
N VAL F 124 -4.61 17.05 -5.82
CA VAL F 124 -5.88 17.34 -5.15
C VAL F 124 -6.02 18.83 -4.84
N ALA F 125 -7.12 19.42 -5.30
CA ALA F 125 -7.41 20.83 -5.01
C ALA F 125 -8.80 20.97 -4.42
N VAL F 126 -8.97 21.81 -3.40
CA VAL F 126 -10.31 22.15 -2.90
C VAL F 126 -10.73 23.49 -3.49
N PHE F 127 -12.03 23.64 -3.76
CA PHE F 127 -12.54 24.91 -4.29
C PHE F 127 -13.61 25.47 -3.37
N GLU F 128 -13.52 26.76 -3.08
CA GLU F 128 -14.33 27.36 -2.01
C GLU F 128 -15.69 27.84 -2.55
N PRO F 129 -16.74 27.71 -1.71
CA PRO F 129 -18.15 27.94 -2.06
C PRO F 129 -18.38 29.33 -2.61
N SER F 130 -19.07 29.43 -3.75
CA SER F 130 -19.48 30.72 -4.33
C SER F 130 -20.27 31.58 -3.33
N GLU F 131 -19.97 32.87 -3.26
CA GLU F 131 -20.74 33.74 -2.36
C GLU F 131 -22.20 33.85 -2.84
N ALA F 132 -22.33 33.96 -4.16
CA ALA F 132 -23.63 33.98 -4.81
C ALA F 132 -24.51 32.86 -4.27
N GLU F 133 -23.95 31.66 -4.22
CA GLU F 133 -24.69 30.48 -3.76
C GLU F 133 -25.12 30.65 -2.31
N ILE F 134 -24.26 31.25 -1.50
CA ILE F 134 -24.54 31.35 -0.08
C ILE F 134 -25.71 32.30 0.16
N SER F 135 -25.71 33.41 -0.57
CA SER F 135 -26.77 34.42 -0.45
C SER F 135 -28.07 33.95 -1.08
N HIS F 136 -27.94 33.35 -2.24
CA HIS F 136 -29.05 32.83 -3.03
C HIS F 136 -29.82 31.73 -2.32
N THR F 137 -29.10 30.86 -1.61
CA THR F 137 -29.65 29.59 -1.14
C THR F 137 -29.42 29.24 0.33
N GLN F 138 -28.58 30.01 1.03
CA GLN F 138 -28.26 29.74 2.43
C GLN F 138 -27.44 28.45 2.65
N LYS F 139 -26.76 28.04 1.60
CA LYS F 139 -25.97 26.83 1.63
C LYS F 139 -24.64 27.04 0.91
N ALA F 140 -23.57 26.47 1.46
CA ALA F 140 -22.28 26.52 0.79
C ALA F 140 -21.86 25.14 0.31
N THR F 141 -21.58 25.03 -0.99
CA THR F 141 -21.07 23.80 -1.59
C THR F 141 -19.57 23.92 -1.89
N LEU F 142 -18.74 23.12 -1.21
CA LEU F 142 -17.33 22.98 -1.58
C LEU F 142 -17.15 21.87 -2.61
N VAL F 143 -16.24 22.07 -3.56
CA VAL F 143 -15.94 21.05 -4.56
C VAL F 143 -14.49 20.55 -4.43
N CYS F 144 -14.30 19.23 -4.38
CA CYS F 144 -12.97 18.66 -4.45
C CYS F 144 -12.62 18.08 -5.82
N LEU F 145 -11.41 18.31 -6.27
CA LEU F 145 -10.98 17.83 -7.57
C LEU F 145 -9.64 17.08 -7.45
N ALA F 146 -9.64 15.82 -7.87
CA ALA F 146 -8.47 14.98 -7.88
C ALA F 146 -8.20 14.67 -9.33
N THR F 147 -7.00 14.96 -9.80
CA THR F 147 -6.74 14.86 -11.23
C THR F 147 -5.41 14.20 -11.59
N GLY F 148 -5.34 13.68 -12.81
CA GLY F 148 -4.09 13.19 -13.37
C GLY F 148 -3.54 11.93 -12.76
N PHE F 149 -4.42 11.13 -12.15
CA PHE F 149 -3.98 9.93 -11.46
C PHE F 149 -4.27 8.62 -12.16
N TYR F 150 -3.25 7.79 -12.26
CA TYR F 150 -3.36 6.45 -12.80
C TYR F 150 -2.62 5.58 -11.83
N PRO F 151 -3.08 4.36 -11.52
CA PRO F 151 -4.26 3.68 -12.06
C PRO F 151 -5.54 4.17 -11.45
N ASP F 152 -6.71 3.75 -11.94
CA ASP F 152 -7.93 4.31 -11.37
C ASP F 152 -8.23 3.65 -10.03
N HIS F 153 -7.36 3.87 -9.06
CA HIS F 153 -7.48 3.25 -7.75
C HIS F 153 -7.32 4.25 -6.61
N VAL F 154 -8.32 5.09 -6.38
CA VAL F 154 -8.23 6.08 -5.33
C VAL F 154 -9.47 5.96 -4.50
N GLU F 155 -9.40 6.47 -3.29
CA GLU F 155 -10.56 6.59 -2.42
C GLU F 155 -10.62 7.99 -1.76
N LEU F 156 -11.72 8.71 -2.00
CA LEU F 156 -11.84 10.12 -1.63
C LEU F 156 -12.80 10.27 -0.44
N SER F 157 -12.42 11.11 0.52
CA SER F 157 -13.20 11.31 1.75
C SER F 157 -13.14 12.75 2.23
N TRP F 158 -14.20 13.20 2.92
CA TRP F 158 -14.22 14.57 3.44
C TRP F 158 -13.99 14.57 4.92
N TRP F 159 -13.07 15.42 5.35
CA TRP F 159 -12.74 15.51 6.76
C TRP F 159 -12.99 16.91 7.26
N VAL F 160 -13.95 17.04 8.17
CA VAL F 160 -14.31 18.33 8.74
C VAL F 160 -13.98 18.32 10.22
N ASN F 161 -12.96 19.07 10.60
CA ASN F 161 -12.55 19.17 12.00
C ASN F 161 -12.07 17.84 12.57
N GLY F 162 -11.35 17.07 11.75
CA GLY F 162 -10.76 15.82 12.19
C GLY F 162 -11.70 14.61 12.20
N LYS F 163 -12.93 14.80 11.75
CA LYS F 163 -13.84 13.67 11.63
C LYS F 163 -14.34 13.49 10.20
N GLU F 164 -14.42 12.25 9.76
CA GLU F 164 -14.89 11.98 8.42
C GLU F 164 -16.36 12.36 8.44
N VAL F 165 -16.84 12.93 7.34
CA VAL F 165 -18.23 13.32 7.24
C VAL F 165 -18.81 12.66 6.01
N HIS F 166 -20.08 12.30 6.07
CA HIS F 166 -20.74 11.60 4.98
C HIS F 166 -21.97 12.38 4.50
N SER F 167 -22.73 12.89 5.46
CA SER F 167 -23.88 13.72 5.12
C SER F 167 -23.48 14.88 4.21
N GLY F 168 -24.25 15.08 3.15
CA GLY F 168 -24.05 16.20 2.27
C GLY F 168 -22.89 15.98 1.33
N VAL F 169 -22.48 14.74 1.14
CA VAL F 169 -21.39 14.48 0.23
C VAL F 169 -21.79 13.61 -0.97
N CYS F 170 -21.40 14.06 -2.15
CA CYS F 170 -21.56 13.26 -3.36
C CYS F 170 -20.21 13.17 -4.06
N THR F 171 -19.79 11.97 -4.43
CA THR F 171 -18.54 11.80 -5.14
C THR F 171 -18.82 11.07 -6.44
N ASP F 172 -18.29 11.59 -7.55
CA ASP F 172 -18.59 10.96 -8.83
C ASP F 172 -18.44 9.46 -8.70
N PRO F 173 -19.44 8.73 -9.19
CA PRO F 173 -19.36 7.27 -9.13
C PRO F 173 -18.38 6.75 -10.19
N GLN F 174 -18.30 7.44 -11.33
CA GLN F 174 -17.34 7.05 -12.35
C GLN F 174 -16.30 8.16 -12.53
N PRO F 175 -15.03 7.79 -12.73
CA PRO F 175 -14.00 8.79 -13.02
C PRO F 175 -14.03 9.17 -14.49
N LEU F 176 -13.08 9.99 -14.90
CA LEU F 176 -13.17 10.69 -16.17
C LEU F 176 -11.82 10.63 -16.88
N LYS F 177 -11.75 9.99 -18.05
CA LYS F 177 -10.47 9.86 -18.73
C LYS F 177 -10.15 11.24 -19.29
N GLU F 178 -9.00 11.76 -18.91
CA GLU F 178 -8.61 13.10 -19.32
C GLU F 178 -8.26 13.14 -20.81
N GLN F 179 -7.70 12.02 -21.25
CA GLN F 179 -7.55 11.77 -22.66
C GLN F 179 -8.08 10.39 -23.01
N PRO F 180 -9.20 10.35 -23.70
CA PRO F 180 -9.78 9.10 -24.17
C PRO F 180 -8.92 8.42 -25.23
N ALA F 181 -8.32 9.22 -26.10
CA ALA F 181 -7.61 8.68 -27.25
C ALA F 181 -6.47 7.78 -26.80
N LEU F 182 -5.74 8.22 -25.78
CA LEU F 182 -4.76 7.35 -25.16
C LEU F 182 -5.56 6.30 -24.42
N ASN F 183 -5.02 5.10 -24.31
CA ASN F 183 -5.76 4.00 -23.66
C ASN F 183 -5.40 3.71 -22.20
N ASP F 184 -4.19 4.14 -21.80
CA ASP F 184 -3.78 4.13 -20.40
C ASP F 184 -3.78 5.56 -19.87
N SER F 185 -4.86 6.27 -20.17
CA SER F 185 -5.05 7.66 -19.77
C SER F 185 -5.14 7.84 -18.27
N ARG F 186 -4.69 9.00 -17.78
CA ARG F 186 -4.84 9.34 -16.38
C ARG F 186 -6.28 9.75 -16.13
N TYR F 187 -6.72 9.74 -14.88
CA TYR F 187 -8.14 10.02 -14.59
C TYR F 187 -8.34 11.25 -13.74
N ALA F 188 -9.51 11.85 -13.86
CA ALA F 188 -9.92 12.93 -12.97
C ALA F 188 -11.17 12.46 -12.23
N LEU F 189 -11.46 13.06 -11.09
CA LEU F 189 -12.63 12.67 -10.32
C LEU F 189 -13.06 13.82 -9.41
N SER F 190 -14.34 14.16 -9.41
CA SER F 190 -14.85 15.30 -8.63
C SER F 190 -15.73 14.87 -7.45
N SER F 191 -15.78 15.71 -6.42
CA SER F 191 -16.64 15.45 -5.26
C SER F 191 -17.18 16.76 -4.67
N ARG F 192 -18.35 16.70 -4.05
CA ARG F 192 -18.93 17.89 -3.43
C ARG F 192 -19.24 17.63 -1.98
N LEU F 193 -18.99 18.64 -1.15
CA LEU F 193 -19.53 18.66 0.21
C LEU F 193 -20.39 19.91 0.34
N ARG F 194 -21.67 19.73 0.64
CA ARG F 194 -22.56 20.86 0.90
C ARG F 194 -22.84 21.03 2.40
N VAL F 195 -22.87 22.29 2.86
CA VAL F 195 -23.17 22.60 4.26
C VAL F 195 -23.97 23.89 4.38
N SER F 196 -24.55 24.12 5.56
CA SER F 196 -25.28 25.37 5.80
C SER F 196 -24.35 26.58 5.71
N ALA F 197 -24.88 27.70 5.24
CA ALA F 197 -24.11 28.93 5.16
C ALA F 197 -23.54 29.31 6.53
N THR F 198 -24.35 29.18 7.57
CA THR F 198 -23.90 29.50 8.93
C THR F 198 -22.63 28.71 9.29
N PHE F 199 -22.55 27.47 8.80
CA PHE F 199 -21.45 26.56 9.14
C PHE F 199 -20.19 26.94 8.38
N TRP F 200 -20.31 27.12 7.07
CA TRP F 200 -19.17 27.49 6.26
C TRP F 200 -18.62 28.81 6.74
N GLN F 201 -19.47 29.60 7.37
CA GLN F 201 -19.11 30.98 7.72
C GLN F 201 -18.29 31.10 9.01
N ASN F 202 -18.50 30.17 9.93
CA ASN F 202 -17.65 30.01 11.10
C ASN F 202 -16.25 29.68 10.65
N PRO F 203 -15.27 30.58 10.87
CA PRO F 203 -13.92 30.37 10.34
C PRO F 203 -13.04 29.55 11.28
N ARG F 204 -13.67 28.87 12.22
CA ARG F 204 -13.02 27.89 13.06
C ARG F 204 -13.41 26.49 12.56
N ASN F 205 -13.93 26.46 11.33
CA ASN F 205 -14.25 25.22 10.67
C ASN F 205 -13.20 24.85 9.63
N HIS F 206 -12.65 23.65 9.79
CA HIS F 206 -11.60 23.12 8.93
C HIS F 206 -12.18 22.08 7.96
N PHE F 207 -11.98 22.32 6.67
CA PHE F 207 -12.42 21.37 5.64
C PHE F 207 -11.23 20.72 4.92
N ARG F 208 -11.16 19.40 4.92
CA ARG F 208 -10.10 18.71 4.19
C ARG F 208 -10.68 17.69 3.25
N CYS F 209 -10.20 17.74 2.01
CA CYS F 209 -10.52 16.73 1.02
C CYS F 209 -9.34 15.79 0.94
N GLN F 210 -9.58 14.53 1.27
CA GLN F 210 -8.49 13.55 1.41
C GLN F 210 -8.57 12.43 0.39
N VAL F 211 -7.52 12.30 -0.43
CA VAL F 211 -7.52 11.23 -1.42
C VAL F 211 -6.46 10.17 -1.17
N GLN F 212 -6.91 8.95 -0.91
CA GLN F 212 -6.02 7.81 -0.76
C GLN F 212 -5.63 7.32 -2.15
N PHE F 213 -4.34 7.27 -2.43
CA PHE F 213 -3.88 6.75 -3.70
C PHE F 213 -3.19 5.42 -3.48
N TYR F 214 -3.55 4.42 -4.28
CA TYR F 214 -2.94 3.11 -4.16
C TYR F 214 -2.08 2.91 -5.37
N GLY F 215 -0.78 2.86 -5.14
CA GLY F 215 0.15 2.88 -6.23
C GLY F 215 1.29 1.95 -5.93
N LEU F 216 2.51 2.37 -6.25
CA LEU F 216 3.68 1.49 -6.17
C LEU F 216 4.12 1.21 -4.75
N SER F 217 4.88 0.12 -4.59
CA SER F 217 5.27 -0.41 -3.30
C SER F 217 6.70 -0.06 -2.97
N GLU F 218 7.02 -0.09 -1.69
CA GLU F 218 8.34 0.25 -1.22
C GLU F 218 9.43 -0.47 -2.04
N ASN F 219 9.14 -1.66 -2.53
CA ASN F 219 10.13 -2.40 -3.30
C ASN F 219 9.68 -2.80 -4.73
N ASP F 220 9.22 -1.80 -5.48
CA ASP F 220 9.09 -1.90 -6.93
C ASP F 220 10.21 -1.00 -7.37
N GLU F 221 11.03 -1.41 -8.33
CA GLU F 221 12.06 -0.48 -8.80
C GLU F 221 11.44 0.69 -9.56
N TRP F 222 12.11 1.83 -9.55
CA TRP F 222 11.60 3.00 -10.23
C TRP F 222 12.71 3.66 -11.01
N THR F 223 12.53 3.73 -12.32
CA THR F 223 13.55 4.26 -13.22
C THR F 223 12.98 5.38 -14.06
N GLN F 224 12.39 6.37 -13.41
CA GLN F 224 11.81 7.49 -14.12
C GLN F 224 12.33 8.82 -13.57
N ASP F 225 12.41 9.84 -14.43
CA ASP F 225 12.93 11.11 -13.95
C ASP F 225 11.92 11.94 -13.16
N ARG F 226 11.12 11.30 -12.34
CA ARG F 226 10.22 12.02 -11.46
C ARG F 226 10.08 11.30 -10.14
N ALA F 227 9.15 11.77 -9.31
CA ALA F 227 8.98 11.12 -8.02
C ALA F 227 8.31 9.75 -8.20
N LYS F 228 8.71 8.78 -7.38
CA LYS F 228 8.09 7.44 -7.39
C LYS F 228 6.62 7.56 -6.95
N PRO F 229 5.70 7.22 -7.87
CA PRO F 229 4.24 7.33 -7.71
C PRO F 229 3.77 6.21 -6.81
N VAL F 230 4.25 6.33 -5.60
CA VAL F 230 4.13 5.35 -4.57
C VAL F 230 2.75 5.51 -3.88
N THR F 231 2.28 4.48 -3.19
CA THR F 231 1.03 4.56 -2.42
C THR F 231 1.08 5.67 -1.36
N GLN F 232 0.06 6.54 -1.33
CA GLN F 232 0.12 7.77 -0.53
C GLN F 232 -1.19 8.49 -0.34
N ILE F 233 -1.20 9.44 0.60
CA ILE F 233 -2.35 10.35 0.76
C ILE F 233 -2.00 11.72 0.20
N VAL F 234 -2.99 12.34 -0.44
CA VAL F 234 -2.84 13.66 -1.02
C VAL F 234 -4.10 14.38 -0.64
N SER F 235 -3.94 15.51 0.05
CA SER F 235 -5.07 16.31 0.55
C SER F 235 -5.05 17.75 0.05
N ALA F 236 -6.17 18.42 0.29
CA ALA F 236 -6.28 19.85 0.09
C ALA F 236 -7.21 20.36 1.18
N GLU F 237 -6.89 21.51 1.77
CA GLU F 237 -7.73 22.03 2.83
C GLU F 237 -8.40 23.35 2.48
N ALA F 238 -9.33 23.76 3.34
CA ALA F 238 -9.86 25.12 3.36
C ALA F 238 -10.44 25.41 4.74
N TRP F 239 -10.54 26.70 5.07
CA TRP F 239 -11.14 27.13 6.33
C TRP F 239 -12.35 27.99 6.05
N GLY F 240 -13.32 27.97 6.96
CA GLY F 240 -14.44 28.90 6.89
C GLY F 240 -14.17 30.39 6.73
N ARG F 241 -15.08 31.02 5.98
CA ARG F 241 -15.11 32.47 5.74
C ARG F 241 -16.41 33.07 6.26
N ALA F 242 -16.31 34.16 7.04
CA ALA F 242 -17.39 35.07 7.50
C ALA F 242 -18.11 36.02 6.50
N ASP F 243 -17.34 36.56 5.56
CA ASP F 243 -17.79 37.49 4.53
C ASP F 243 -19.31 37.72 4.49
N GLY G 2 -53.08 -49.15 -9.02
CA GLY G 2 -53.16 -49.13 -7.56
C GLY G 2 -52.33 -48.02 -6.94
N PRO G 3 -51.87 -48.20 -5.67
CA PRO G 3 -50.83 -47.36 -5.02
C PRO G 3 -49.41 -47.64 -5.53
N HIS G 4 -48.47 -46.75 -5.23
CA HIS G 4 -47.09 -46.89 -5.70
C HIS G 4 -46.14 -46.20 -4.75
N SER G 5 -44.86 -46.41 -4.96
CA SER G 5 -43.83 -45.79 -4.13
C SER G 5 -42.56 -45.58 -4.89
N MET G 6 -41.72 -44.68 -4.39
CA MET G 6 -40.40 -44.45 -4.93
C MET G 6 -39.50 -44.19 -3.74
N ARG G 7 -38.33 -44.81 -3.74
CA ARG G 7 -37.35 -44.61 -2.69
C ARG G 7 -35.96 -44.48 -3.28
N TYR G 8 -35.12 -43.66 -2.68
CA TYR G 8 -33.73 -43.61 -3.08
C TYR G 8 -32.90 -43.60 -1.82
N TYR G 9 -31.91 -44.47 -1.72
CA TYR G 9 -31.04 -44.51 -0.56
C TYR G 9 -29.59 -44.19 -0.93
N GLU G 10 -28.94 -43.38 -0.10
CA GLU G 10 -27.51 -43.10 -0.24
C GLU G 10 -26.86 -43.44 1.08
N THR G 11 -25.67 -44.02 1.03
CA THR G 11 -24.87 -44.21 2.24
C THR G 11 -23.45 -43.79 1.95
N ALA G 12 -22.82 -43.12 2.91
CA ALA G 12 -21.42 -42.74 2.82
C ALA G 12 -20.72 -43.28 4.06
N THR G 13 -19.61 -43.98 3.86
CA THR G 13 -18.95 -44.60 5.00
C THR G 13 -17.54 -44.09 5.05
N SER G 14 -17.17 -43.43 6.13
CA SER G 14 -15.83 -42.88 6.24
C SER G 14 -14.85 -44.02 6.37
N ARG G 15 -13.63 -43.78 5.93
CA ARG G 15 -12.58 -44.77 5.98
C ARG G 15 -11.66 -44.49 7.16
N ARG G 16 -10.70 -45.38 7.40
CA ARG G 16 -9.65 -45.14 8.40
C ARG G 16 -8.36 -44.61 7.76
N GLY G 19 -8.21 -41.10 3.42
CA GLY G 19 -9.17 -41.68 2.51
C GLY G 19 -10.44 -40.88 2.24
N GLU G 20 -11.05 -41.08 1.07
CA GLU G 20 -12.37 -40.54 0.77
C GLU G 20 -13.44 -41.61 0.99
N PRO G 21 -14.59 -41.21 1.54
CA PRO G 21 -15.66 -42.12 1.96
C PRO G 21 -16.21 -42.99 0.83
N ARG G 22 -16.44 -44.25 1.15
CA ARG G 22 -17.14 -45.20 0.30
C ARG G 22 -18.62 -44.77 0.14
N TYR G 23 -18.97 -44.15 -0.98
CA TYR G 23 -20.34 -43.69 -1.24
C TYR G 23 -21.13 -44.72 -2.05
N THR G 24 -22.42 -44.84 -1.75
CA THR G 24 -23.28 -45.85 -2.35
C THR G 24 -24.69 -45.34 -2.53
N SER G 25 -25.38 -45.79 -3.56
CA SER G 25 -26.77 -45.39 -3.76
C SER G 25 -27.57 -46.44 -4.48
N VAL G 26 -28.87 -46.40 -4.29
CA VAL G 26 -29.74 -47.40 -4.90
C VAL G 26 -31.15 -46.83 -4.91
N GLY G 27 -31.88 -47.05 -6.01
CA GLY G 27 -33.22 -46.52 -6.14
C GLY G 27 -34.22 -47.61 -6.38
N TYR G 28 -35.43 -47.42 -5.89
CA TYR G 28 -36.49 -48.39 -6.04
C TYR G 28 -37.75 -47.68 -6.48
N VAL G 29 -38.53 -48.28 -7.36
CA VAL G 29 -39.95 -47.97 -7.40
C VAL G 29 -40.70 -49.24 -7.21
N ASP G 30 -41.68 -49.23 -6.33
CA ASP G 30 -42.48 -50.42 -6.07
C ASP G 30 -41.64 -51.64 -5.72
N ASP G 31 -40.73 -51.50 -4.77
CA ASP G 31 -39.94 -52.64 -4.30
C ASP G 31 -39.14 -53.37 -5.39
N LYS G 32 -38.78 -52.67 -6.45
CA LYS G 32 -37.83 -53.17 -7.45
C LYS G 32 -36.71 -52.16 -7.71
N GLU G 33 -35.49 -52.64 -7.78
CA GLU G 33 -34.36 -51.76 -8.02
C GLU G 33 -34.43 -51.23 -9.44
N PHE G 34 -34.07 -49.97 -9.62
CA PHE G 34 -34.02 -49.42 -10.96
C PHE G 34 -32.69 -48.73 -11.22
N VAL G 35 -31.87 -48.60 -10.20
CA VAL G 35 -30.50 -48.16 -10.41
C VAL G 35 -29.68 -48.29 -9.15
N ARG G 36 -28.37 -48.37 -9.31
CA ARG G 36 -27.49 -48.55 -8.18
C ARG G 36 -26.18 -47.86 -8.50
N PHE G 37 -25.44 -47.51 -7.48
CA PHE G 37 -24.12 -46.99 -7.68
C PHE G 37 -23.23 -47.34 -6.49
N ASP G 38 -21.98 -47.66 -6.78
CA ASP G 38 -21.03 -48.07 -5.75
C ASP G 38 -19.63 -47.63 -6.15
N SER G 39 -19.00 -46.77 -5.35
CA SER G 39 -17.64 -46.33 -5.68
C SER G 39 -16.61 -47.36 -5.22
N ASP G 40 -16.88 -48.63 -5.53
CA ASP G 40 -16.06 -49.74 -5.08
C ASP G 40 -15.80 -50.75 -6.18
N ALA G 41 -16.62 -50.74 -7.21
CA ALA G 41 -16.36 -51.58 -8.37
C ALA G 41 -15.35 -50.81 -9.22
N GLU G 42 -14.55 -51.50 -10.02
CA GLU G 42 -13.40 -50.84 -10.66
C GLU G 42 -13.78 -49.54 -11.39
N ASN G 43 -14.87 -49.58 -12.14
CA ASN G 43 -15.46 -48.36 -12.66
C ASN G 43 -16.59 -47.87 -11.77
N PRO G 44 -16.49 -46.63 -11.30
CA PRO G 44 -17.62 -46.05 -10.58
C PRO G 44 -18.67 -45.71 -11.62
N ARG G 45 -19.59 -46.63 -11.91
CA ARG G 45 -20.68 -46.37 -12.86
C ARG G 45 -22.10 -46.64 -12.34
N TYR G 46 -23.07 -45.84 -12.78
CA TYR G 46 -24.47 -45.98 -12.40
C TYR G 46 -24.99 -47.14 -13.23
N GLU G 47 -25.55 -48.16 -12.60
CA GLU G 47 -26.01 -49.36 -13.31
C GLU G 47 -27.53 -49.52 -13.32
N PRO G 48 -28.21 -48.93 -14.33
CA PRO G 48 -29.66 -49.10 -14.45
C PRO G 48 -30.00 -50.57 -14.40
N GLN G 49 -31.09 -50.95 -13.73
CA GLN G 49 -31.43 -52.34 -13.54
C GLN G 49 -32.73 -52.67 -14.25
N VAL G 50 -33.16 -51.77 -15.11
CA VAL G 50 -34.49 -51.87 -15.67
C VAL G 50 -34.50 -51.40 -17.13
N PRO G 51 -35.16 -52.17 -18.01
CA PRO G 51 -34.98 -51.98 -19.45
C PRO G 51 -35.15 -50.54 -19.94
N TRP G 52 -36.19 -49.84 -19.48
CA TRP G 52 -36.48 -48.51 -19.99
C TRP G 52 -35.58 -47.34 -19.62
N MET G 53 -34.59 -47.60 -18.76
CA MET G 53 -33.60 -46.58 -18.41
C MET G 53 -32.21 -46.86 -18.98
N GLU G 54 -32.07 -47.96 -19.70
CA GLU G 54 -30.78 -48.39 -20.25
C GLU G 54 -30.59 -47.69 -21.57
N GLN G 55 -31.65 -47.67 -22.37
CA GLN G 55 -31.60 -47.00 -23.65
C GLN G 55 -31.66 -45.47 -23.50
N GLU G 56 -30.81 -44.92 -22.64
CA GLU G 56 -30.70 -43.48 -22.52
C GLU G 56 -29.32 -42.96 -22.90
N GLY G 57 -29.29 -41.71 -23.36
CA GLY G 57 -28.06 -41.10 -23.85
C GLY G 57 -26.98 -41.00 -22.78
N PRO G 58 -25.74 -41.38 -23.12
CA PRO G 58 -24.68 -41.37 -22.12
C PRO G 58 -24.31 -39.96 -21.64
N GLU G 59 -24.94 -38.91 -22.18
CA GLU G 59 -24.77 -37.56 -21.63
C GLU G 59 -25.84 -37.26 -20.56
N TYR G 60 -26.76 -38.20 -20.42
CA TYR G 60 -27.73 -38.20 -19.33
C TYR G 60 -27.00 -38.71 -18.09
N TRP G 61 -26.38 -39.87 -18.22
CA TRP G 61 -25.64 -40.47 -17.13
C TRP G 61 -24.41 -39.67 -16.79
N GLU G 62 -23.93 -38.88 -17.75
CA GLU G 62 -22.87 -37.94 -17.44
C GLU G 62 -23.39 -36.94 -16.43
N ARG G 63 -24.43 -36.20 -16.79
CA ARG G 63 -24.96 -35.26 -15.83
C ARG G 63 -25.19 -35.88 -14.45
N ILE G 64 -25.76 -37.09 -14.42
CA ILE G 64 -26.05 -37.70 -13.14
C ILE G 64 -24.77 -37.90 -12.36
N THR G 65 -23.71 -38.31 -13.04
CA THR G 65 -22.45 -38.60 -12.37
C THR G 65 -21.81 -37.35 -11.79
N GLN G 66 -21.83 -36.28 -12.57
CA GLN G 66 -21.30 -35.00 -12.13
C GLN G 66 -21.94 -34.65 -10.78
N VAL G 67 -23.26 -34.78 -10.70
CA VAL G 67 -23.99 -34.50 -9.48
C VAL G 67 -23.45 -35.32 -8.32
N ALA G 68 -23.29 -36.62 -8.54
CA ALA G 68 -22.79 -37.51 -7.50
C ALA G 68 -21.46 -37.05 -6.93
N LYS G 69 -20.51 -36.69 -7.78
CA LYS G 69 -19.23 -36.22 -7.26
C LYS G 69 -19.43 -35.08 -6.24
N GLY G 70 -20.39 -34.20 -6.50
CA GLY G 70 -20.73 -33.16 -5.53
C GLY G 70 -21.30 -33.77 -4.27
N GLN G 71 -22.38 -34.52 -4.42
CA GLN G 71 -22.99 -35.18 -3.28
C GLN G 71 -21.96 -35.90 -2.38
N GLU G 72 -20.95 -36.49 -2.99
CA GLU G 72 -19.95 -37.23 -2.23
C GLU G 72 -19.17 -36.24 -1.40
N GLN G 73 -18.75 -35.16 -2.05
CA GLN G 73 -17.97 -34.15 -1.36
C GLN G 73 -18.78 -33.58 -0.21
N TRP G 74 -20.09 -33.48 -0.39
CA TRP G 74 -20.97 -33.09 0.69
C TRP G 74 -20.90 -34.07 1.84
N PHE G 75 -21.06 -35.36 1.53
CA PHE G 75 -21.00 -36.39 2.57
C PHE G 75 -19.71 -36.35 3.39
N ARG G 76 -18.58 -36.17 2.72
CA ARG G 76 -17.31 -36.24 3.42
C ARG G 76 -17.20 -35.08 4.39
N VAL G 77 -17.71 -33.93 3.98
CA VAL G 77 -17.65 -32.74 4.82
C VAL G 77 -18.53 -32.95 6.03
N ASN G 78 -19.77 -33.40 5.82
CA ASN G 78 -20.72 -33.53 6.90
C ASN G 78 -20.46 -34.70 7.83
N LEU G 79 -19.96 -35.81 7.27
CA LEU G 79 -19.54 -36.94 8.08
C LEU G 79 -18.61 -36.47 9.20
N ARG G 80 -17.81 -35.45 8.87
CA ARG G 80 -16.81 -34.90 9.76
C ARG G 80 -17.55 -34.01 10.79
N THR G 81 -18.58 -33.31 10.36
CA THR G 81 -19.30 -32.48 11.34
C THR G 81 -19.97 -33.37 12.37
N LEU G 82 -20.51 -34.51 11.94
CA LEU G 82 -21.01 -35.51 12.89
C LEU G 82 -20.09 -36.04 13.97
N LEU G 83 -18.90 -36.50 13.58
CA LEU G 83 -17.90 -36.93 14.57
C LEU G 83 -17.58 -35.85 15.62
N GLY G 84 -17.88 -34.62 15.20
CA GLY G 84 -17.72 -33.47 16.05
C GLY G 84 -18.86 -33.57 17.05
N TYR G 85 -20.08 -33.44 16.54
CA TYR G 85 -21.29 -33.52 17.36
C TYR G 85 -21.26 -34.62 18.42
N TYR G 86 -20.62 -35.75 18.11
CA TYR G 86 -20.69 -36.93 18.97
C TYR G 86 -19.39 -37.21 19.67
N ASN G 87 -18.46 -36.26 19.60
CA ASN G 87 -17.17 -36.44 20.28
C ASN G 87 -16.44 -37.72 19.92
N GLN G 88 -16.49 -38.10 18.64
CA GLN G 88 -15.97 -39.41 18.25
C GLN G 88 -14.55 -39.33 17.73
N SER G 89 -13.79 -40.38 18.05
CA SER G 89 -12.39 -40.50 17.62
C SER G 89 -12.23 -40.36 16.12
N ALA G 90 -11.16 -39.68 15.71
CA ALA G 90 -10.94 -39.40 14.29
C ALA G 90 -10.54 -40.66 13.48
N GLY G 91 -9.99 -41.66 14.16
CA GLY G 91 -9.51 -42.85 13.49
C GLY G 91 -10.53 -43.85 12.95
N GLY G 92 -11.75 -43.82 13.49
CA GLY G 92 -12.75 -44.86 13.26
C GLY G 92 -13.58 -44.82 11.98
N THR G 93 -14.59 -45.69 11.94
CA THR G 93 -15.42 -45.90 10.76
C THR G 93 -16.89 -45.55 11.01
N HIS G 94 -17.42 -44.56 10.29
CA HIS G 94 -18.80 -44.17 10.51
C HIS G 94 -19.64 -44.13 9.23
N THR G 95 -20.95 -44.26 9.38
CA THR G 95 -21.82 -44.30 8.22
C THR G 95 -22.99 -43.35 8.32
N LEU G 96 -23.01 -42.32 7.49
CA LEU G 96 -24.18 -41.47 7.35
C LEU G 96 -25.05 -42.00 6.23
N GLN G 97 -26.33 -42.24 6.52
CA GLN G 97 -27.23 -42.74 5.50
C GLN G 97 -28.41 -41.80 5.27
N ARG G 98 -28.87 -41.72 4.03
CA ARG G 98 -29.96 -40.81 3.70
C ARG G 98 -31.01 -41.46 2.80
N MET G 99 -32.28 -41.28 3.11
CA MET G 99 -33.34 -41.81 2.26
C MET G 99 -34.34 -40.72 1.91
N TYR G 100 -34.75 -40.65 0.64
CA TYR G 100 -35.88 -39.84 0.27
C TYR G 100 -36.84 -40.60 -0.62
N GLY G 101 -37.97 -39.99 -0.95
CA GLY G 101 -38.96 -40.62 -1.80
C GLY G 101 -40.39 -40.22 -1.47
N CYS G 102 -41.34 -40.89 -2.11
CA CYS G 102 -42.76 -40.62 -1.91
C CYS G 102 -43.62 -41.86 -2.09
N ASP G 103 -44.79 -41.88 -1.44
CA ASP G 103 -45.85 -42.83 -1.75
C ASP G 103 -46.97 -42.04 -2.44
N VAL G 104 -47.33 -42.36 -3.68
CA VAL G 104 -48.59 -41.83 -4.20
C VAL G 104 -49.67 -42.90 -4.09
N GLY G 105 -50.90 -42.46 -3.93
CA GLY G 105 -52.02 -43.39 -3.82
C GLY G 105 -52.67 -43.78 -5.13
N SER G 106 -53.84 -44.41 -5.02
CA SER G 106 -54.60 -44.89 -6.17
C SER G 106 -54.89 -43.74 -7.13
N ASP G 107 -55.08 -42.54 -6.57
CA ASP G 107 -55.48 -41.34 -7.33
C ASP G 107 -54.35 -40.59 -8.05
N GLY G 108 -53.10 -40.93 -7.73
CA GLY G 108 -51.94 -40.25 -8.27
C GLY G 108 -51.52 -39.04 -7.44
N ARG G 109 -52.24 -38.81 -6.35
CA ARG G 109 -51.97 -37.70 -5.46
C ARG G 109 -51.00 -38.18 -4.40
N LEU G 110 -49.99 -37.35 -4.08
CA LEU G 110 -49.03 -37.72 -3.06
C LEU G 110 -49.76 -38.04 -1.77
N LEU G 111 -49.33 -39.12 -1.16
CA LEU G 111 -49.93 -39.61 0.06
C LEU G 111 -48.95 -39.34 1.18
N ARG G 112 -47.68 -39.52 0.87
CA ARG G 112 -46.62 -39.19 1.81
C ARG G 112 -45.28 -38.94 1.16
N GLY G 113 -44.44 -38.18 1.84
CA GLY G 113 -43.12 -37.85 1.34
C GLY G 113 -42.08 -38.08 2.41
N TYR G 114 -40.90 -38.51 2.01
CA TYR G 114 -39.84 -38.82 2.99
C TYR G 114 -38.55 -38.04 2.72
N GLU G 115 -37.87 -37.69 3.80
CA GLU G 115 -36.52 -37.13 3.71
C GLU G 115 -35.92 -37.34 5.09
N GLN G 116 -34.89 -38.17 5.18
CA GLN G 116 -34.39 -38.58 6.49
C GLN G 116 -32.98 -39.19 6.48
N PHE G 117 -32.26 -38.98 7.59
CA PHE G 117 -30.90 -39.45 7.73
C PHE G 117 -30.82 -40.32 8.97
N ALA G 118 -29.97 -41.33 8.90
CA ALA G 118 -29.63 -42.10 10.07
C ALA G 118 -28.13 -42.07 10.14
N TYR G 119 -27.59 -42.10 11.34
CA TYR G 119 -26.15 -42.07 11.51
C TYR G 119 -25.72 -43.25 12.36
N ASP G 120 -24.75 -44.02 11.85
CA ASP G 120 -24.22 -45.15 12.58
C ASP G 120 -25.29 -46.13 12.98
N GLY G 121 -26.29 -46.30 12.14
CA GLY G 121 -27.34 -47.25 12.41
C GLY G 121 -28.58 -46.68 13.08
N CYS G 122 -28.38 -45.59 13.81
CA CYS G 122 -29.44 -45.02 14.63
C CYS G 122 -30.11 -43.83 13.93
N ASP G 123 -31.42 -43.67 14.06
CA ASP G 123 -32.13 -42.56 13.45
C ASP G 123 -31.49 -41.26 13.87
N TYR G 124 -31.41 -40.31 12.96
CA TYR G 124 -30.83 -39.01 13.29
C TYR G 124 -31.83 -37.89 13.14
N ILE G 125 -32.32 -37.65 11.94
CA ILE G 125 -33.33 -36.62 11.74
C ILE G 125 -34.23 -36.99 10.59
N ALA G 126 -35.48 -36.53 10.63
CA ALA G 126 -36.47 -36.99 9.66
C ALA G 126 -37.57 -35.97 9.47
N LEU G 127 -37.88 -35.66 8.21
CA LEU G 127 -38.97 -34.75 7.86
C LEU G 127 -40.33 -35.40 8.14
N ASN G 128 -41.16 -34.73 8.94
CA ASN G 128 -42.44 -35.28 9.39
C ASN G 128 -43.47 -35.22 8.28
N GLU G 129 -44.55 -35.99 8.45
CA GLU G 129 -45.55 -36.12 7.39
C GLU G 129 -46.02 -34.77 6.90
N ASP G 130 -45.90 -33.77 7.76
CA ASP G 130 -46.39 -32.45 7.41
C ASP G 130 -45.50 -31.77 6.37
N LEU G 131 -44.27 -32.25 6.26
CA LEU G 131 -43.34 -31.64 5.34
C LEU G 131 -43.04 -30.24 5.79
N ARG G 132 -43.19 -30.00 7.08
CA ARG G 132 -42.87 -28.69 7.63
C ARG G 132 -42.06 -28.74 8.88
N THR G 133 -41.95 -29.92 9.48
CA THR G 133 -41.27 -30.03 10.75
C THR G 133 -40.29 -31.15 10.74
N TRP G 134 -39.35 -31.13 11.67
CA TRP G 134 -38.33 -32.16 11.66
C TRP G 134 -38.42 -32.88 12.97
N THR G 135 -38.07 -34.16 12.97
CA THR G 135 -38.01 -34.89 14.23
C THR G 135 -36.57 -35.24 14.54
N ALA G 136 -36.07 -34.77 15.69
CA ALA G 136 -34.65 -34.94 16.02
C ALA G 136 -34.40 -35.97 17.11
N ALA G 137 -33.74 -37.06 16.73
CA ALA G 137 -33.47 -38.16 17.65
C ALA G 137 -32.78 -37.72 18.94
N ASP G 138 -31.80 -36.84 18.83
CA ASP G 138 -31.05 -36.47 20.01
C ASP G 138 -30.52 -35.04 20.01
N MET G 139 -29.55 -34.80 20.88
CA MET G 139 -29.04 -33.45 21.10
C MET G 139 -28.33 -32.95 19.84
N ALA G 140 -27.55 -33.82 19.22
CA ALA G 140 -26.88 -33.45 17.99
C ALA G 140 -27.93 -33.08 16.96
N ALA G 141 -28.84 -34.00 16.69
CA ALA G 141 -29.86 -33.76 15.68
C ALA G 141 -30.66 -32.44 15.68
N GLN G 142 -31.03 -31.96 16.87
CA GLN G 142 -31.77 -30.70 16.96
C GLN G 142 -30.93 -29.54 16.41
N ILE G 143 -29.63 -29.57 16.69
CA ILE G 143 -28.71 -28.54 16.20
C ILE G 143 -29.00 -28.48 14.71
N THR G 144 -28.86 -29.63 14.05
CA THR G 144 -29.12 -29.73 12.62
C THR G 144 -30.46 -29.15 12.29
N ARG G 145 -31.48 -29.61 13.01
CA ARG G 145 -32.83 -29.13 12.79
C ARG G 145 -32.94 -27.60 12.87
N ARG G 146 -32.20 -27.03 13.82
CA ARG G 146 -32.20 -25.57 13.98
C ARG G 146 -31.69 -24.96 12.70
N LYS G 147 -30.53 -25.42 12.24
CA LYS G 147 -29.95 -24.91 11.00
C LYS G 147 -30.95 -25.05 9.86
N TRP G 148 -31.58 -26.22 9.75
CA TRP G 148 -32.48 -26.49 8.65
C TRP G 148 -33.79 -25.73 8.83
N GLU G 149 -34.22 -25.60 10.08
CA GLU G 149 -35.39 -24.77 10.37
C GLU G 149 -35.18 -23.36 9.84
N GLN G 150 -34.05 -22.76 10.20
CA GLN G 150 -33.81 -21.41 9.78
C GLN G 150 -33.44 -21.30 8.28
N ALA G 151 -32.82 -22.35 7.74
CA ALA G 151 -32.35 -22.33 6.34
C ALA G 151 -33.47 -22.62 5.38
N GLY G 152 -34.50 -23.29 5.89
CA GLY G 152 -35.70 -23.52 5.10
C GLY G 152 -35.64 -24.84 4.37
N ALA G 153 -35.00 -25.80 5.01
CA ALA G 153 -34.73 -27.07 4.37
C ALA G 153 -36.05 -27.76 4.04
N ALA G 154 -36.94 -27.88 5.02
CA ALA G 154 -38.24 -28.50 4.80
C ALA G 154 -39.00 -27.94 3.57
N GLU G 155 -38.95 -26.63 3.36
CA GLU G 155 -39.63 -26.05 2.21
C GLU G 155 -38.96 -26.51 0.92
N TYR G 156 -37.63 -26.49 0.92
CA TYR G 156 -36.85 -26.95 -0.23
C TYR G 156 -37.31 -28.32 -0.72
N TYR G 157 -37.52 -29.23 0.21
CA TYR G 157 -37.82 -30.60 -0.16
C TYR G 157 -39.30 -30.89 -0.35
N ARG G 158 -40.14 -30.05 0.24
CA ARG G 158 -41.56 -30.13 -0.07
C ARG G 158 -41.71 -29.89 -1.55
N ALA G 159 -41.03 -28.88 -2.07
CA ALA G 159 -41.16 -28.56 -3.50
C ALA G 159 -40.93 -29.80 -4.35
N TYR G 160 -39.86 -30.50 -4.03
CA TYR G 160 -39.53 -31.75 -4.70
C TYR G 160 -40.61 -32.83 -4.46
N LEU G 161 -40.73 -33.28 -3.22
CA LEU G 161 -41.64 -34.36 -2.87
C LEU G 161 -43.05 -34.24 -3.44
N GLU G 162 -43.69 -33.08 -3.30
CA GLU G 162 -45.05 -32.89 -3.80
C GLU G 162 -45.13 -32.71 -5.31
N GLY G 163 -44.00 -32.44 -5.96
CA GLY G 163 -44.02 -32.14 -7.37
C GLY G 163 -43.25 -33.14 -8.24
N GLU G 164 -41.95 -32.94 -8.34
CA GLU G 164 -41.09 -33.78 -9.17
C GLU G 164 -41.07 -35.26 -8.75
N CYS G 165 -40.97 -35.54 -7.45
CA CYS G 165 -40.92 -36.92 -6.99
C CYS G 165 -42.14 -37.69 -7.46
N VAL G 166 -43.29 -37.04 -7.51
CA VAL G 166 -44.50 -37.71 -7.97
C VAL G 166 -44.55 -37.74 -9.49
N GLU G 167 -44.18 -36.63 -10.13
CA GLU G 167 -44.16 -36.55 -11.59
C GLU G 167 -43.23 -37.60 -12.21
N TRP G 168 -42.13 -37.90 -11.55
CA TRP G 168 -41.16 -38.83 -12.12
C TRP G 168 -41.63 -40.26 -11.94
N LEU G 169 -42.18 -40.59 -10.80
CA LEU G 169 -42.63 -41.94 -10.59
C LEU G 169 -43.65 -42.26 -11.63
N HIS G 170 -44.51 -41.32 -11.94
CA HIS G 170 -45.52 -41.59 -12.93
C HIS G 170 -44.97 -41.88 -14.30
N ARG G 171 -44.04 -41.07 -14.76
CA ARG G 171 -43.51 -41.27 -16.09
C ARG G 171 -42.82 -42.58 -16.15
N TYR G 172 -42.08 -42.86 -15.09
CA TYR G 172 -41.32 -44.10 -14.92
C TYR G 172 -42.27 -45.28 -15.04
N LEU G 173 -43.29 -45.33 -14.20
CA LEU G 173 -44.32 -46.35 -14.28
C LEU G 173 -44.97 -46.39 -15.64
N LYS G 174 -45.05 -45.26 -16.32
CA LYS G 174 -45.65 -45.25 -17.64
C LYS G 174 -44.75 -45.86 -18.70
N ASN G 175 -43.44 -45.78 -18.56
CA ASN G 175 -42.54 -46.22 -19.61
C ASN G 175 -42.17 -47.69 -19.50
N GLY G 176 -42.40 -48.25 -18.32
CA GLY G 176 -42.25 -49.67 -18.13
C GLY G 176 -43.60 -50.35 -18.06
N ASN G 177 -43.72 -51.48 -18.76
CA ASN G 177 -44.91 -52.35 -18.67
C ASN G 177 -44.77 -53.89 -18.91
N ALA G 178 -45.66 -54.66 -18.31
CA ALA G 178 -45.64 -56.11 -18.43
C ALA G 178 -44.89 -56.53 -19.69
N PHE H 1 -34.40 -38.19 -11.46
CA PHE H 1 -34.84 -38.81 -10.21
C PHE H 1 -33.89 -38.38 -9.13
N LEU H 2 -33.33 -37.20 -9.29
CA LEU H 2 -32.34 -36.72 -8.36
C LEU H 2 -32.80 -35.57 -7.50
N SER H 3 -32.50 -35.68 -6.21
CA SER H 3 -32.78 -34.66 -5.25
C SER H 3 -31.59 -34.57 -4.34
N PRO H 4 -30.50 -34.04 -4.88
CA PRO H 4 -29.28 -33.88 -4.09
C PRO H 4 -29.56 -33.13 -2.80
N PHE H 5 -28.76 -33.38 -1.78
CA PHE H 5 -28.91 -32.71 -0.48
C PHE H 5 -27.69 -31.83 -0.15
N TRP H 6 -27.86 -30.52 -0.22
CA TRP H 6 -26.73 -29.61 -0.11
C TRP H 6 -26.68 -28.87 1.21
N PHE H 7 -27.67 -29.05 2.08
CA PHE H 7 -27.77 -28.22 3.29
C PHE H 7 -26.75 -28.62 4.34
N ASP H 8 -25.94 -27.69 4.82
CA ASP H 8 -25.06 -28.02 5.94
C ASP H 8 -25.78 -28.78 7.02
N ILE H 9 -25.20 -29.86 7.48
CA ILE H 9 -25.68 -30.51 8.67
C ILE H 9 -25.10 -29.75 9.87
N ALA I 4 16.53 -32.48 -41.99
CA ALA I 4 15.85 -31.29 -41.42
C ALA I 4 15.15 -30.59 -42.56
N GLN I 5 14.67 -29.38 -42.28
CA GLN I 5 14.40 -28.36 -43.28
C GLN I 5 14.92 -27.05 -42.67
N SER I 6 16.02 -26.55 -43.21
CA SER I 6 16.64 -25.36 -42.64
C SER I 6 16.44 -24.29 -43.73
N VAL I 7 16.87 -23.07 -43.45
CA VAL I 7 16.99 -22.04 -44.48
C VAL I 7 18.34 -21.43 -44.23
N THR I 8 19.04 -21.01 -45.27
CA THR I 8 20.36 -20.42 -45.10
C THR I 8 20.52 -19.04 -45.71
N GLN I 9 21.06 -18.12 -44.91
CA GLN I 9 21.42 -16.77 -45.36
C GLN I 9 22.92 -16.68 -45.40
N PRO I 10 23.47 -16.22 -46.54
CA PRO I 10 24.89 -16.28 -46.86
C PRO I 10 25.73 -15.30 -46.07
N ASP I 11 25.22 -14.08 -45.84
CA ASP I 11 26.02 -13.00 -45.26
C ASP I 11 25.40 -12.41 -44.02
N ALA I 12 26.17 -12.33 -42.93
CA ALA I 12 25.67 -11.79 -41.67
C ALA I 12 25.67 -10.26 -41.69
N ARG I 13 26.65 -9.68 -42.36
CA ARG I 13 26.78 -8.24 -42.44
C ARG I 13 26.70 -7.80 -43.90
N VAL I 14 25.98 -6.71 -44.16
CA VAL I 14 25.81 -6.18 -45.52
C VAL I 14 25.52 -4.69 -45.55
N THR I 15 26.23 -3.96 -46.41
CA THR I 15 26.14 -2.50 -46.48
C THR I 15 25.87 -2.01 -47.90
N VAL I 16 24.93 -1.06 -48.04
CA VAL I 16 24.64 -0.43 -49.34
C VAL I 16 24.25 1.03 -49.19
N SER I 17 24.19 1.77 -50.29
CA SER I 17 24.06 3.22 -50.20
C SER I 17 22.66 3.73 -50.49
N GLU I 18 22.22 4.71 -49.71
CA GLU I 18 20.87 5.28 -49.85
C GLU I 18 20.53 5.47 -51.31
N GLY I 19 19.42 4.86 -51.74
CA GLY I 19 19.03 4.86 -53.14
C GLY I 19 19.30 3.57 -53.89
N ALA I 20 20.43 2.91 -53.56
CA ALA I 20 20.80 1.63 -54.18
C ALA I 20 19.68 0.60 -54.11
N SER I 21 19.85 -0.51 -54.83
CA SER I 21 18.81 -1.52 -54.84
C SER I 21 19.30 -2.76 -54.10
N LEU I 22 18.38 -3.38 -53.37
CA LEU I 22 18.73 -4.35 -52.36
C LEU I 22 18.31 -5.76 -52.72
N GLN I 23 19.23 -6.71 -52.57
CA GLN I 23 18.91 -8.13 -52.67
C GLN I 23 19.54 -8.88 -51.51
N LEU I 24 18.69 -9.46 -50.66
CA LEU I 24 19.18 -10.25 -49.55
C LEU I 24 18.89 -11.70 -49.82
N ARG I 25 19.95 -12.51 -49.80
CA ARG I 25 19.87 -13.90 -50.28
C ARG I 25 19.32 -14.86 -49.21
N CYS I 26 18.32 -15.66 -49.59
CA CYS I 26 17.86 -16.74 -48.74
C CYS I 26 17.71 -18.03 -49.50
N LYS I 27 18.41 -19.08 -49.10
CA LYS I 27 18.24 -20.39 -49.71
C LYS I 27 17.63 -21.34 -48.71
N TYR I 28 16.71 -22.18 -49.16
CA TYR I 28 16.05 -23.11 -48.25
C TYR I 28 16.32 -24.60 -48.48
N SER I 29 16.40 -25.36 -47.39
CA SER I 29 16.50 -26.82 -47.47
C SER I 29 15.27 -27.33 -48.18
N TYR I 30 15.45 -28.21 -49.14
CA TYR I 30 14.35 -28.61 -49.98
C TYR I 30 13.26 -29.31 -49.19
N SER I 31 12.08 -28.69 -49.29
CA SER I 31 10.76 -29.15 -48.86
C SER I 31 9.78 -29.49 -49.96
N ALA I 32 8.90 -30.46 -49.79
CA ALA I 32 8.03 -30.88 -50.88
C ALA I 32 7.15 -29.67 -51.10
N THR I 33 6.63 -29.10 -50.03
CA THR I 33 5.90 -27.86 -50.14
C THR I 33 6.49 -26.95 -49.09
N PRO I 34 7.09 -25.87 -49.57
CA PRO I 34 7.73 -24.85 -48.72
C PRO I 34 6.81 -23.69 -48.35
N TYR I 35 6.82 -23.36 -47.08
CA TYR I 35 6.17 -22.15 -46.59
C TYR I 35 7.26 -21.22 -46.07
N LEU I 36 7.38 -20.02 -46.64
CA LEU I 36 8.51 -19.16 -46.38
C LEU I 36 8.14 -17.77 -45.84
N PHE I 37 9.09 -17.12 -45.16
CA PHE I 37 8.83 -15.85 -44.49
C PHE I 37 10.05 -14.97 -44.45
N TRP I 38 9.83 -13.67 -44.48
CA TRP I 38 10.87 -12.69 -44.17
C TRP I 38 10.41 -11.82 -43.01
N TYR I 39 11.22 -11.77 -41.96
CA TYR I 39 10.96 -10.88 -40.86
C TYR I 39 12.02 -9.78 -40.83
N VAL I 40 11.65 -8.61 -40.32
CA VAL I 40 12.63 -7.56 -40.09
C VAL I 40 12.68 -7.19 -38.60
N GLN I 41 13.85 -6.76 -38.14
CA GLN I 41 14.01 -6.29 -36.76
C GLN I 41 14.65 -4.92 -36.75
N TYR I 42 13.84 -3.89 -36.54
CA TYR I 42 14.39 -2.55 -36.40
C TYR I 42 15.08 -2.39 -35.05
N PRO I 43 16.23 -1.72 -35.04
CA PRO I 43 16.98 -1.38 -33.83
C PRO I 43 16.04 -1.13 -32.66
N ARG I 44 16.36 -1.73 -31.52
CA ARG I 44 15.60 -1.54 -30.28
C ARG I 44 14.18 -2.14 -30.30
N GLN I 45 13.93 -3.04 -31.24
CA GLN I 45 12.61 -3.66 -31.33
C GLN I 45 12.55 -5.18 -31.48
N GLY I 46 11.32 -5.70 -31.56
CA GLY I 46 11.14 -7.10 -31.88
C GLY I 46 11.16 -7.37 -33.37
N LEU I 47 10.85 -8.61 -33.75
CA LEU I 47 10.69 -8.96 -35.17
C LEU I 47 9.29 -8.60 -35.70
N GLN I 48 9.26 -8.16 -36.95
CA GLN I 48 8.02 -7.89 -37.64
C GLN I 48 7.92 -8.80 -38.88
N MET I 49 6.76 -9.40 -39.10
CA MET I 49 6.61 -10.12 -40.34
C MET I 49 6.57 -9.15 -41.53
N LEU I 50 7.48 -9.34 -42.48
CA LEU I 50 7.56 -8.54 -43.70
C LEU I 50 6.58 -9.09 -44.74
N LEU I 51 6.68 -10.39 -45.02
CA LEU I 51 5.84 -11.08 -46.02
C LEU I 51 5.89 -12.60 -45.83
N LYS I 52 4.86 -13.30 -46.30
CA LYS I 52 4.83 -14.76 -46.28
C LYS I 52 4.63 -15.28 -47.69
N TYR I 53 5.19 -16.45 -48.00
CA TYR I 53 4.75 -17.20 -49.18
C TYR I 53 4.12 -18.53 -48.80
N TYR I 54 2.84 -18.68 -49.08
CA TYR I 54 2.15 -19.96 -48.88
C TYR I 54 1.97 -20.67 -50.21
N SER I 55 1.41 -19.97 -51.19
CA SER I 55 1.21 -20.52 -52.53
C SER I 55 0.83 -19.40 -53.49
N GLY I 56 0.83 -19.71 -54.77
CA GLY I 56 0.39 -18.77 -55.77
C GLY I 56 1.47 -17.89 -56.35
N ASP I 57 1.17 -16.60 -56.48
CA ASP I 57 2.09 -15.64 -57.10
C ASP I 57 3.43 -15.79 -56.41
N PRO I 58 4.44 -16.30 -57.13
CA PRO I 58 5.76 -16.55 -56.56
C PRO I 58 6.49 -15.23 -56.26
N VAL I 59 5.88 -14.11 -56.64
CA VAL I 59 6.40 -12.79 -56.35
C VAL I 59 5.44 -12.22 -55.34
N VAL I 60 5.83 -12.23 -54.07
CA VAL I 60 4.96 -11.78 -53.00
C VAL I 60 5.34 -10.38 -52.62
N GLN I 61 4.33 -9.52 -52.48
CA GLN I 61 4.52 -8.14 -52.13
C GLN I 61 4.41 -7.99 -50.62
N GLY I 62 5.47 -7.51 -49.98
CA GLY I 62 5.40 -7.17 -48.57
C GLY I 62 5.09 -5.71 -48.40
N VAL I 63 4.99 -5.25 -47.15
CA VAL I 63 4.81 -3.84 -46.89
C VAL I 63 6.14 -3.10 -46.96
N ASN I 64 6.09 -1.77 -47.05
CA ASN I 64 7.30 -0.96 -47.21
C ASN I 64 8.06 -1.16 -48.51
N GLY I 65 7.33 -1.41 -49.59
CA GLY I 65 7.94 -1.59 -50.90
C GLY I 65 8.96 -2.72 -50.97
N PHE I 66 8.73 -3.75 -50.17
CA PHE I 66 9.56 -4.94 -50.17
C PHE I 66 8.87 -6.04 -50.95
N GLU I 67 9.66 -6.95 -51.50
CA GLU I 67 9.06 -8.08 -52.18
C GLU I 67 10.02 -9.23 -52.19
N ALA I 68 9.47 -10.43 -52.30
CA ALA I 68 10.28 -11.63 -52.34
C ALA I 68 9.90 -12.46 -53.55
N GLU I 69 10.86 -13.23 -54.06
CA GLU I 69 10.64 -14.07 -55.21
C GLU I 69 10.96 -15.52 -54.87
N PHE I 70 9.90 -16.33 -54.87
CA PHE I 70 9.99 -17.76 -54.62
C PHE I 70 10.43 -18.45 -55.87
N SER I 71 11.61 -19.02 -55.85
CA SER I 71 12.13 -19.78 -56.96
C SER I 71 12.22 -21.27 -56.62
N LYS I 72 11.35 -22.05 -57.25
CA LYS I 72 11.35 -23.47 -57.02
C LYS I 72 12.60 -23.95 -57.74
N SER I 73 12.90 -23.31 -58.87
CA SER I 73 14.11 -23.59 -59.68
C SER I 73 15.39 -23.63 -58.86
N ASP I 74 15.64 -22.56 -58.11
CA ASP I 74 16.83 -22.37 -57.26
C ASP I 74 16.86 -22.95 -55.84
N SER I 75 15.67 -23.17 -55.27
CA SER I 75 15.53 -23.34 -53.83
C SER I 75 15.83 -21.94 -53.28
N SER I 76 15.26 -20.93 -53.92
CA SER I 76 15.48 -19.54 -53.56
C SER I 76 14.30 -18.72 -53.08
N PHE I 77 14.52 -17.83 -52.11
CA PHE I 77 13.49 -16.93 -51.60
C PHE I 77 14.12 -15.59 -51.30
N HIS I 78 14.66 -14.96 -52.34
CA HIS I 78 15.36 -13.70 -52.18
C HIS I 78 14.43 -12.54 -51.80
N LEU I 79 14.93 -11.66 -50.94
CA LEU I 79 14.20 -10.44 -50.58
C LEU I 79 14.78 -9.25 -51.32
N ARG I 80 13.90 -8.42 -51.88
CA ARG I 80 14.32 -7.31 -52.71
C ARG I 80 13.58 -5.99 -52.41
N LYS I 81 14.34 -4.91 -52.45
CA LYS I 81 13.76 -3.56 -52.49
C LYS I 81 14.49 -2.75 -53.54
N ALA I 82 13.75 -1.88 -54.23
CA ALA I 82 14.27 -1.12 -55.37
C ALA I 82 15.24 -0.01 -54.98
N SER I 83 14.74 0.97 -54.22
CA SER I 83 15.54 2.07 -53.68
C SER I 83 15.48 2.03 -52.15
N VAL I 84 16.57 1.58 -51.51
CA VAL I 84 16.64 1.55 -50.05
C VAL I 84 16.84 2.93 -49.46
N HIS I 85 15.97 3.28 -48.54
CA HIS I 85 16.10 4.47 -47.71
C HIS I 85 17.11 4.16 -46.57
N TRP I 86 17.49 5.17 -45.77
CA TRP I 86 18.39 4.91 -44.64
C TRP I 86 17.65 4.25 -43.50
N SER I 87 16.39 4.63 -43.33
CA SER I 87 15.56 4.05 -42.28
C SER I 87 15.36 2.52 -42.43
N ASP I 88 15.78 1.96 -43.55
CA ASP I 88 15.64 0.53 -43.75
C ASP I 88 16.79 -0.23 -43.15
N SER I 89 17.64 0.47 -42.40
CA SER I 89 18.77 -0.17 -41.77
C SER I 89 18.17 -0.97 -40.63
N ALA I 90 18.49 -2.26 -40.58
CA ALA I 90 17.83 -3.20 -39.69
C ALA I 90 18.36 -4.59 -39.92
N VAL I 91 17.86 -5.54 -39.13
CA VAL I 91 18.25 -6.91 -39.36
C VAL I 91 17.11 -7.68 -40.02
N TYR I 92 17.45 -8.44 -41.06
CA TYR I 92 16.48 -9.14 -41.87
C TYR I 92 16.61 -10.66 -41.71
N PHE I 93 15.50 -11.29 -41.36
CA PHE I 93 15.46 -12.71 -41.05
C PHE I 93 14.62 -13.50 -42.07
N CYS I 94 15.21 -14.55 -42.65
CA CYS I 94 14.49 -15.49 -43.51
C CYS I 94 14.04 -16.69 -42.68
N ALA I 95 12.94 -17.32 -43.03
CA ALA I 95 12.43 -18.37 -42.17
C ALA I 95 11.45 -19.28 -42.89
N VAL I 96 11.58 -20.59 -42.68
CA VAL I 96 10.59 -21.55 -43.21
C VAL I 96 9.78 -22.19 -42.10
N SER I 97 8.52 -22.50 -42.37
CA SER I 97 7.68 -23.19 -41.41
C SER I 97 7.54 -24.60 -41.87
N ALA I 98 8.46 -25.47 -41.43
CA ALA I 98 8.37 -26.91 -41.65
C ALA I 98 6.98 -27.55 -41.48
N LYS I 99 6.75 -28.68 -42.13
CA LYS I 99 5.51 -29.37 -41.88
C LYS I 99 5.71 -30.30 -40.71
N GLY I 100 4.71 -30.39 -39.84
CA GLY I 100 4.82 -31.28 -38.69
C GLY I 100 5.57 -30.64 -37.53
N THR I 101 6.60 -29.87 -37.86
CA THR I 101 7.20 -28.96 -36.89
C THR I 101 6.68 -27.54 -37.21
N GLY I 102 5.36 -27.44 -37.38
CA GLY I 102 4.73 -26.28 -37.98
C GLY I 102 4.32 -25.25 -36.97
N SER I 103 4.09 -25.74 -35.76
CA SER I 103 3.82 -24.88 -34.63
C SER I 103 5.04 -24.02 -34.35
N LYS I 104 6.23 -24.53 -34.68
CA LYS I 104 7.49 -23.79 -34.52
C LYS I 104 7.89 -23.16 -35.85
N LEU I 105 8.48 -21.98 -35.79
CA LEU I 105 9.03 -21.34 -36.96
C LEU I 105 10.54 -21.48 -36.86
N SER I 106 11.18 -21.86 -37.96
CA SER I 106 12.64 -22.04 -37.95
C SER I 106 13.42 -20.92 -38.68
N PHE I 107 14.18 -20.12 -37.92
CA PHE I 107 14.82 -18.91 -38.44
C PHE I 107 16.17 -19.08 -39.15
N GLY I 108 16.50 -18.09 -39.97
CA GLY I 108 17.85 -17.93 -40.49
C GLY I 108 18.76 -17.28 -39.46
N LYS I 109 20.02 -17.09 -39.81
CA LYS I 109 21.00 -16.55 -38.88
C LYS I 109 20.91 -15.03 -38.79
N GLY I 110 20.22 -14.46 -39.78
CA GLY I 110 19.90 -13.05 -39.80
C GLY I 110 20.87 -12.32 -40.71
N ALA I 111 20.42 -11.21 -41.31
CA ALA I 111 21.31 -10.35 -42.08
C ALA I 111 21.19 -8.92 -41.59
N LYS I 112 22.30 -8.34 -41.11
CA LYS I 112 22.30 -6.96 -40.62
C LYS I 112 22.55 -6.01 -41.76
N LEU I 113 21.55 -5.22 -42.10
CA LEU I 113 21.65 -4.32 -43.24
C LEU I 113 21.90 -2.89 -42.82
N THR I 114 22.99 -2.32 -43.34
CA THR I 114 23.35 -0.93 -43.06
C THR I 114 23.21 -0.06 -44.31
N VAL I 115 22.21 0.83 -44.30
CA VAL I 115 22.02 1.72 -45.42
C VAL I 115 22.76 3.03 -45.20
N SER I 116 23.94 3.14 -45.83
CA SER I 116 24.79 4.35 -45.82
C SER I 116 24.03 5.57 -46.28
N PRO I 117 24.04 6.66 -45.49
CA PRO I 117 23.26 7.78 -46.01
C PRO I 117 24.05 8.53 -47.08
N ASN I 118 23.34 9.17 -48.01
CA ASN I 118 23.98 9.91 -49.11
C ASN I 118 24.39 11.29 -48.63
N ILE I 119 25.69 11.52 -48.47
CA ILE I 119 26.17 12.84 -48.03
C ILE I 119 26.35 13.80 -49.21
N GLN I 120 25.36 14.68 -49.37
CA GLN I 120 25.27 15.62 -50.49
C GLN I 120 26.43 16.62 -50.55
N ASN I 121 26.71 17.28 -49.42
CA ASN I 121 27.77 18.27 -49.33
C ASN I 121 28.76 17.98 -48.23
N PRO I 122 29.63 17.02 -48.46
CA PRO I 122 30.59 16.59 -47.45
C PRO I 122 31.49 17.71 -47.00
N ASP I 123 31.78 17.76 -45.72
CA ASP I 123 32.62 18.79 -45.14
C ASP I 123 33.41 18.28 -43.97
N PRO I 124 34.45 17.49 -44.23
CA PRO I 124 35.22 16.89 -43.13
C PRO I 124 35.75 17.96 -42.22
N ALA I 125 35.70 17.72 -40.91
CA ALA I 125 36.14 18.71 -39.92
C ALA I 125 36.38 18.01 -38.59
N VAL I 126 37.31 18.53 -37.78
CA VAL I 126 37.59 17.91 -36.49
C VAL I 126 37.61 18.94 -35.38
N TYR I 127 36.43 19.34 -34.92
CA TYR I 127 36.34 20.33 -33.86
C TYR I 127 36.63 19.75 -32.46
N GLN I 128 36.89 20.63 -31.51
CA GLN I 128 37.09 20.21 -30.12
C GLN I 128 35.97 20.78 -29.25
N LEU I 129 35.48 19.97 -28.32
CA LEU I 129 34.43 20.43 -27.39
C LEU I 129 34.95 20.40 -25.94
N ARG I 130 34.48 21.35 -25.14
CA ARG I 130 34.97 21.45 -23.77
C ARG I 130 33.91 21.11 -22.75
N ASP I 131 34.34 20.48 -21.66
CA ASP I 131 33.40 20.05 -20.62
C ASP I 131 32.67 21.25 -20.03
N SER I 132 31.34 21.19 -19.98
CA SER I 132 30.51 22.29 -19.44
C SER I 132 30.74 22.73 -17.98
N LYS I 133 31.26 21.82 -17.15
CA LYS I 133 31.57 22.09 -15.74
C LYS I 133 33.08 22.02 -15.33
N SER I 134 33.87 21.42 -16.22
CA SER I 134 35.29 21.23 -15.94
C SER I 134 35.95 21.74 -17.22
N LYS I 137 38.47 19.05 -18.80
CA LYS I 137 38.22 17.84 -19.57
C LYS I 137 38.10 18.15 -21.06
N SER I 138 38.40 17.15 -21.89
CA SER I 138 38.33 17.32 -23.35
C SER I 138 38.03 16.16 -24.32
N VAL I 139 37.18 16.47 -25.29
CA VAL I 139 36.75 15.52 -26.32
C VAL I 139 37.00 15.99 -27.75
N CYS I 140 37.46 15.08 -28.61
CA CYS I 140 37.67 15.43 -30.01
C CYS I 140 36.62 14.93 -30.97
N LEU I 141 36.01 15.83 -31.74
CA LEU I 141 34.95 15.42 -32.63
C LEU I 141 35.23 15.52 -34.12
N PHE I 142 35.30 14.36 -34.74
CA PHE I 142 35.36 14.18 -36.21
C PHE I 142 33.96 14.07 -36.83
N THR I 143 33.57 15.04 -37.66
CA THR I 143 32.19 15.06 -38.11
C THR I 143 32.06 15.45 -39.57
N ASP I 144 30.83 15.39 -40.06
CA ASP I 144 30.45 15.82 -41.39
C ASP I 144 31.13 15.10 -42.58
N PHE I 145 31.97 14.09 -42.32
CA PHE I 145 32.56 13.32 -43.42
C PHE I 145 31.52 12.51 -44.21
N ASP I 146 32.02 11.89 -45.27
CA ASP I 146 31.28 11.10 -46.23
C ASP I 146 31.08 9.67 -45.78
N SER I 147 30.20 8.97 -46.48
CA SER I 147 29.94 7.57 -46.21
C SER I 147 31.10 6.61 -46.26
N GLN I 148 31.91 6.70 -47.31
CA GLN I 148 33.03 5.78 -47.47
C GLN I 148 34.29 5.98 -46.57
N THR I 149 34.40 7.21 -46.08
CA THR I 149 35.45 7.55 -45.10
C THR I 149 35.03 6.64 -43.94
N ASN I 150 35.95 5.79 -43.49
CA ASN I 150 35.75 4.99 -42.28
C ASN I 150 36.80 5.30 -41.21
N VAL I 151 36.33 5.50 -39.97
CA VAL I 151 37.18 5.74 -38.81
C VAL I 151 37.65 4.42 -38.24
N SER I 152 38.91 4.39 -37.79
CA SER I 152 39.47 3.16 -37.22
C SER I 152 39.98 3.28 -35.79
N GLN I 153 40.34 2.14 -35.17
CA GLN I 153 40.81 2.19 -33.76
C GLN I 153 42.11 2.90 -33.39
N SER I 154 42.23 3.25 -32.11
CA SER I 154 43.38 3.97 -31.63
C SER I 154 44.34 2.92 -31.15
N LYS I 155 45.45 2.79 -31.88
CA LYS I 155 46.45 1.79 -31.58
C LYS I 155 46.91 1.86 -30.12
N ASP I 156 46.99 3.09 -29.61
CA ASP I 156 47.55 3.51 -28.31
C ASP I 156 46.86 3.03 -27.02
N SER I 157 45.57 2.72 -27.13
CA SER I 157 44.91 1.92 -26.10
C SER I 157 44.55 2.75 -24.87
N ASP I 158 45.05 3.97 -24.79
CA ASP I 158 44.74 4.83 -23.68
C ASP I 158 43.88 5.94 -24.19
N VAL I 159 43.69 5.90 -25.50
CA VAL I 159 42.83 6.84 -26.21
C VAL I 159 41.59 6.11 -26.73
N TYR I 160 40.42 6.72 -26.53
CA TYR I 160 39.15 6.08 -26.93
C TYR I 160 38.58 6.72 -28.19
N ILE I 161 38.21 5.87 -29.15
CA ILE I 161 37.49 6.31 -30.36
C ILE I 161 36.27 5.44 -30.69
N THR I 162 35.14 6.09 -30.96
CA THR I 162 33.87 5.42 -31.31
C THR I 162 33.75 5.15 -32.83
N ASP I 163 32.74 4.38 -33.24
CA ASP I 163 32.53 4.12 -34.68
C ASP I 163 31.79 5.25 -35.38
N LYS I 164 31.48 5.10 -36.66
CA LYS I 164 30.73 6.14 -37.34
C LYS I 164 29.34 6.09 -36.74
N CYS I 165 28.72 7.23 -36.54
CA CYS I 165 27.33 7.24 -36.12
C CYS I 165 26.64 8.26 -36.98
N VAL I 166 25.43 7.97 -37.41
CA VAL I 166 24.69 8.85 -38.27
C VAL I 166 23.55 9.47 -37.51
N LEU I 167 23.42 10.78 -37.61
CA LEU I 167 22.34 11.49 -36.95
C LEU I 167 21.55 12.24 -37.98
N ASP I 168 20.28 12.50 -37.68
CA ASP I 168 19.38 13.05 -38.68
C ASP I 168 18.50 14.14 -38.08
N MET I 169 18.77 15.36 -38.49
CA MET I 169 17.93 16.49 -38.10
C MET I 169 16.75 16.62 -39.05
N ARG I 170 15.75 15.76 -38.86
CA ARG I 170 14.64 15.61 -39.80
C ARG I 170 13.91 16.92 -40.14
N SER I 171 13.83 17.83 -39.17
CA SER I 171 13.16 19.11 -39.40
C SER I 171 13.82 19.90 -40.54
N MET I 172 15.11 19.66 -40.73
CA MET I 172 15.89 20.30 -41.79
C MET I 172 16.29 19.30 -42.88
N ASP I 173 15.66 18.15 -42.91
CA ASP I 173 16.02 17.09 -43.84
C ASP I 173 17.55 16.94 -44.01
N PHE I 174 18.27 16.75 -42.90
CA PHE I 174 19.74 16.74 -42.94
C PHE I 174 20.40 15.61 -42.14
N LYS I 175 21.29 14.87 -42.79
CA LYS I 175 22.02 13.77 -42.15
C LYS I 175 23.54 13.99 -42.17
N SER I 176 24.22 13.52 -41.11
CA SER I 176 25.68 13.66 -41.01
C SER I 176 26.35 12.54 -40.19
N ASN I 177 27.57 12.18 -40.58
CA ASN I 177 28.34 11.22 -39.78
C ASN I 177 29.10 11.90 -38.61
N SER I 178 29.71 11.10 -37.73
CA SER I 178 30.43 11.58 -36.55
C SER I 178 31.09 10.42 -35.82
N ALA I 179 32.36 10.61 -35.49
CA ALA I 179 33.05 9.75 -34.55
C ALA I 179 33.42 10.65 -33.37
N VAL I 180 33.75 10.06 -32.23
CA VAL I 180 34.14 10.85 -31.07
C VAL I 180 35.41 10.23 -30.52
N ALA I 181 36.29 11.06 -29.97
CA ALA I 181 37.50 10.55 -29.34
C ALA I 181 37.81 11.33 -28.06
N TRP I 182 38.42 10.66 -27.11
CA TRP I 182 38.81 11.31 -25.86
C TRP I 182 39.99 10.59 -25.22
N SER I 183 40.61 11.27 -24.26
CA SER I 183 41.67 10.70 -23.42
C SER I 183 42.00 11.72 -22.34
N ASN I 184 42.58 11.26 -21.23
CA ASN I 184 43.12 12.19 -20.23
C ASN I 184 44.64 12.06 -20.14
N LYS I 185 45.26 11.70 -21.25
CA LYS I 185 46.70 11.81 -21.37
C LYS I 185 46.91 13.29 -21.63
N SER I 186 48.07 13.79 -21.24
CA SER I 186 48.40 15.20 -21.46
C SER I 186 48.80 15.40 -22.92
N ASP I 187 49.52 14.41 -23.46
CA ASP I 187 49.98 14.48 -24.85
C ASP I 187 48.88 14.17 -25.90
N PHE I 188 47.62 14.28 -25.48
CA PHE I 188 46.48 14.07 -26.39
C PHE I 188 46.01 15.41 -26.96
N ALA I 189 45.99 15.46 -28.29
CA ALA I 189 45.55 16.62 -29.04
C ALA I 189 44.58 16.16 -30.11
N CYS I 190 43.67 17.02 -30.50
CA CYS I 190 42.66 16.67 -31.49
C CYS I 190 43.31 16.31 -32.81
N ALA I 191 44.31 17.08 -33.20
CA ALA I 191 44.97 16.85 -34.47
C ALA I 191 45.58 15.45 -34.49
N ASN I 192 46.17 15.07 -33.37
CA ASN I 192 46.82 13.77 -33.29
C ASN I 192 45.82 12.64 -33.04
N ALA I 193 44.56 13.02 -32.82
CA ALA I 193 43.53 12.06 -32.37
C ALA I 193 43.19 10.98 -33.40
N PHE I 194 42.56 11.41 -34.50
CA PHE I 194 42.11 10.52 -35.56
C PHE I 194 43.20 10.25 -36.60
N ASN I 195 44.45 10.57 -36.27
CA ASN I 195 45.51 10.43 -37.27
C ASN I 195 45.75 8.96 -37.67
N ASN I 196 45.34 8.02 -36.81
CA ASN I 196 45.45 6.61 -37.16
C ASN I 196 44.35 6.18 -38.15
N SER I 197 43.76 7.14 -38.86
CA SER I 197 42.80 6.81 -39.93
C SER I 197 42.99 7.51 -41.27
N ILE I 198 42.34 6.96 -42.28
CA ILE I 198 42.31 7.53 -43.62
C ILE I 198 41.32 8.70 -43.61
N ILE I 199 41.82 9.84 -43.13
CA ILE I 199 41.04 11.07 -43.15
C ILE I 199 41.17 11.72 -44.52
N PRO I 200 40.10 12.37 -44.99
CA PRO I 200 40.21 13.23 -46.18
C PRO I 200 41.27 14.32 -45.91
N GLU I 201 41.92 14.83 -46.95
CA GLU I 201 42.92 15.88 -46.76
C GLU I 201 42.10 17.14 -46.83
N ASP I 202 40.82 16.93 -46.96
CA ASP I 202 39.82 17.96 -47.09
C ASP I 202 39.41 18.41 -45.70
N THR I 203 40.07 17.91 -44.68
CA THR I 203 39.60 18.25 -43.34
C THR I 203 40.02 19.53 -42.65
N PHE I 204 39.03 20.41 -42.55
CA PHE I 204 39.03 21.63 -41.77
C PHE I 204 39.51 21.30 -40.35
N PHE I 205 40.49 22.07 -39.86
CA PHE I 205 40.89 22.04 -38.46
C PHE I 205 40.67 23.45 -37.95
N PRO I 206 40.17 23.60 -36.72
CA PRO I 206 39.67 24.91 -36.26
C PRO I 206 40.69 25.94 -35.66
N SER I 207 41.90 25.58 -35.27
CA SER I 207 42.79 26.61 -34.64
C SER I 207 43.51 27.50 -35.67
N ALA J 4 2.70 -3.92 -32.45
CA ALA J 4 1.71 -4.97 -32.17
C ALA J 4 1.00 -4.70 -30.82
N ALA J 5 0.03 -5.54 -30.44
CA ALA J 5 -0.21 -5.59 -29.02
C ALA J 5 0.14 -6.98 -28.46
N VAL J 6 1.44 -7.16 -28.26
CA VAL J 6 2.01 -8.22 -27.46
C VAL J 6 2.98 -7.44 -26.59
N THR J 7 2.80 -7.49 -25.28
CA THR J 7 3.54 -6.60 -24.38
C THR J 7 4.36 -7.34 -23.32
N GLN J 8 5.68 -7.11 -23.29
CA GLN J 8 6.48 -7.74 -22.24
C GLN J 8 6.67 -6.80 -21.04
N SER J 9 6.66 -7.37 -19.85
CA SER J 9 7.00 -6.67 -18.63
C SER J 9 8.01 -7.54 -17.91
N PRO J 10 9.15 -6.99 -17.47
CA PRO J 10 9.53 -5.59 -17.62
C PRO J 10 10.52 -5.42 -18.76
N ARG J 11 10.66 -4.21 -19.28
CA ARG J 11 11.59 -3.97 -20.35
C ARG J 11 13.02 -4.25 -19.93
N ASN J 12 13.35 -3.88 -18.70
CA ASN J 12 14.71 -4.07 -18.17
C ASN J 12 14.72 -4.73 -16.82
N LYS J 13 15.76 -5.52 -16.53
CA LYS J 13 15.83 -6.24 -15.27
C LYS J 13 17.26 -6.63 -14.96
N VAL J 14 17.68 -6.38 -13.71
CA VAL J 14 18.98 -6.83 -13.24
C VAL J 14 18.78 -7.70 -12.00
N THR J 15 19.60 -8.72 -11.85
CA THR J 15 19.51 -9.60 -10.70
C THR J 15 20.88 -10.25 -10.49
N VAL J 16 21.04 -10.99 -9.40
CA VAL J 16 22.32 -11.61 -9.13
C VAL J 16 22.17 -13.12 -9.16
N THR J 17 23.21 -13.83 -9.63
CA THR J 17 23.23 -15.30 -9.61
C THR J 17 22.50 -15.81 -8.39
N GLY J 18 21.47 -16.62 -8.61
CA GLY J 18 20.79 -17.27 -7.51
C GLY J 18 19.42 -16.69 -7.35
N GLY J 19 19.24 -15.55 -8.01
CA GLY J 19 17.99 -14.82 -7.92
C GLY J 19 16.83 -15.47 -8.66
N ASN J 20 15.65 -14.97 -8.38
CA ASN J 20 14.46 -15.32 -9.10
C ASN J 20 14.19 -14.22 -10.12
N VAL J 21 13.88 -14.59 -11.36
CA VAL J 21 13.46 -13.62 -12.37
C VAL J 21 12.18 -14.12 -13.01
N THR J 22 11.23 -13.22 -13.29
CA THR J 22 9.95 -13.58 -13.95
C THR J 22 9.64 -12.59 -15.06
N LEU J 23 9.81 -12.98 -16.31
CA LEU J 23 9.40 -12.11 -17.41
C LEU J 23 7.94 -12.41 -17.74
N SER J 24 7.12 -11.39 -17.91
CA SER J 24 5.72 -11.64 -18.24
C SER J 24 5.48 -11.26 -19.68
N CYS J 25 4.46 -11.89 -20.28
CA CYS J 25 4.03 -11.54 -21.64
C CYS J 25 2.51 -11.59 -21.81
N ARG J 26 1.92 -10.51 -22.32
CA ARG J 26 0.47 -10.42 -22.46
C ARG J 26 0.15 -10.15 -23.93
N GLN J 27 -0.81 -10.90 -24.46
CA GLN J 27 -1.23 -10.71 -25.85
C GLN J 27 -2.74 -10.57 -26.00
N THR J 28 -3.15 -9.49 -26.66
CA THR J 28 -4.55 -9.10 -26.73
C THR J 28 -5.24 -9.59 -28.00
N ASN J 29 -4.46 -10.05 -28.97
CA ASN J 29 -4.99 -10.88 -30.04
C ASN J 29 -5.51 -12.10 -29.33
N SER J 30 -6.20 -13.00 -29.99
CA SER J 30 -6.65 -14.14 -29.23
C SER J 30 -5.91 -15.34 -29.72
N HIS J 31 -4.60 -15.17 -29.90
CA HIS J 31 -3.73 -16.21 -30.45
C HIS J 31 -3.55 -17.37 -29.48
N ASN J 32 -3.35 -18.57 -30.01
CA ASN J 32 -3.21 -19.75 -29.18
C ASN J 32 -1.78 -20.06 -28.90
N TYR J 33 -0.91 -19.84 -29.87
CA TYR J 33 0.49 -20.09 -29.64
C TYR J 33 1.13 -18.88 -28.97
N MET J 34 1.98 -19.15 -27.99
CA MET J 34 2.90 -18.11 -27.52
C MET J 34 4.29 -18.73 -27.38
N TYR J 35 5.31 -17.86 -27.41
CA TYR J 35 6.69 -18.31 -27.49
C TYR J 35 7.59 -17.43 -26.64
N TRP J 36 8.60 -18.04 -26.03
CA TRP J 36 9.67 -17.27 -25.42
C TRP J 36 10.98 -17.54 -26.14
N TYR J 37 11.60 -16.47 -26.63
CA TYR J 37 12.89 -16.52 -27.32
C TYR J 37 13.96 -15.74 -26.57
N ARG J 38 15.22 -16.16 -26.66
CA ARG J 38 16.33 -15.28 -26.29
C ARG J 38 17.10 -14.90 -27.54
N GLN J 39 17.88 -13.83 -27.46
CA GLN J 39 18.66 -13.36 -28.59
C GLN J 39 20.05 -13.01 -28.11
N ASP J 40 21.06 -13.71 -28.61
CA ASP J 40 22.45 -13.41 -28.36
C ASP J 40 23.28 -13.16 -29.61
N THR J 41 24.18 -12.19 -29.61
CA THR J 41 25.05 -12.01 -30.77
C THR J 41 25.85 -13.31 -30.89
N GLY J 42 25.79 -13.93 -32.06
CA GLY J 42 26.53 -15.17 -32.29
C GLY J 42 25.66 -16.40 -32.25
N HIS J 43 24.36 -16.20 -31.95
CA HIS J 43 23.42 -17.31 -31.80
C HIS J 43 22.04 -16.96 -32.34
N GLY J 44 21.85 -15.73 -32.81
CA GLY J 44 20.57 -15.29 -33.34
C GLY J 44 19.42 -15.48 -32.35
N LEU J 45 18.29 -15.92 -32.84
CA LEU J 45 17.11 -16.16 -32.00
C LEU J 45 17.04 -17.63 -31.61
N ARG J 46 16.95 -17.92 -30.31
CA ARG J 46 16.81 -19.29 -29.85
C ARG J 46 15.54 -19.49 -29.03
N LEU J 47 14.85 -20.60 -29.26
CA LEU J 47 13.54 -20.81 -28.64
C LEU J 47 13.67 -21.52 -27.31
N ILE J 48 13.16 -20.90 -26.25
CA ILE J 48 13.26 -21.47 -24.91
C ILE J 48 12.08 -22.37 -24.59
N HIS J 49 10.86 -21.82 -24.66
CA HIS J 49 9.65 -22.63 -24.46
C HIS J 49 8.49 -22.02 -25.23
N TYR J 50 7.49 -22.84 -25.55
CA TYR J 50 6.28 -22.30 -26.15
C TYR J 50 5.05 -23.03 -25.69
N SER J 51 3.92 -22.73 -26.34
CA SER J 51 2.66 -23.22 -25.83
C SER J 51 1.64 -23.15 -26.94
N TYR J 52 0.93 -24.24 -27.13
CA TYR J 52 -0.16 -24.33 -28.08
C TYR J 52 -1.35 -23.52 -27.63
N GLY J 53 -1.67 -23.62 -26.35
CA GLY J 53 -2.81 -22.95 -25.80
C GLY J 53 -2.88 -22.96 -24.31
N ALA J 54 -3.82 -22.20 -23.76
CA ALA J 54 -3.97 -22.22 -22.32
C ALA J 54 -3.72 -23.61 -21.76
N GLY J 55 -2.90 -23.66 -20.73
CA GLY J 55 -2.67 -24.89 -20.02
C GLY J 55 -1.76 -25.90 -20.70
N ASN J 56 -1.11 -25.47 -21.76
CA ASN J 56 -0.14 -26.34 -22.43
C ASN J 56 1.24 -25.73 -22.38
N LEU J 57 2.25 -26.55 -22.10
CA LEU J 57 3.63 -26.13 -22.30
C LEU J 57 4.37 -27.09 -23.19
N GLN J 58 5.17 -26.54 -24.09
CA GLN J 58 6.11 -27.34 -24.86
C GLN J 58 7.47 -26.69 -24.61
N ILE J 59 8.46 -27.54 -24.37
CA ILE J 59 9.85 -27.11 -24.18
C ILE J 59 10.41 -26.79 -25.56
N GLY J 60 11.35 -25.86 -25.65
CA GLY J 60 11.97 -25.54 -26.92
C GLY J 60 13.38 -26.06 -27.09
N ASP J 61 14.23 -25.33 -27.83
CA ASP J 61 15.59 -25.79 -28.14
C ASP J 61 16.59 -25.61 -27.01
N VAL J 62 16.37 -24.62 -26.16
CA VAL J 62 17.30 -24.29 -25.10
C VAL J 62 16.66 -24.04 -23.74
N PRO J 63 15.79 -24.96 -23.30
CA PRO J 63 14.91 -24.83 -22.13
C PRO J 63 15.63 -24.91 -20.80
N ASP J 64 16.83 -25.50 -20.80
CA ASP J 64 17.59 -25.73 -19.57
C ASP J 64 17.76 -24.45 -18.78
N GLY J 65 17.27 -24.48 -17.55
CA GLY J 65 17.38 -23.33 -16.67
C GLY J 65 16.17 -22.42 -16.63
N TYR J 66 15.21 -22.62 -17.53
CA TYR J 66 13.98 -21.85 -17.55
C TYR J 66 12.77 -22.75 -17.40
N LYS J 67 11.71 -22.21 -16.79
CA LYS J 67 10.38 -22.85 -16.82
C LYS J 67 9.41 -21.84 -17.36
N ALA J 68 8.31 -22.33 -17.91
CA ALA J 68 7.29 -21.42 -18.40
C ALA J 68 5.93 -21.75 -17.80
N THR J 69 5.05 -20.77 -17.75
CA THR J 69 3.69 -20.99 -17.32
C THR J 69 2.72 -20.30 -18.29
N ARG J 70 1.78 -21.07 -18.83
CA ARG J 70 0.68 -20.52 -19.62
C ARG J 70 -0.56 -20.66 -18.74
N THR J 71 -0.81 -19.68 -17.90
CA THR J 71 -1.92 -19.73 -16.95
C THR J 71 -3.22 -19.62 -17.70
N THR J 72 -3.29 -18.60 -18.54
CA THR J 72 -4.49 -18.27 -19.29
C THR J 72 -4.15 -18.04 -20.75
N GLN J 73 -5.19 -17.79 -21.53
CA GLN J 73 -5.06 -17.64 -22.97
C GLN J 73 -4.07 -16.57 -23.37
N GLU J 74 -3.98 -15.50 -22.58
CA GLU J 74 -3.26 -14.33 -23.04
C GLU J 74 -2.00 -14.02 -22.26
N ASP J 75 -1.73 -14.80 -21.22
CA ASP J 75 -0.54 -14.57 -20.39
C ASP J 75 0.39 -15.77 -20.37
N PHE J 76 1.64 -15.51 -20.73
CA PHE J 76 2.68 -16.51 -20.79
C PHE J 76 3.89 -15.99 -20.01
N PHE J 77 4.38 -16.76 -19.04
CA PHE J 77 5.48 -16.29 -18.21
C PHE J 77 6.73 -17.13 -18.37
N LEU J 78 7.88 -16.48 -18.43
CA LEU J 78 9.18 -17.18 -18.35
C LEU J 78 9.69 -17.07 -16.94
N LEU J 79 10.21 -18.17 -16.41
CA LEU J 79 10.67 -18.19 -15.02
C LEU J 79 12.10 -18.70 -14.92
N LEU J 80 13.00 -17.82 -14.49
CA LEU J 80 14.35 -18.25 -14.14
C LEU J 80 14.37 -18.34 -12.64
N GLU J 81 14.27 -19.55 -12.10
CA GLU J 81 14.13 -19.72 -10.65
C GLU J 81 15.44 -19.58 -9.90
N LEU J 82 16.51 -20.10 -10.49
CA LEU J 82 17.87 -19.78 -10.03
C LEU J 82 18.65 -19.20 -11.19
N ALA J 83 18.77 -17.89 -11.21
CA ALA J 83 19.33 -17.19 -12.37
C ALA J 83 20.82 -17.39 -12.46
N SER J 84 21.31 -17.51 -13.68
CA SER J 84 22.72 -17.79 -13.91
C SER J 84 23.23 -16.78 -14.90
N PRO J 85 24.49 -16.36 -14.74
CA PRO J 85 25.13 -15.40 -15.65
C PRO J 85 24.89 -15.70 -17.12
N SER J 86 24.95 -16.98 -17.49
CA SER J 86 24.59 -17.49 -18.82
C SER J 86 23.36 -16.80 -19.38
N GLN J 87 22.44 -16.42 -18.51
CA GLN J 87 21.09 -16.04 -18.92
C GLN J 87 20.99 -14.58 -19.17
N THR J 88 22.10 -13.87 -19.05
CA THR J 88 22.08 -12.47 -19.40
C THR J 88 21.82 -12.47 -20.89
N SER J 89 20.82 -11.72 -21.34
CA SER J 89 20.46 -11.69 -22.73
C SER J 89 19.24 -10.84 -22.97
N LEU J 90 18.74 -10.85 -24.20
CA LEU J 90 17.54 -10.09 -24.54
C LEU J 90 16.47 -11.12 -24.85
N TYR J 91 15.35 -11.03 -24.15
CA TYR J 91 14.25 -12.00 -24.30
C TYR J 91 13.04 -11.48 -25.10
N PHE J 92 12.57 -12.27 -26.08
CA PHE J 92 11.38 -11.86 -26.83
C PHE J 92 10.23 -12.84 -26.69
N CYS J 93 9.05 -12.28 -26.49
CA CYS J 93 7.80 -13.02 -26.46
C CYS J 93 7.19 -12.95 -27.86
N ALA J 94 6.42 -13.96 -28.27
CA ALA J 94 5.70 -13.87 -29.55
C ALA J 94 4.38 -14.61 -29.47
N SER J 95 3.34 -14.06 -30.08
CA SER J 95 2.07 -14.82 -30.23
C SER J 95 1.90 -15.25 -31.68
N SER J 96 1.00 -16.18 -31.92
CA SER J 96 0.75 -16.62 -33.29
C SER J 96 -0.55 -17.36 -33.40
N ASP J 97 -1.20 -17.22 -34.55
CA ASP J 97 -2.46 -17.93 -34.83
C ASP J 97 -2.37 -18.69 -36.14
N ALA J 98 -1.16 -18.86 -36.66
CA ALA J 98 -0.92 -19.52 -37.93
C ALA J 98 0.56 -19.84 -38.13
N PRO J 99 0.85 -20.99 -38.75
CA PRO J 99 2.22 -21.44 -38.98
C PRO J 99 3.13 -20.35 -39.55
N GLY J 100 4.21 -20.05 -38.84
CA GLY J 100 5.23 -19.17 -39.37
C GLY J 100 4.94 -17.68 -39.24
N GLN J 101 3.73 -17.35 -38.81
CA GLN J 101 3.39 -15.97 -38.55
C GLN J 101 3.40 -15.64 -37.06
N LEU J 102 4.49 -15.03 -36.61
CA LEU J 102 4.63 -14.63 -35.22
C LEU J 102 4.50 -13.13 -35.11
N TYR J 103 3.91 -12.68 -33.99
CA TYR J 103 3.82 -11.26 -33.64
C TYR J 103 4.63 -11.05 -32.37
N PHE J 104 5.72 -10.30 -32.46
CA PHE J 104 6.62 -10.12 -31.33
C PHE J 104 6.30 -8.98 -30.34
N GLY J 105 6.72 -9.17 -29.10
CA GLY J 105 6.80 -8.09 -28.14
C GLY J 105 8.09 -7.32 -28.29
N GLU J 106 8.38 -6.44 -27.33
CA GLU J 106 9.39 -5.43 -27.58
C GLU J 106 10.80 -5.75 -27.03
N GLY J 107 10.88 -6.78 -26.21
CA GLY J 107 12.13 -7.15 -25.56
C GLY J 107 12.11 -6.94 -24.05
N SER J 108 12.80 -7.82 -23.34
CA SER J 108 13.14 -7.61 -21.94
C SER J 108 14.63 -7.84 -21.92
N LYS J 109 15.38 -6.88 -21.41
CA LYS J 109 16.81 -7.00 -21.35
C LYS J 109 17.13 -7.38 -19.92
N LEU J 110 17.81 -8.51 -19.75
CA LEU J 110 18.12 -9.00 -18.41
C LEU J 110 19.61 -9.11 -18.25
N THR J 111 20.14 -8.58 -17.15
CA THR J 111 21.53 -8.86 -16.78
C THR J 111 21.53 -9.70 -15.51
N VAL J 112 22.16 -10.88 -15.49
CA VAL J 112 22.40 -11.50 -14.20
C VAL J 112 23.89 -11.39 -13.83
N LEU J 113 24.13 -10.77 -12.68
CA LEU J 113 25.45 -10.40 -12.23
C LEU J 113 26.01 -11.52 -11.38
N GLU J 114 27.28 -11.88 -11.62
CA GLU J 114 28.00 -12.86 -10.81
C GLU J 114 28.57 -12.16 -9.57
N ASP J 115 29.32 -11.09 -9.82
CA ASP J 115 30.06 -10.46 -8.75
C ASP J 115 29.59 -9.02 -8.60
N LEU J 116 28.96 -8.71 -7.46
CA LEU J 116 28.55 -7.32 -7.21
C LEU J 116 29.69 -6.27 -7.07
N LYS J 117 30.89 -6.69 -6.68
CA LYS J 117 31.99 -5.75 -6.54
C LYS J 117 32.20 -4.96 -7.84
N ASN J 118 31.87 -5.58 -8.98
CA ASN J 118 32.21 -4.99 -10.27
C ASN J 118 31.25 -3.90 -10.75
N VAL J 119 30.16 -3.70 -10.02
CA VAL J 119 29.09 -2.80 -10.45
C VAL J 119 29.36 -1.32 -10.16
N PHE J 120 29.34 -0.48 -11.19
CA PHE J 120 29.50 0.97 -11.03
C PHE J 120 28.51 1.67 -11.90
N PRO J 121 27.97 2.79 -11.42
CA PRO J 121 27.07 3.62 -12.23
C PRO J 121 27.91 4.45 -13.17
N PRO J 122 27.28 5.07 -14.17
CA PRO J 122 28.01 5.88 -15.14
C PRO J 122 28.27 7.25 -14.54
N GLU J 123 29.38 7.84 -14.96
CA GLU J 123 29.58 9.27 -14.77
C GLU J 123 29.15 9.92 -16.08
N VAL J 124 28.33 10.96 -16.00
CA VAL J 124 27.80 11.60 -17.19
C VAL J 124 28.26 13.06 -17.33
N ALA J 125 28.88 13.39 -18.45
CA ALA J 125 29.29 14.77 -18.72
C ALA J 125 28.77 15.23 -20.07
N VAL J 126 28.27 16.46 -20.15
CA VAL J 126 27.91 17.02 -21.45
C VAL J 126 29.07 17.90 -21.92
N PHE J 127 29.28 17.97 -23.24
CA PHE J 127 30.31 18.86 -23.77
C PHE J 127 29.70 19.83 -24.75
N GLU J 128 30.12 21.10 -24.66
CA GLU J 128 29.45 22.19 -25.37
C GLU J 128 30.01 22.39 -26.78
N PRO J 129 29.13 22.80 -27.72
CA PRO J 129 29.41 22.83 -29.17
C PRO J 129 30.59 23.73 -29.47
N SER J 130 31.56 23.27 -30.25
CA SER J 130 32.65 24.13 -30.74
C SER J 130 32.14 25.40 -31.44
N GLU J 131 32.76 26.55 -31.16
CA GLU J 131 32.36 27.79 -31.82
C GLU J 131 32.71 27.70 -33.30
N ALA J 132 33.91 27.18 -33.57
CA ALA J 132 34.36 26.90 -34.94
C ALA J 132 33.27 26.21 -35.77
N GLU J 133 32.67 25.16 -35.22
CA GLU J 133 31.61 24.42 -35.89
C GLU J 133 30.42 25.31 -36.18
N ILE J 134 30.09 26.22 -35.26
CA ILE J 134 28.89 27.03 -35.40
C ILE J 134 29.04 28.04 -36.53
N SER J 135 30.23 28.63 -36.61
CA SER J 135 30.53 29.60 -37.67
C SER J 135 30.73 28.92 -39.03
N HIS J 136 31.51 27.83 -39.03
CA HIS J 136 31.82 27.07 -40.22
C HIS J 136 30.59 26.39 -40.87
N THR J 137 29.58 26.03 -40.08
CA THR J 137 28.50 25.17 -40.58
C THR J 137 27.07 25.59 -40.23
N GLN J 138 26.92 26.52 -39.29
CA GLN J 138 25.59 26.99 -38.86
C GLN J 138 24.84 25.97 -38.01
N LYS J 139 25.61 25.06 -37.43
CA LYS J 139 25.03 23.98 -36.64
C LYS J 139 25.89 23.74 -35.40
N ALA J 140 25.23 23.48 -34.28
CA ALA J 140 25.95 23.15 -33.07
C ALA J 140 25.69 21.69 -32.68
N THR J 141 26.78 20.95 -32.49
CA THR J 141 26.71 19.55 -32.05
C THR J 141 27.15 19.45 -30.58
N LEU J 142 26.24 19.11 -29.68
CA LEU J 142 26.64 18.74 -28.31
C LEU J 142 26.99 17.24 -28.23
N VAL J 143 27.96 16.91 -27.38
CA VAL J 143 28.35 15.52 -27.18
C VAL J 143 28.13 15.08 -25.74
N CYS J 144 27.43 13.96 -25.55
CA CYS J 144 27.32 13.40 -24.22
C CYS J 144 28.25 12.20 -24.00
N LEU J 145 28.83 12.13 -22.82
CA LEU J 145 29.74 11.04 -22.51
C LEU J 145 29.39 10.38 -21.18
N ALA J 146 29.13 9.08 -21.24
CA ALA J 146 28.80 8.30 -20.05
C ALA J 146 29.91 7.29 -19.89
N THR J 147 30.57 7.30 -18.73
CA THR J 147 31.74 6.45 -18.56
C THR J 147 31.80 5.64 -17.28
N GLY J 148 32.68 4.63 -17.30
CA GLY J 148 33.01 3.83 -16.13
C GLY J 148 31.87 3.03 -15.53
N PHE J 149 30.88 2.68 -16.36
CA PHE J 149 29.71 1.97 -15.85
C PHE J 149 29.77 0.48 -16.11
N TYR J 150 29.23 -0.29 -15.18
CA TYR J 150 29.12 -1.74 -15.32
C TYR J 150 28.00 -2.20 -14.43
N PRO J 151 27.06 -2.96 -14.96
CA PRO J 151 27.06 -3.78 -16.18
C PRO J 151 26.71 -2.96 -17.39
N ASP J 152 26.80 -3.52 -18.59
CA ASP J 152 26.49 -2.73 -19.77
C ASP J 152 24.98 -2.59 -19.94
N HIS J 153 24.34 -1.94 -18.97
CA HIS J 153 22.89 -1.86 -18.97
C HIS J 153 22.43 -0.43 -18.72
N VAL J 154 22.60 0.41 -19.73
CA VAL J 154 22.18 1.79 -19.58
C VAL J 154 21.31 2.18 -20.74
N GLU J 155 20.54 3.24 -20.55
CA GLU J 155 19.72 3.81 -21.63
C GLU J 155 19.86 5.36 -21.63
N LEU J 156 20.38 5.88 -22.72
CA LEU J 156 20.72 7.30 -22.81
C LEU J 156 19.71 8.10 -23.66
N SER J 157 19.36 9.30 -23.21
CA SER J 157 18.30 10.07 -23.87
C SER J 157 18.57 11.54 -23.77
N TRP J 158 18.16 12.32 -24.78
CA TRP J 158 18.37 13.78 -24.72
C TRP J 158 17.12 14.52 -24.34
N TRP J 159 17.23 15.36 -23.33
CA TRP J 159 16.09 16.18 -22.91
C TRP J 159 16.35 17.67 -23.15
N VAL J 160 15.52 18.26 -24.00
CA VAL J 160 15.63 19.69 -24.31
C VAL J 160 14.35 20.40 -23.86
N ASN J 161 14.49 21.23 -22.84
CA ASN J 161 13.37 21.96 -22.28
C ASN J 161 12.26 21.06 -21.75
N GLY J 162 12.65 19.97 -21.11
CA GLY J 162 11.70 19.08 -20.46
C GLY J 162 11.02 18.08 -21.37
N LYS J 163 11.41 18.03 -22.64
CA LYS J 163 10.86 17.03 -23.54
C LYS J 163 11.95 16.19 -24.18
N GLU J 164 11.70 14.89 -24.29
CA GLU J 164 12.70 14.04 -24.89
C GLU J 164 12.75 14.46 -26.36
N VAL J 165 13.95 14.46 -26.93
CA VAL J 165 14.11 14.77 -28.34
C VAL J 165 14.78 13.60 -29.04
N HIS J 166 14.41 13.35 -30.30
CA HIS J 166 14.98 12.24 -31.03
C HIS J 166 15.69 12.73 -32.28
N SER J 167 15.06 13.68 -32.97
CA SER J 167 15.67 14.28 -34.16
C SER J 167 17.06 14.82 -33.87
N GLY J 168 18.02 14.48 -34.72
CA GLY J 168 19.35 15.04 -34.63
C GLY J 168 20.18 14.34 -33.58
N VAL J 169 19.76 13.16 -33.14
CA VAL J 169 20.55 12.46 -32.14
C VAL J 169 21.15 11.15 -32.63
N CYS J 170 22.43 10.93 -32.36
CA CYS J 170 23.07 9.66 -32.66
C CYS J 170 23.75 9.15 -31.41
N THR J 171 23.43 7.93 -31.01
CA THR J 171 24.05 7.35 -29.82
C THR J 171 24.75 6.08 -30.23
N ASP J 172 26.01 5.93 -29.84
CA ASP J 172 26.76 4.73 -30.20
C ASP J 172 25.87 3.49 -30.03
N PRO J 173 25.85 2.65 -31.04
CA PRO J 173 25.09 1.42 -30.94
C PRO J 173 25.83 0.42 -30.06
N GLN J 174 27.16 0.45 -30.08
CA GLN J 174 27.95 -0.43 -29.21
C GLN J 174 28.73 0.41 -28.19
N PRO J 175 28.80 -0.09 -26.94
CA PRO J 175 29.66 0.56 -25.95
C PRO J 175 31.11 0.17 -26.10
N LEU J 176 31.95 0.67 -25.21
CA LEU J 176 33.39 0.67 -25.40
C LEU J 176 34.05 0.18 -24.12
N LYS J 177 34.77 -0.94 -24.17
CA LYS J 177 35.38 -1.49 -22.95
C LYS J 177 36.53 -0.59 -22.50
N GLU J 178 36.48 -0.05 -21.30
CA GLU J 178 37.60 0.80 -20.90
C GLU J 178 38.77 -0.16 -20.89
N GLN J 179 38.59 -1.30 -20.22
CA GLN J 179 39.68 -2.26 -20.19
C GLN J 179 39.28 -3.56 -20.85
N PRO J 180 39.72 -3.73 -22.09
CA PRO J 180 39.52 -4.99 -22.82
C PRO J 180 40.28 -6.12 -22.15
N ALA J 181 41.49 -5.85 -21.66
CA ALA J 181 42.33 -6.89 -21.10
C ALA J 181 41.67 -7.48 -19.87
N LEU J 182 41.13 -6.62 -19.01
CA LEU J 182 40.28 -7.12 -17.93
C LEU J 182 38.94 -7.53 -18.54
N ASN J 183 38.34 -8.61 -18.03
CA ASN J 183 37.15 -9.19 -18.69
C ASN J 183 35.77 -8.71 -18.19
N ASP J 184 35.74 -8.20 -16.96
CA ASP J 184 34.55 -7.54 -16.43
C ASP J 184 34.76 -6.01 -16.49
N SER J 185 35.23 -5.57 -17.66
CA SER J 185 35.50 -4.17 -17.92
C SER J 185 34.34 -3.23 -17.69
N ARG J 186 34.63 -2.03 -17.23
CA ARG J 186 33.60 -1.00 -17.15
C ARG J 186 33.47 -0.46 -18.59
N TYR J 187 32.35 0.17 -18.91
CA TYR J 187 32.12 0.61 -20.29
C TYR J 187 31.96 2.11 -20.42
N ALA J 188 32.28 2.61 -21.61
CA ALA J 188 32.02 4.00 -21.94
C ALA J 188 31.07 4.02 -23.12
N LEU J 189 30.34 5.12 -23.28
CA LEU J 189 29.41 5.22 -24.38
C LEU J 189 29.17 6.69 -24.71
N SER J 190 29.20 7.05 -26.00
CA SER J 190 29.06 8.45 -26.43
C SER J 190 27.80 8.70 -27.23
N SER J 191 27.31 9.93 -27.21
CA SER J 191 26.11 10.30 -27.96
C SER J 191 26.18 11.75 -28.43
N ARG J 192 25.51 12.05 -29.53
CA ARG J 192 25.51 13.41 -30.04
C ARG J 192 24.10 13.94 -30.24
N LEU J 193 23.91 15.22 -29.90
CA LEU J 193 22.71 15.95 -30.29
C LEU J 193 23.14 17.16 -31.14
N ARG J 194 22.69 17.21 -32.39
CA ARG J 194 22.98 18.35 -33.26
C ARG J 194 21.76 19.25 -33.42
N VAL J 195 21.98 20.56 -33.42
CA VAL J 195 20.89 21.51 -33.57
C VAL J 195 21.36 22.72 -34.36
N SER J 196 20.41 23.52 -34.85
CA SER J 196 20.75 24.75 -35.57
C SER J 196 21.52 25.73 -34.66
N ALA J 197 22.44 26.50 -35.25
CA ALA J 197 23.19 27.51 -34.49
C ALA J 197 22.24 28.50 -33.79
N THR J 198 21.23 28.95 -34.51
CA THR J 198 20.23 29.85 -33.94
C THR J 198 19.62 29.29 -32.63
N PHE J 199 19.42 27.97 -32.57
CA PHE J 199 18.78 27.30 -31.44
C PHE J 199 19.72 27.19 -30.25
N TRP J 200 20.92 26.71 -30.52
CA TRP J 200 21.90 26.59 -29.47
C TRP J 200 22.21 27.95 -28.87
N GLN J 201 21.98 29.00 -29.66
CA GLN J 201 22.40 30.34 -29.27
C GLN J 201 21.43 31.07 -28.33
N ASN J 202 20.14 30.76 -28.49
CA ASN J 202 19.12 31.13 -27.53
C ASN J 202 19.47 30.55 -26.13
N PRO J 203 19.80 31.41 -25.17
CA PRO J 203 20.26 30.91 -23.86
C PRO J 203 19.11 30.66 -22.89
N ARG J 204 17.89 30.58 -23.43
CA ARG J 204 16.74 30.07 -22.70
C ARG J 204 16.47 28.63 -23.13
N ASN J 205 17.48 28.01 -23.75
CA ASN J 205 17.40 26.61 -24.13
C ASN J 205 18.20 25.74 -23.16
N HIS J 206 17.52 24.74 -22.61
CA HIS J 206 18.07 23.82 -21.63
C HIS J 206 18.33 22.47 -22.30
N PHE J 207 19.58 22.01 -22.24
CA PHE J 207 19.97 20.69 -22.76
C PHE J 207 20.35 19.73 -21.64
N ARG J 208 19.69 18.57 -21.55
CA ARG J 208 20.09 17.58 -20.57
C ARG J 208 20.36 16.25 -21.21
N CYS J 209 21.49 15.68 -20.86
CA CYS J 209 21.84 14.32 -21.21
C CYS J 209 21.53 13.40 -20.04
N GLN J 210 20.58 12.48 -20.24
CA GLN J 210 20.06 11.65 -19.16
C GLN J 210 20.39 10.17 -19.40
N VAL J 211 21.07 9.57 -18.43
CA VAL J 211 21.40 8.15 -18.54
C VAL J 211 20.79 7.38 -17.38
N GLN J 212 19.81 6.52 -17.70
CA GLN J 212 19.23 5.64 -16.72
C GLN J 212 20.20 4.48 -16.54
N PHE J 213 20.56 4.18 -15.29
CA PHE J 213 21.44 3.05 -15.04
C PHE J 213 20.65 1.95 -14.36
N TYR J 214 20.80 0.71 -14.83
CA TYR J 214 20.14 -0.41 -14.17
C TYR J 214 21.17 -1.18 -13.39
N GLY J 215 21.01 -1.22 -12.08
CA GLY J 215 22.02 -1.79 -11.23
C GLY J 215 21.38 -2.47 -10.05
N LEU J 216 21.96 -2.32 -8.86
CA LEU J 216 21.54 -3.09 -7.71
C LEU J 216 20.21 -2.66 -7.15
N SER J 217 19.59 -3.56 -6.40
CA SER J 217 18.25 -3.35 -5.88
C SER J 217 18.28 -2.93 -4.42
N GLU J 218 17.19 -2.34 -3.98
CA GLU J 218 17.07 -1.87 -2.60
C GLU J 218 17.51 -2.92 -1.58
N ASN J 219 17.27 -4.19 -1.87
CA ASN J 219 17.67 -5.26 -0.95
C ASN J 219 18.67 -6.29 -1.52
N ASP J 220 19.75 -5.78 -2.10
CA ASP J 220 20.95 -6.57 -2.34
C ASP J 220 21.85 -6.06 -1.23
N GLU J 221 22.58 -6.93 -0.54
CA GLU J 221 23.50 -6.38 0.46
C GLU J 221 24.67 -5.73 -0.25
N TRP J 222 25.25 -4.72 0.38
CA TRP J 222 26.43 -4.05 -0.16
C TRP J 222 27.54 -3.95 0.88
N THR J 223 28.71 -4.49 0.55
CA THR J 223 29.82 -4.53 1.49
C THR J 223 31.04 -3.97 0.83
N GLN J 224 30.93 -2.76 0.31
CA GLN J 224 32.07 -2.15 -0.35
C GLN J 224 32.31 -0.73 0.23
N ASP J 225 33.57 -0.29 0.24
CA ASP J 225 33.84 1.04 0.79
C ASP J 225 33.47 2.19 -0.15
N ARG J 226 32.33 2.08 -0.81
CA ARG J 226 31.85 3.14 -1.67
C ARG J 226 30.35 3.18 -1.67
N ALA J 227 29.80 4.04 -2.51
CA ALA J 227 28.34 4.14 -2.59
C ALA J 227 27.78 2.94 -3.30
N LYS J 228 26.61 2.49 -2.82
CA LYS J 228 25.89 1.36 -3.44
C LYS J 228 25.46 1.70 -4.89
N PRO J 229 26.03 0.96 -5.88
CA PRO J 229 25.84 1.22 -7.31
C PRO J 229 24.46 0.71 -7.67
N VAL J 230 23.51 1.38 -7.07
CA VAL J 230 22.12 1.05 -7.15
C VAL J 230 21.51 1.61 -8.44
N THR J 231 20.36 1.08 -8.85
CA THR J 231 19.64 1.58 -10.04
C THR J 231 19.28 3.06 -9.90
N GLN J 232 19.56 3.86 -10.93
CA GLN J 232 19.49 5.31 -10.78
C GLN J 232 19.60 6.10 -12.07
N ILE J 233 19.24 7.39 -12.01
CA ILE J 233 19.50 8.28 -13.13
C ILE J 233 20.70 9.15 -12.85
N VAL J 234 21.46 9.46 -13.90
CA VAL J 234 22.65 10.28 -13.79
C VAL J 234 22.60 11.18 -15.01
N SER J 235 22.56 12.49 -14.78
CA SER J 235 22.44 13.46 -15.87
C SER J 235 23.61 14.40 -15.93
N ALA J 236 23.65 15.17 -17.01
CA ALA J 236 24.52 16.33 -17.14
C ALA J 236 23.77 17.46 -17.85
N GLU J 237 23.87 18.68 -17.33
CA GLU J 237 23.32 19.83 -18.04
C GLU J 237 24.12 20.78 -18.87
N ALA J 238 23.43 21.60 -19.66
CA ALA J 238 24.01 22.74 -20.37
C ALA J 238 22.89 23.71 -20.83
N TRP J 239 23.25 25.00 -20.92
CA TRP J 239 22.34 26.02 -21.42
C TRP J 239 22.92 26.68 -22.68
N GLY J 240 22.02 27.15 -23.55
CA GLY J 240 22.44 27.94 -24.69
C GLY J 240 23.34 29.15 -24.44
N ARG J 241 24.27 29.36 -25.37
CA ARG J 241 25.04 30.60 -25.47
C ARG J 241 25.05 31.46 -26.74
N ALA J 242 25.04 32.78 -26.61
CA ALA J 242 24.74 33.67 -27.75
C ALA J 242 26.06 34.03 -28.49
N ASP J 243 27.18 33.99 -27.76
CA ASP J 243 28.52 34.32 -28.29
C ASP J 243 28.57 34.56 -29.80
N GLY K 2 -6.35 -45.54 -64.66
CA GLY K 2 -7.59 -44.78 -64.50
C GLY K 2 -7.50 -43.58 -63.55
N PRO K 3 -8.63 -43.18 -62.90
CA PRO K 3 -8.67 -42.18 -61.82
C PRO K 3 -8.26 -42.76 -60.48
N HIS K 4 -8.01 -41.90 -59.49
CA HIS K 4 -7.52 -42.35 -58.18
C HIS K 4 -7.88 -41.35 -57.10
N SER K 5 -7.69 -41.75 -55.86
CA SER K 5 -7.99 -40.88 -54.76
C SER K 5 -7.08 -41.18 -53.56
N MET K 6 -6.99 -40.22 -52.66
CA MET K 6 -6.29 -40.36 -51.40
C MET K 6 -7.12 -39.62 -50.37
N ARG K 7 -7.28 -40.23 -49.21
CA ARG K 7 -7.98 -39.59 -48.11
C ARG K 7 -7.24 -39.87 -46.80
N TYR K 8 -7.29 -38.92 -45.87
CA TYR K 8 -6.78 -39.16 -44.55
C TYR K 8 -7.77 -38.57 -43.58
N TYR K 9 -8.24 -39.38 -42.62
CA TYR K 9 -9.18 -38.90 -41.59
C TYR K 9 -8.53 -38.87 -40.21
N GLU K 10 -8.79 -37.81 -39.46
CA GLU K 10 -8.37 -37.71 -38.09
C GLU K 10 -9.61 -37.42 -37.26
N THR K 11 -9.72 -38.04 -36.08
CA THR K 11 -10.79 -37.69 -35.15
C THR K 11 -10.20 -37.55 -33.76
N ALA K 12 -10.63 -36.54 -33.03
CA ALA K 12 -10.23 -36.34 -31.65
C ALA K 12 -11.49 -36.27 -30.81
N THR K 13 -11.54 -37.07 -29.75
CA THR K 13 -12.74 -37.09 -28.92
C THR K 13 -12.38 -36.71 -27.51
N SER K 14 -12.96 -35.62 -27.01
CA SER K 14 -12.67 -35.17 -25.66
C SER K 14 -13.27 -36.18 -24.70
N ARG K 15 -12.65 -36.22 -23.53
CA ARG K 15 -13.05 -37.09 -22.47
C ARG K 15 -13.62 -36.24 -21.39
N ARG K 16 -14.33 -36.86 -20.47
CA ARG K 16 -14.94 -36.14 -19.38
C ARG K 16 -13.93 -35.96 -18.27
N GLY K 17 -12.87 -35.18 -18.51
CA GLY K 17 -11.84 -34.94 -17.52
C GLY K 17 -11.59 -33.49 -17.13
N LEU K 18 -11.15 -32.66 -18.08
CA LEU K 18 -10.86 -33.14 -19.42
C LEU K 18 -9.49 -33.79 -19.36
N GLY K 19 -9.48 -35.08 -19.62
CA GLY K 19 -8.26 -35.86 -19.61
C GLY K 19 -7.80 -35.60 -21.03
N GLU K 20 -6.83 -36.36 -21.50
CA GLU K 20 -6.41 -36.09 -22.89
C GLU K 20 -7.23 -36.83 -23.93
N PRO K 21 -7.59 -36.10 -25.01
CA PRO K 21 -8.53 -36.61 -26.02
C PRO K 21 -8.10 -37.88 -26.76
N ARG K 22 -9.10 -38.72 -27.03
CA ARG K 22 -8.98 -39.93 -27.84
C ARG K 22 -8.69 -39.55 -29.28
N TYR K 23 -7.42 -39.59 -29.69
CA TYR K 23 -7.06 -39.21 -31.06
C TYR K 23 -6.94 -40.44 -31.93
N THR K 24 -7.34 -40.30 -33.19
CA THR K 24 -7.43 -41.42 -34.13
C THR K 24 -7.18 -40.98 -35.56
N SER K 25 -6.57 -41.82 -36.37
CA SER K 25 -6.40 -41.45 -37.76
C SER K 25 -6.38 -42.67 -38.64
N VAL K 26 -6.64 -42.47 -39.92
CA VAL K 26 -6.67 -43.56 -40.87
C VAL K 26 -6.54 -42.99 -42.28
N GLY K 27 -5.68 -43.61 -43.10
CA GLY K 27 -5.45 -43.17 -44.47
C GLY K 27 -5.93 -44.18 -45.50
N TYR K 28 -6.35 -43.68 -46.65
CA TYR K 28 -6.87 -44.53 -47.71
C TYR K 28 -6.31 -44.03 -49.02
N VAL K 29 -5.90 -44.92 -49.91
CA VAL K 29 -5.84 -44.59 -51.33
C VAL K 29 -6.75 -45.56 -52.05
N ASP K 30 -7.60 -45.05 -52.92
CA ASP K 30 -8.47 -45.93 -53.70
C ASP K 30 -9.28 -46.86 -52.83
N ASP K 31 -9.97 -46.34 -51.82
CA ASP K 31 -10.81 -47.16 -50.97
C ASP K 31 -10.12 -48.39 -50.32
N LYS K 32 -8.82 -48.30 -50.10
CA LYS K 32 -8.12 -49.30 -49.29
C LYS K 32 -7.30 -48.63 -48.19
N GLU K 33 -7.35 -49.17 -46.97
CA GLU K 33 -6.60 -48.60 -45.87
C GLU K 33 -5.12 -48.84 -46.08
N PHE K 34 -4.28 -47.85 -45.77
CA PHE K 34 -2.83 -48.02 -45.88
C PHE K 34 -2.13 -47.62 -44.60
N VAL K 35 -2.88 -47.12 -43.63
CA VAL K 35 -2.35 -46.89 -42.28
C VAL K 35 -3.43 -46.46 -41.35
N ARG K 36 -3.23 -46.71 -40.07
CA ARG K 36 -4.20 -46.34 -39.05
C ARG K 36 -3.42 -45.98 -37.81
N PHE K 37 -4.07 -45.26 -36.92
CA PHE K 37 -3.50 -44.98 -35.61
C PHE K 37 -4.61 -44.76 -34.62
N ASP K 38 -4.38 -45.23 -33.40
CA ASP K 38 -5.38 -45.15 -32.35
C ASP K 38 -4.66 -45.03 -31.02
N SER K 39 -4.90 -43.96 -30.26
CA SER K 39 -4.27 -43.83 -28.95
C SER K 39 -5.09 -44.58 -27.89
N ASP K 40 -5.45 -45.83 -28.20
CA ASP K 40 -6.28 -46.65 -27.32
C ASP K 40 -5.81 -48.10 -27.21
N ALA K 41 -4.99 -48.54 -28.15
CA ALA K 41 -4.35 -49.84 -28.04
C ALA K 41 -3.13 -49.65 -27.15
N GLU K 42 -2.70 -50.70 -26.44
CA GLU K 42 -1.69 -50.51 -25.38
C GLU K 42 -0.47 -49.69 -25.83
N ASN K 43 0.04 -50.01 -27.02
CA ASN K 43 1.03 -49.16 -27.66
C ASN K 43 0.37 -48.23 -28.67
N PRO K 44 0.57 -46.92 -28.49
CA PRO K 44 0.13 -45.99 -29.52
C PRO K 44 1.12 -46.07 -30.69
N ARG K 45 0.89 -46.98 -31.63
CA ARG K 45 1.67 -47.03 -32.85
C ARG K 45 0.99 -47.07 -34.21
N TYR K 46 1.61 -46.42 -35.19
CA TYR K 46 1.07 -46.32 -36.55
C TYR K 46 1.15 -47.73 -37.16
N GLU K 47 0.02 -48.27 -37.64
CA GLU K 47 0.01 -49.63 -38.21
C GLU K 47 -0.20 -49.68 -39.72
N PRO K 48 0.89 -49.59 -40.51
CA PRO K 48 0.74 -49.69 -41.96
C PRO K 48 -0.04 -50.94 -42.30
N GLN K 49 -0.93 -50.85 -43.29
CA GLN K 49 -1.80 -51.97 -43.63
C GLN K 49 -1.49 -52.50 -45.03
N VAL K 50 -0.33 -52.13 -45.54
CA VAL K 50 -0.02 -52.39 -46.93
C VAL K 50 1.47 -52.70 -47.10
N PRO K 51 1.79 -53.76 -47.86
CA PRO K 51 3.15 -54.31 -47.91
C PRO K 51 4.26 -53.27 -48.14
N TRP K 52 4.08 -52.33 -49.06
CA TRP K 52 5.17 -51.40 -49.41
C TRP K 52 5.41 -50.29 -48.39
N MET K 53 4.56 -50.27 -47.35
CA MET K 53 4.61 -49.31 -46.24
C MET K 53 5.54 -49.82 -45.15
N GLU K 54 5.41 -51.12 -44.93
CA GLU K 54 6.07 -51.85 -43.86
C GLU K 54 7.58 -51.86 -43.93
N GLN K 55 8.12 -51.99 -45.12
CA GLN K 55 9.54 -52.03 -45.21
C GLN K 55 10.04 -50.61 -45.18
N GLU K 56 9.88 -49.98 -44.02
CA GLU K 56 10.34 -48.62 -43.87
C GLU K 56 11.12 -48.48 -42.60
N GLY K 57 12.13 -47.63 -42.63
CA GLY K 57 12.97 -47.42 -41.47
C GLY K 57 12.21 -46.88 -40.27
N PRO K 58 12.44 -47.47 -39.08
CA PRO K 58 11.71 -47.02 -37.90
C PRO K 58 12.01 -45.58 -37.47
N GLU K 59 12.93 -44.88 -38.15
CA GLU K 59 13.13 -43.46 -37.90
C GLU K 59 12.26 -42.62 -38.82
N TYR K 60 11.57 -43.32 -39.73
CA TYR K 60 10.53 -42.73 -40.56
C TYR K 60 9.28 -42.61 -39.73
N TRP K 61 8.88 -43.70 -39.14
CA TRP K 61 7.70 -43.73 -38.32
C TRP K 61 7.84 -42.81 -37.14
N GLU K 62 9.04 -42.73 -36.60
CA GLU K 62 9.25 -41.85 -35.47
C GLU K 62 9.02 -40.39 -35.84
N ARG K 63 9.45 -39.97 -37.03
CA ARG K 63 9.20 -38.61 -37.40
C ARG K 63 7.71 -38.43 -37.47
N ILE K 64 7.04 -39.41 -38.04
CA ILE K 64 5.60 -39.34 -38.15
C ILE K 64 4.96 -39.22 -36.78
N THR K 65 5.45 -40.01 -35.83
CA THR K 65 4.85 -40.04 -34.49
C THR K 65 5.06 -38.72 -33.75
N GLN K 66 6.26 -38.17 -33.87
CA GLN K 66 6.53 -36.86 -33.31
C GLN K 66 5.49 -35.84 -33.78
N VAL K 67 5.24 -35.78 -35.08
CA VAL K 67 4.22 -34.89 -35.64
C VAL K 67 2.85 -35.11 -34.99
N ALA K 68 2.42 -36.36 -34.89
CA ALA K 68 1.16 -36.67 -34.22
C ALA K 68 1.03 -36.05 -32.81
N LYS K 69 2.06 -36.18 -31.98
CA LYS K 69 1.97 -35.64 -30.62
C LYS K 69 1.62 -34.17 -30.67
N GLY K 70 2.19 -33.45 -31.64
CA GLY K 70 1.81 -32.08 -31.90
C GLY K 70 0.35 -31.96 -32.31
N GLN K 71 -0.02 -32.62 -33.40
CA GLN K 71 -1.39 -32.60 -33.84
C GLN K 71 -2.41 -32.86 -32.72
N GLU K 72 -2.08 -33.76 -31.79
CA GLU K 72 -2.98 -34.08 -30.71
C GLU K 72 -3.12 -32.86 -29.87
N GLN K 73 -2.00 -32.28 -29.51
CA GLN K 73 -2.02 -31.09 -28.67
C GLN K 73 -2.81 -29.98 -29.32
N TRP K 74 -2.75 -29.88 -30.65
CA TRP K 74 -3.60 -28.96 -31.38
C TRP K 74 -5.08 -29.30 -31.18
N PHE K 75 -5.46 -30.56 -31.39
CA PHE K 75 -6.85 -30.98 -31.18
C PHE K 75 -7.34 -30.65 -29.79
N ARG K 76 -6.54 -30.95 -28.78
CA ARG K 76 -6.95 -30.69 -27.42
C ARG K 76 -7.28 -29.22 -27.23
N VAL K 77 -6.44 -28.33 -27.73
CA VAL K 77 -6.66 -26.89 -27.56
C VAL K 77 -7.90 -26.43 -28.28
N ASN K 78 -8.04 -26.82 -29.54
CA ASN K 78 -9.17 -26.38 -30.34
C ASN K 78 -10.52 -26.98 -29.99
N LEU K 79 -10.52 -28.24 -29.55
CA LEU K 79 -11.73 -28.88 -29.06
C LEU K 79 -12.35 -28.00 -27.99
N ARG K 80 -11.47 -27.37 -27.23
CA ARG K 80 -11.83 -26.37 -26.24
C ARG K 80 -12.40 -25.12 -26.89
N THR K 81 -11.80 -24.70 -28.00
CA THR K 81 -12.24 -23.49 -28.67
C THR K 81 -13.66 -23.66 -29.12
N LEU K 82 -13.97 -24.83 -29.67
CA LEU K 82 -15.37 -25.15 -29.96
C LEU K 82 -16.48 -25.17 -28.89
N LEU K 83 -16.26 -25.85 -27.77
CA LEU K 83 -17.21 -25.81 -26.65
C LEU K 83 -17.57 -24.38 -26.24
N GLY K 84 -16.63 -23.49 -26.53
CA GLY K 84 -16.77 -22.08 -26.24
C GLY K 84 -17.78 -21.58 -27.24
N TYR K 85 -17.42 -21.67 -28.52
CA TYR K 85 -18.29 -21.28 -29.63
C TYR K 85 -19.75 -21.70 -29.48
N TYR K 86 -19.97 -22.90 -28.96
CA TYR K 86 -21.29 -23.50 -28.89
C TYR K 86 -21.89 -23.49 -27.50
N ASN K 87 -21.26 -22.77 -26.58
CA ASN K 87 -21.78 -22.66 -25.23
C ASN K 87 -22.04 -24.01 -24.57
N GLN K 88 -21.13 -24.95 -24.78
CA GLN K 88 -21.36 -26.31 -24.31
C GLN K 88 -20.75 -26.61 -22.95
N SER K 89 -21.47 -27.39 -22.15
CA SER K 89 -21.01 -27.80 -20.84
C SER K 89 -19.62 -28.42 -20.87
N ALA K 90 -18.82 -28.11 -19.87
CA ALA K 90 -17.43 -28.57 -19.82
C ALA K 90 -17.30 -30.08 -19.54
N GLY K 91 -18.33 -30.67 -18.93
CA GLY K 91 -18.28 -32.06 -18.52
C GLY K 91 -18.40 -33.11 -19.62
N GLY K 92 -18.99 -32.74 -20.74
CA GLY K 92 -19.39 -33.69 -21.77
C GLY K 92 -18.34 -34.25 -22.73
N THR K 93 -18.84 -34.94 -23.76
CA THR K 93 -18.03 -35.65 -24.75
C THR K 93 -18.24 -35.11 -26.17
N HIS K 94 -17.19 -34.56 -26.78
CA HIS K 94 -17.32 -34.02 -28.12
C HIS K 94 -16.25 -34.51 -29.08
N THR K 95 -16.57 -34.52 -30.37
CA THR K 95 -15.69 -35.08 -31.39
C THR K 95 -15.45 -34.10 -32.53
N LEU K 96 -14.22 -33.60 -32.64
CA LEU K 96 -13.81 -32.85 -33.83
C LEU K 96 -13.17 -33.79 -34.83
N GLN K 97 -13.65 -33.77 -36.05
CA GLN K 97 -13.11 -34.64 -37.07
C GLN K 97 -12.59 -33.85 -38.26
N ARG K 98 -11.55 -34.36 -38.91
CA ARG K 98 -10.93 -33.64 -40.01
C ARG K 98 -10.61 -34.59 -41.13
N MET K 99 -10.83 -34.17 -42.37
CA MET K 99 -10.47 -35.01 -43.50
C MET K 99 -9.78 -34.17 -44.53
N TYR K 100 -8.69 -34.69 -45.09
CA TYR K 100 -8.08 -34.07 -46.26
C TYR K 100 -7.79 -35.09 -47.32
N GLY K 101 -7.37 -34.67 -48.50
CA GLY K 101 -7.13 -35.64 -49.55
C GLY K 101 -7.35 -35.10 -50.95
N CYS K 102 -7.12 -35.93 -51.95
CA CYS K 102 -7.28 -35.47 -53.32
C CYS K 102 -7.80 -36.54 -54.28
N ASP K 103 -8.46 -36.11 -55.34
CA ASP K 103 -8.81 -36.99 -56.44
C ASP K 103 -7.98 -36.56 -57.62
N VAL K 104 -7.11 -37.42 -58.15
CA VAL K 104 -6.50 -37.11 -59.44
C VAL K 104 -7.21 -37.90 -60.53
N GLY K 105 -7.25 -37.36 -61.74
CA GLY K 105 -7.93 -38.05 -62.81
C GLY K 105 -7.06 -39.00 -63.62
N SER K 106 -7.59 -39.42 -64.77
CA SER K 106 -6.91 -40.34 -65.67
C SER K 106 -5.53 -39.81 -66.09
N ASP K 107 -5.42 -38.48 -66.18
CA ASP K 107 -4.21 -37.79 -66.65
C ASP K 107 -3.15 -37.52 -65.59
N GLY K 108 -3.49 -37.82 -64.34
CA GLY K 108 -2.57 -37.65 -63.23
C GLY K 108 -2.57 -36.25 -62.68
N ARG K 109 -3.51 -35.46 -63.16
CA ARG K 109 -3.66 -34.09 -62.72
C ARG K 109 -4.75 -34.00 -61.70
N LEU K 110 -4.59 -33.08 -60.76
CA LEU K 110 -5.53 -32.98 -59.68
C LEU K 110 -6.86 -32.71 -60.28
N LEU K 111 -7.85 -33.32 -59.68
CA LEU K 111 -9.24 -33.19 -60.08
C LEU K 111 -9.94 -32.42 -59.01
N ARG K 112 -9.80 -32.88 -57.78
CA ARG K 112 -10.38 -32.17 -56.66
C ARG K 112 -9.55 -32.34 -55.40
N GLY K 113 -9.58 -31.34 -54.54
CA GLY K 113 -8.82 -31.34 -53.30
C GLY K 113 -9.72 -31.07 -52.12
N TYR K 114 -9.46 -31.71 -51.00
CA TYR K 114 -10.34 -31.60 -49.85
C TYR K 114 -9.59 -31.16 -48.59
N GLU K 115 -10.27 -30.39 -47.76
CA GLU K 115 -9.79 -30.01 -46.44
C GLU K 115 -11.00 -29.55 -45.67
N GLN K 116 -11.41 -30.32 -44.66
CA GLN K 116 -12.67 -30.05 -44.00
C GLN K 116 -12.81 -30.68 -42.63
N PHE K 117 -13.57 -30.00 -41.78
CA PHE K 117 -13.82 -30.45 -40.43
C PHE K 117 -15.32 -30.63 -40.18
N ALA K 118 -15.67 -31.60 -39.37
CA ALA K 118 -17.03 -31.73 -38.88
C ALA K 118 -16.92 -31.79 -37.38
N TYR K 119 -17.92 -31.30 -36.69
CA TYR K 119 -17.88 -31.25 -35.24
C TYR K 119 -19.14 -31.85 -34.69
N ASP K 120 -18.99 -32.86 -33.85
CA ASP K 120 -20.13 -33.53 -33.23
C ASP K 120 -21.08 -34.12 -34.25
N GLY K 121 -20.54 -34.57 -35.36
CA GLY K 121 -21.34 -35.24 -36.36
C GLY K 121 -21.75 -34.34 -37.50
N CYS K 122 -21.84 -33.05 -37.22
CA CYS K 122 -22.37 -32.07 -38.14
C CYS K 122 -21.24 -31.35 -38.89
N ASP K 123 -21.48 -30.99 -40.15
CA ASP K 123 -20.46 -30.28 -40.93
C ASP K 123 -20.14 -28.98 -40.25
N TYR K 124 -18.86 -28.62 -40.24
CA TYR K 124 -18.43 -27.37 -39.63
C TYR K 124 -17.85 -26.38 -40.63
N ILE K 125 -16.75 -26.74 -41.28
CA ILE K 125 -16.16 -25.87 -42.29
C ILE K 125 -15.45 -26.70 -43.32
N ALA K 126 -15.41 -26.23 -44.57
CA ALA K 126 -14.88 -27.03 -45.66
C ALA K 126 -14.34 -26.17 -46.79
N LEU K 127 -13.15 -26.52 -47.29
CA LEU K 127 -12.51 -25.77 -48.35
C LEU K 127 -13.20 -26.07 -49.67
N ASN K 128 -13.60 -25.02 -50.37
CA ASN K 128 -14.34 -25.16 -51.61
C ASN K 128 -13.48 -25.67 -52.76
N GLU K 129 -14.11 -26.20 -53.81
CA GLU K 129 -13.39 -26.74 -54.95
C GLU K 129 -12.38 -25.75 -55.47
N ASP K 130 -12.60 -24.48 -55.17
CA ASP K 130 -11.74 -23.43 -55.68
C ASP K 130 -10.39 -23.38 -54.99
N LEU K 131 -10.37 -23.93 -53.78
CA LEU K 131 -9.18 -23.98 -52.97
C LEU K 131 -8.81 -22.61 -52.53
N ARG K 132 -9.77 -21.70 -52.60
CA ARG K 132 -9.54 -20.35 -52.16
C ARG K 132 -10.60 -19.82 -51.20
N THR K 133 -11.69 -20.54 -51.04
CA THR K 133 -12.83 -20.10 -50.27
C THR K 133 -13.29 -21.14 -49.29
N TRP K 134 -14.01 -20.76 -48.23
CA TRP K 134 -14.43 -21.76 -47.27
C TRP K 134 -15.93 -21.73 -47.18
N THR K 135 -16.53 -22.86 -46.85
CA THR K 135 -17.97 -22.87 -46.63
C THR K 135 -18.25 -23.11 -45.17
N ALA K 136 -18.98 -22.19 -44.53
CA ALA K 136 -19.18 -22.23 -43.09
C ALA K 136 -20.60 -22.62 -42.69
N ALA K 137 -20.75 -23.77 -42.06
CA ALA K 137 -22.06 -24.32 -41.72
C ALA K 137 -22.86 -23.37 -40.87
N ASP K 138 -22.22 -22.73 -39.91
CA ASP K 138 -22.99 -21.88 -39.01
C ASP K 138 -22.26 -20.66 -38.50
N MET K 139 -22.81 -20.05 -37.45
CA MET K 139 -22.26 -18.84 -36.87
C MET K 139 -20.87 -19.07 -36.28
N ALA K 140 -20.68 -20.20 -35.62
CA ALA K 140 -19.36 -20.53 -35.10
C ALA K 140 -18.36 -20.64 -36.26
N ALA K 141 -18.66 -21.52 -37.20
CA ALA K 141 -17.81 -21.73 -38.36
C ALA K 141 -17.34 -20.49 -39.13
N GLN K 142 -18.19 -19.48 -39.26
CA GLN K 142 -17.84 -18.25 -39.94
C GLN K 142 -16.67 -17.54 -39.26
N ILE K 143 -16.68 -17.56 -37.93
CA ILE K 143 -15.60 -16.99 -37.12
C ILE K 143 -14.31 -17.67 -37.56
N THR K 144 -14.29 -19.00 -37.49
CA THR K 144 -13.17 -19.76 -37.95
C THR K 144 -12.71 -19.31 -39.34
N ARG K 145 -13.63 -19.34 -40.28
CA ARG K 145 -13.34 -18.89 -41.63
C ARG K 145 -12.66 -17.52 -41.77
N ARG K 146 -13.08 -16.58 -40.94
CA ARG K 146 -12.49 -15.24 -40.98
C ARG K 146 -11.04 -15.34 -40.53
N LYS K 147 -10.81 -16.07 -39.44
CA LYS K 147 -9.46 -16.28 -38.94
C LYS K 147 -8.66 -16.82 -40.10
N TRP K 148 -9.21 -17.84 -40.76
CA TRP K 148 -8.48 -18.59 -41.77
C TRP K 148 -8.37 -17.80 -43.04
N GLU K 149 -9.41 -17.01 -43.33
CA GLU K 149 -9.38 -16.08 -44.43
C GLU K 149 -8.22 -15.11 -44.23
N GLN K 150 -8.09 -14.54 -43.04
CA GLN K 150 -7.09 -13.54 -42.88
C GLN K 150 -5.71 -14.15 -42.69
N ALA K 151 -5.66 -15.36 -42.12
CA ALA K 151 -4.39 -16.06 -41.88
C ALA K 151 -3.80 -16.70 -43.12
N GLY K 152 -4.68 -17.01 -44.06
CA GLY K 152 -4.27 -17.51 -45.36
C GLY K 152 -4.27 -19.01 -45.39
N ALA K 153 -5.18 -19.62 -44.64
CA ALA K 153 -5.21 -21.06 -44.50
C ALA K 153 -5.43 -21.72 -45.88
N ALA K 154 -6.45 -21.32 -46.62
CA ALA K 154 -6.69 -21.85 -47.96
C ALA K 154 -5.46 -21.90 -48.85
N GLU K 155 -4.64 -20.85 -48.84
CA GLU K 155 -3.43 -20.87 -49.65
C GLU K 155 -2.46 -21.92 -49.13
N TYR K 156 -2.33 -22.02 -47.82
CA TYR K 156 -1.44 -23.00 -47.19
C TYR K 156 -1.75 -24.40 -47.71
N TYR K 157 -3.03 -24.72 -47.82
CA TYR K 157 -3.38 -26.09 -48.15
C TYR K 157 -3.51 -26.35 -49.63
N ARG K 158 -3.74 -25.29 -50.41
CA ARG K 158 -3.63 -25.42 -51.85
C ARG K 158 -2.24 -25.93 -52.20
N ALA K 159 -1.21 -25.33 -51.62
CA ALA K 159 0.15 -25.72 -51.94
C ALA K 159 0.28 -27.22 -51.80
N TYR K 160 -0.29 -27.75 -50.72
CA TYR K 160 -0.23 -29.18 -50.42
C TYR K 160 -1.03 -29.96 -51.43
N LEU K 161 -2.34 -29.75 -51.45
CA LEU K 161 -3.27 -30.42 -52.35
C LEU K 161 -2.87 -30.47 -53.81
N GLU K 162 -2.44 -29.35 -54.36
CA GLU K 162 -2.05 -29.30 -55.76
C GLU K 162 -0.71 -29.93 -56.05
N GLY K 163 0.11 -30.11 -55.03
CA GLY K 163 1.47 -30.57 -55.23
C GLY K 163 1.77 -31.87 -54.54
N GLU K 164 2.15 -31.80 -53.27
CA GLU K 164 2.52 -32.99 -52.52
C GLU K 164 1.43 -34.05 -52.51
N CYS K 165 0.18 -33.66 -52.33
CA CYS K 165 -0.88 -34.63 -52.14
C CYS K 165 -0.95 -35.51 -53.38
N VAL K 166 -0.74 -34.89 -54.54
CA VAL K 166 -0.77 -35.61 -55.81
C VAL K 166 0.55 -36.36 -56.04
N GLU K 167 1.67 -35.72 -55.70
CA GLU K 167 3.00 -36.34 -55.82
C GLU K 167 3.08 -37.65 -55.05
N TRP K 168 2.53 -37.68 -53.85
CA TRP K 168 2.61 -38.85 -53.00
C TRP K 168 1.70 -39.98 -53.45
N LEU K 169 0.46 -39.63 -53.79
CA LEU K 169 -0.50 -40.60 -54.31
C LEU K 169 0.12 -41.35 -55.47
N HIS K 170 0.95 -40.66 -56.24
CA HIS K 170 1.64 -41.28 -57.36
C HIS K 170 2.68 -42.28 -56.85
N ARG K 171 3.75 -41.77 -56.24
CA ARG K 171 4.77 -42.63 -55.69
C ARG K 171 4.12 -43.86 -55.04
N TYR K 172 3.05 -43.66 -54.28
CA TYR K 172 2.41 -44.76 -53.58
C TYR K 172 1.87 -45.79 -54.55
N LEU K 173 1.03 -45.35 -55.46
CA LEU K 173 0.46 -46.21 -56.49
C LEU K 173 1.56 -46.88 -57.30
N LYS K 174 2.69 -46.21 -57.43
CA LYS K 174 3.78 -46.78 -58.18
C LYS K 174 4.41 -47.97 -57.46
N ASN K 175 3.89 -48.37 -56.29
CA ASN K 175 4.17 -49.75 -55.85
C ASN K 175 3.02 -50.77 -56.05
N GLY K 176 3.05 -51.39 -57.24
CA GLY K 176 1.94 -52.12 -57.81
C GLY K 176 1.68 -51.51 -59.17
N PHE L 1 3.24 -38.43 -46.21
CA PHE L 1 1.84 -38.44 -46.60
C PHE L 1 1.06 -37.64 -45.62
N LEU L 2 1.75 -36.71 -44.98
CA LEU L 2 1.17 -35.92 -43.92
C LEU L 2 0.90 -34.49 -44.28
N SER L 3 -0.22 -33.98 -43.81
CA SER L 3 -0.49 -32.54 -43.89
C SER L 3 -1.12 -32.06 -42.58
N PRO L 4 -0.27 -31.82 -41.55
CA PRO L 4 -0.81 -31.36 -40.27
C PRO L 4 -1.54 -30.02 -40.39
N PHE L 5 -2.56 -29.88 -39.56
CA PHE L 5 -3.35 -28.67 -39.46
C PHE L 5 -3.00 -27.91 -38.19
N TRP L 6 -2.32 -26.80 -38.36
CA TRP L 6 -1.84 -26.01 -37.26
C TRP L 6 -2.69 -24.77 -36.95
N PHE L 7 -3.45 -24.28 -37.93
CA PHE L 7 -4.19 -23.01 -37.83
C PHE L 7 -5.24 -23.00 -36.72
N ASP L 8 -5.54 -21.84 -36.15
CA ASP L 8 -6.47 -21.78 -35.04
C ASP L 8 -7.91 -21.84 -35.48
N ILE L 9 -8.79 -22.14 -34.55
CA ILE L 9 -10.21 -22.20 -34.82
C ILE L 9 -10.91 -21.07 -34.09
N ALA M 4 -7.98 -42.97 24.57
CA ALA M 4 -9.29 -42.58 25.11
C ALA M 4 -9.29 -42.61 26.66
N GLN M 5 -8.12 -42.25 27.18
CA GLN M 5 -7.94 -42.09 28.60
C GLN M 5 -7.53 -40.65 28.84
N SER M 6 -8.30 -40.01 29.70
CA SER M 6 -8.18 -38.59 30.02
C SER M 6 -7.64 -38.47 31.43
N VAL M 7 -7.38 -37.24 31.85
CA VAL M 7 -7.14 -36.92 33.26
C VAL M 7 -7.99 -35.70 33.51
N THR M 8 -8.51 -35.58 34.73
CA THR M 8 -9.31 -34.40 35.05
C THR M 8 -8.84 -33.63 36.30
N GLN M 9 -8.73 -32.31 36.13
CA GLN M 9 -8.42 -31.40 37.22
C GLN M 9 -9.66 -30.59 37.49
N PRO M 10 -10.08 -30.54 38.76
CA PRO M 10 -11.37 -29.99 39.18
C PRO M 10 -11.43 -28.46 39.07
N ASP M 11 -10.36 -27.77 39.44
CA ASP M 11 -10.40 -26.32 39.56
C ASP M 11 -9.35 -25.65 38.68
N ALA M 12 -9.79 -24.67 37.87
CA ALA M 12 -8.88 -23.90 37.03
C ALA M 12 -8.13 -22.80 37.80
N ARG M 13 -8.81 -22.19 38.78
CA ARG M 13 -8.22 -21.17 39.62
C ARG M 13 -8.17 -21.60 41.09
N VAL M 14 -7.05 -21.29 41.75
CA VAL M 14 -6.86 -21.68 43.15
C VAL M 14 -5.95 -20.74 43.94
N THR M 15 -6.42 -20.32 45.12
CA THR M 15 -5.67 -19.40 45.99
C THR M 15 -5.37 -19.86 47.43
N VAL M 16 -4.12 -19.70 47.85
CA VAL M 16 -3.68 -20.05 49.21
C VAL M 16 -2.60 -19.11 49.75
N SER M 17 -2.33 -19.16 51.06
CA SER M 17 -1.45 -18.16 51.68
C SER M 17 -0.06 -18.67 52.02
N GLU M 18 0.95 -17.82 51.79
CA GLU M 18 2.37 -18.16 52.00
C GLU M 18 2.51 -18.91 53.32
N GLY M 19 3.03 -20.13 53.26
CA GLY M 19 3.12 -20.99 54.43
C GLY M 19 2.12 -22.15 54.43
N ALA M 20 0.88 -21.89 53.96
CA ALA M 20 -0.17 -22.92 53.88
C ALA M 20 0.27 -24.20 53.16
N SER M 21 -0.54 -25.24 53.28
CA SER M 21 -0.17 -26.50 52.65
C SER M 21 -1.11 -26.77 51.48
N LEU M 22 -0.52 -27.33 50.41
CA LEU M 22 -1.11 -27.34 49.09
C LEU M 22 -1.53 -28.72 48.67
N GLN M 23 -2.76 -28.84 48.18
CA GLN M 23 -3.20 -30.06 47.52
C GLN M 23 -3.94 -29.72 46.23
N LEU M 24 -3.35 -30.12 45.10
CA LEU M 24 -3.96 -29.93 43.80
C LEU M 24 -4.48 -31.25 43.30
N ARG M 25 -5.78 -31.27 42.99
CA ARG M 25 -6.51 -32.51 42.69
C ARG M 25 -6.36 -32.98 41.23
N CYS M 26 -5.95 -34.23 41.06
CA CYS M 26 -5.95 -34.85 39.74
C CYS M 26 -6.57 -36.24 39.72
N LYS M 27 -7.66 -36.39 38.97
CA LYS M 27 -8.28 -37.70 38.77
C LYS M 27 -8.09 -38.18 37.34
N TYR M 28 -7.76 -39.46 37.19
CA TYR M 28 -7.52 -40.01 35.86
C TYR M 28 -8.50 -41.03 35.29
N SER M 29 -8.65 -40.99 33.96
CA SER M 29 -9.40 -42.04 33.28
C SER M 29 -8.83 -43.41 33.57
N TYR M 30 -9.66 -44.35 33.96
CA TYR M 30 -9.16 -45.64 34.43
C TYR M 30 -8.43 -46.28 33.24
N SER M 31 -7.12 -46.41 33.45
CA SER M 31 -6.11 -47.19 32.74
C SER M 31 -5.49 -48.39 33.41
N ALA M 32 -5.07 -49.42 32.69
CA ALA M 32 -4.64 -50.67 33.31
C ALA M 32 -3.33 -50.44 34.06
N THR M 33 -2.36 -49.79 33.44
CA THR M 33 -1.09 -49.53 34.10
C THR M 33 -0.77 -48.08 33.88
N PRO M 34 -1.46 -47.24 34.63
CA PRO M 34 -1.36 -45.78 34.48
C PRO M 34 0.07 -45.28 34.62
N TYR M 35 0.43 -44.37 33.73
CA TYR M 35 1.68 -43.61 33.79
C TYR M 35 1.31 -42.15 33.92
N LEU M 36 1.75 -41.52 35.02
CA LEU M 36 1.20 -40.22 35.37
C LEU M 36 2.28 -39.15 35.56
N PHE M 37 1.90 -37.89 35.34
CA PHE M 37 2.84 -36.77 35.40
C PHE M 37 2.26 -35.47 35.94
N TRP M 38 3.11 -34.69 36.62
CA TRP M 38 2.81 -33.29 36.99
C TRP M 38 3.82 -32.34 36.35
N TYR M 39 3.32 -31.38 35.57
CA TYR M 39 4.17 -30.37 34.97
C TYR M 39 3.82 -29.04 35.58
N VAL M 40 4.82 -28.17 35.72
CA VAL M 40 4.54 -26.82 36.19
C VAL M 40 4.92 -25.80 35.12
N GLN M 41 4.17 -24.71 35.05
CA GLN M 41 4.48 -23.67 34.09
C GLN M 41 4.52 -22.35 34.81
N TYR M 42 5.71 -21.80 34.94
CA TYR M 42 5.85 -20.53 35.60
C TYR M 42 5.52 -19.45 34.62
N PRO M 43 5.13 -18.29 35.11
CA PRO M 43 4.71 -17.23 34.21
C PRO M 43 5.79 -16.91 33.21
N ARG M 44 5.37 -16.74 31.96
CA ARG M 44 6.28 -16.44 30.89
C ARG M 44 7.36 -17.51 30.68
N GLN M 45 6.99 -18.78 30.76
CA GLN M 45 7.99 -19.83 30.62
C GLN M 45 7.26 -21.02 30.02
N GLY M 46 8.02 -22.07 29.67
CA GLY M 46 7.42 -23.29 29.19
C GLY M 46 6.98 -24.18 30.35
N LEU M 47 6.55 -25.39 30.04
CA LEU M 47 6.30 -26.38 31.07
C LEU M 47 7.59 -27.07 31.55
N GLN M 48 7.60 -27.45 32.83
CA GLN M 48 8.68 -28.23 33.39
C GLN M 48 8.11 -29.50 33.99
N MET M 49 8.79 -30.61 33.77
CA MET M 49 8.34 -31.82 34.44
C MET M 49 8.67 -31.71 35.95
N LEU M 50 7.63 -31.82 36.77
CA LEU M 50 7.73 -31.83 38.23
C LEU M 50 8.11 -33.22 38.74
N LEU M 51 7.31 -34.22 38.36
CA LEU M 51 7.54 -35.62 38.71
C LEU M 51 6.76 -36.58 37.82
N LYS M 52 7.20 -37.84 37.78
CA LYS M 52 6.53 -38.89 37.02
C LYS M 52 6.19 -40.04 37.97
N TYR M 53 5.07 -40.72 37.73
CA TYR M 53 4.89 -42.05 38.32
C TYR M 53 4.84 -43.14 37.22
N TYR M 54 5.81 -44.04 37.26
CA TYR M 54 5.82 -45.21 36.38
C TYR M 54 5.33 -46.45 37.12
N SER M 55 6.03 -46.75 38.21
CA SER M 55 5.70 -47.87 39.08
C SER M 55 6.40 -47.72 40.41
N GLY M 56 6.03 -48.58 41.36
CA GLY M 56 6.72 -48.66 42.63
C GLY M 56 6.13 -47.79 43.72
N ASP M 57 7.02 -47.10 44.45
CA ASP M 57 6.62 -46.21 45.55
C ASP M 57 5.51 -45.26 45.07
N PRO M 58 4.28 -45.44 45.59
CA PRO M 58 3.10 -44.67 45.13
C PRO M 58 3.13 -43.22 45.62
N VAL M 59 4.15 -42.92 46.42
CA VAL M 59 4.46 -41.57 46.87
C VAL M 59 5.66 -41.01 46.11
N VAL M 60 5.38 -40.15 45.13
CA VAL M 60 6.44 -39.62 44.27
C VAL M 60 7.04 -38.32 44.74
N GLN M 61 8.37 -38.33 44.86
CA GLN M 61 9.11 -37.17 45.30
C GLN M 61 9.54 -36.39 44.08
N GLY M 62 8.92 -35.23 43.87
CA GLY M 62 9.39 -34.32 42.84
C GLY M 62 10.44 -33.37 43.39
N VAL M 63 10.98 -32.52 42.53
CA VAL M 63 11.92 -31.49 42.96
C VAL M 63 11.13 -30.31 43.55
N ASN M 64 11.82 -29.43 44.28
CA ASN M 64 11.18 -28.31 44.98
C ASN M 64 10.20 -28.73 46.07
N GLY M 65 10.54 -29.79 46.79
CA GLY M 65 9.73 -30.25 47.89
C GLY M 65 8.29 -30.49 47.49
N PHE M 66 8.11 -30.98 46.26
CA PHE M 66 6.81 -31.40 45.81
C PHE M 66 6.70 -32.92 45.87
N GLU M 67 5.48 -33.41 46.01
CA GLU M 67 5.28 -34.84 45.94
C GLU M 67 3.85 -35.17 45.50
N ALA M 68 3.69 -36.36 44.93
CA ALA M 68 2.40 -36.80 44.46
C ALA M 68 2.11 -38.17 45.02
N GLU M 69 0.83 -38.45 45.19
CA GLU M 69 0.40 -39.72 45.74
C GLU M 69 -0.51 -40.45 44.76
N PHE M 70 0.00 -41.57 44.25
CA PHE M 70 -0.72 -42.44 43.33
C PHE M 70 -1.69 -43.34 44.10
N SER M 71 -2.99 -43.07 43.94
CA SER M 71 -4.01 -43.90 44.57
C SER M 71 -4.77 -44.71 43.54
N LYS M 72 -4.50 -46.01 43.53
CA LYS M 72 -5.21 -46.95 42.67
C LYS M 72 -6.60 -46.96 43.26
N SER M 73 -6.65 -46.91 44.60
CA SER M 73 -7.89 -46.84 45.36
C SER M 73 -8.93 -45.86 44.71
N ASP M 74 -8.51 -44.59 44.65
CA ASP M 74 -9.31 -43.48 44.10
C ASP M 74 -9.43 -43.23 42.59
N SER M 75 -8.42 -43.70 41.84
CA SER M 75 -8.12 -43.17 40.50
C SER M 75 -7.55 -41.78 40.81
N SER M 76 -6.70 -41.72 41.83
CA SER M 76 -6.04 -40.48 42.23
C SER M 76 -4.57 -40.22 42.05
N PHE M 77 -4.22 -39.00 41.64
CA PHE M 77 -2.83 -38.59 41.49
C PHE M 77 -2.64 -37.16 42.02
N HIS M 78 -2.88 -36.97 43.32
CA HIS M 78 -2.87 -35.64 43.90
C HIS M 78 -1.45 -35.08 44.10
N LEU M 79 -1.30 -33.79 43.80
CA LEU M 79 -0.02 -33.11 43.98
C LEU M 79 -0.04 -32.38 45.30
N ARG M 80 1.05 -32.51 46.06
CA ARG M 80 1.12 -31.89 47.37
C ARG M 80 2.45 -31.17 47.65
N LYS M 81 2.35 -30.03 48.34
CA LYS M 81 3.50 -29.38 48.97
C LYS M 81 3.09 -28.96 50.39
N ALA M 82 4.05 -29.07 51.32
CA ALA M 82 3.80 -28.80 52.74
C ALA M 82 3.60 -27.31 53.05
N SER M 83 4.66 -26.53 52.82
CA SER M 83 4.64 -25.08 53.02
C SER M 83 4.91 -24.38 51.68
N VAL M 84 3.86 -23.80 51.08
CA VAL M 84 4.00 -23.09 49.80
C VAL M 84 4.59 -21.71 50.04
N HIS M 85 5.71 -21.45 49.38
CA HIS M 85 6.29 -20.11 49.32
C HIS M 85 5.49 -19.31 48.25
N TRP M 86 5.78 -18.03 48.07
CA TRP M 86 5.11 -17.24 47.02
C TRP M 86 5.60 -17.51 45.60
N SER M 87 6.90 -17.80 45.49
CA SER M 87 7.50 -18.16 44.19
C SER M 87 6.84 -19.40 43.53
N ASP M 88 6.00 -20.11 44.28
CA ASP M 88 5.37 -21.32 43.75
C ASP M 88 4.08 -20.96 43.03
N SER M 89 3.85 -19.67 42.84
CA SER M 89 2.68 -19.25 42.09
C SER M 89 2.99 -19.53 40.63
N ALA M 90 2.11 -20.33 40.02
CA ALA M 90 2.38 -20.85 38.70
C ALA M 90 1.18 -21.66 38.21
N VAL M 91 1.28 -22.24 37.02
CA VAL M 91 0.22 -23.13 36.57
C VAL M 91 0.69 -24.56 36.63
N TYR M 92 -0.19 -25.42 37.15
CA TYR M 92 0.16 -26.82 37.42
C TYR M 92 -0.68 -27.77 36.56
N PHE M 93 0.02 -28.61 35.80
CA PHE M 93 -0.61 -29.50 34.82
C PHE M 93 -0.45 -30.97 35.19
N CYS M 94 -1.58 -31.68 35.20
CA CYS M 94 -1.59 -33.13 35.39
C CYS M 94 -1.65 -33.82 34.03
N ALA M 95 -1.09 -35.01 33.93
CA ALA M 95 -0.98 -35.61 32.61
C ALA M 95 -0.70 -37.11 32.65
N VAL M 96 -1.45 -37.87 31.86
CA VAL M 96 -1.17 -39.30 31.71
C VAL M 96 -0.61 -39.61 30.33
N SER M 97 0.26 -40.63 30.25
CA SER M 97 0.79 -41.07 28.98
C SER M 97 0.13 -42.38 28.63
N ALA M 98 -0.98 -42.31 27.88
CA ALA M 98 -1.71 -43.48 27.38
C ALA M 98 -0.76 -44.53 26.77
N LYS M 99 -1.14 -45.78 26.78
CA LYS M 99 -0.34 -46.74 26.04
C LYS M 99 -0.86 -46.79 24.62
N GLY M 100 0.07 -46.90 23.68
CA GLY M 100 -0.30 -46.94 22.27
C GLY M 100 -0.42 -45.55 21.68
N THR M 101 -1.03 -44.65 22.44
CA THR M 101 -0.98 -43.25 22.12
C THR M 101 0.11 -42.69 23.06
N GLY M 102 1.25 -43.41 23.11
CA GLY M 102 2.28 -43.17 24.10
C GLY M 102 3.36 -42.17 23.73
N SER M 103 3.56 -42.03 22.43
CA SER M 103 4.39 -40.98 21.88
C SER M 103 3.81 -39.60 22.22
N LYS M 104 2.48 -39.52 22.35
CA LYS M 104 1.78 -38.29 22.74
C LYS M 104 1.50 -38.35 24.25
N LEU M 105 1.61 -37.18 24.88
CA LEU M 105 1.21 -37.03 26.28
C LEU M 105 -0.12 -36.28 26.26
N SER M 106 -1.08 -36.75 27.07
CA SER M 106 -2.37 -36.06 27.16
C SER M 106 -2.58 -35.20 28.45
N PHE M 107 -2.68 -33.88 28.29
CA PHE M 107 -2.72 -32.93 29.42
C PHE M 107 -4.08 -32.70 30.11
N GLY M 108 -4.02 -32.29 31.37
CA GLY M 108 -5.19 -31.71 32.01
C GLY M 108 -5.42 -30.30 31.51
N LYS M 109 -6.45 -29.64 32.05
CA LYS M 109 -6.80 -28.29 31.63
C LYS M 109 -5.95 -27.23 32.34
N GLY M 110 -5.29 -27.67 33.41
CA GLY M 110 -4.33 -26.85 34.14
C GLY M 110 -4.97 -26.26 35.38
N ALA M 111 -4.14 -25.99 36.39
CA ALA M 111 -4.58 -25.30 37.59
C ALA M 111 -3.67 -24.11 37.85
N LYS M 112 -4.25 -22.89 37.83
CA LYS M 112 -3.51 -21.67 38.13
C LYS M 112 -3.43 -21.45 39.64
N LEU M 113 -2.22 -21.59 40.20
CA LEU M 113 -2.04 -21.44 41.63
C LEU M 113 -1.55 -20.05 42.07
N THR M 114 -2.35 -19.40 42.92
CA THR M 114 -1.98 -18.12 43.53
C THR M 114 -1.51 -18.11 44.99
N VAL M 115 -0.20 -18.00 45.20
CA VAL M 115 0.32 -17.99 46.57
C VAL M 115 0.40 -16.57 47.09
N SER M 116 -0.65 -16.18 47.84
CA SER M 116 -0.76 -14.89 48.56
C SER M 116 0.42 -14.63 49.48
N PRO M 117 1.08 -13.50 49.33
CA PRO M 117 2.24 -13.37 50.23
C PRO M 117 1.75 -12.97 51.61
N ASN M 118 2.50 -13.34 52.65
CA ASN M 118 2.16 -12.98 54.03
C ASN M 118 2.59 -11.56 54.35
N ILE M 119 1.63 -10.65 54.49
CA ILE M 119 1.98 -9.27 54.81
C ILE M 119 2.11 -9.06 56.33
N GLN M 120 3.36 -9.02 56.78
CA GLN M 120 3.72 -8.94 58.19
C GLN M 120 3.24 -7.65 58.86
N ASN M 121 3.55 -6.51 58.23
CA ASN M 121 3.14 -5.22 58.78
C ASN M 121 2.32 -4.37 57.83
N PRO M 122 1.07 -4.74 57.61
CA PRO M 122 0.28 -4.02 56.64
C PRO M 122 0.27 -2.55 56.94
N ASP M 123 0.46 -1.76 55.90
CA ASP M 123 0.47 -0.32 56.02
C ASP M 123 -0.29 0.27 54.85
N PRO M 124 -1.60 0.21 54.90
CA PRO M 124 -2.43 0.67 53.80
C PRO M 124 -2.23 2.13 53.54
N ALA M 125 -2.36 2.56 52.29
CA ALA M 125 -2.11 3.96 52.00
C ALA M 125 -2.45 4.23 50.53
N VAL M 126 -2.88 5.45 50.20
CA VAL M 126 -3.21 5.79 48.82
C VAL M 126 -2.51 7.07 48.41
N TYR M 127 -1.25 6.95 48.00
CA TYR M 127 -0.47 8.12 47.58
C TYR M 127 -0.76 8.54 46.13
N GLN M 128 -0.38 9.76 45.77
CA GLN M 128 -0.55 10.23 44.41
C GLN M 128 0.82 10.47 43.82
N LEU M 129 1.00 10.12 42.54
CA LEU M 129 2.27 10.34 41.87
C LEU M 129 2.10 11.27 40.68
N ARG M 130 3.11 12.07 40.39
CA ARG M 130 2.96 13.08 39.35
C ARG M 130 3.86 12.78 38.15
N ASP M 131 3.37 13.09 36.96
CA ASP M 131 4.10 12.80 35.73
C ASP M 131 5.41 13.59 35.73
N SER M 132 6.51 12.88 35.48
CA SER M 132 7.84 13.50 35.48
C SER M 132 8.01 14.57 34.38
N LYS M 133 7.22 14.45 33.30
CA LYS M 133 7.33 15.35 32.15
C LYS M 133 6.17 16.36 32.07
N SER M 134 5.00 15.98 32.57
CA SER M 134 3.84 16.86 32.50
C SER M 134 3.14 17.03 33.85
N SER M 135 3.28 18.22 34.44
CA SER M 135 2.80 18.47 35.81
C SER M 135 1.36 18.01 36.13
N ASP M 136 0.45 18.12 35.15
CA ASP M 136 -0.96 17.80 35.41
C ASP M 136 -1.47 16.45 34.84
N LYS M 137 -0.54 15.57 34.43
CA LYS M 137 -0.87 14.15 34.26
C LYS M 137 -0.75 13.44 35.63
N SER M 138 -1.71 12.57 35.95
CA SER M 138 -1.86 12.11 37.34
C SER M 138 -2.35 10.67 37.56
N VAL M 139 -1.68 9.99 38.49
CA VAL M 139 -1.83 8.56 38.77
C VAL M 139 -1.97 8.25 40.29
N CYS M 140 -2.86 7.34 40.67
CA CYS M 140 -3.07 7.01 42.08
C CYS M 140 -2.56 5.61 42.45
N LEU M 141 -1.82 5.51 43.55
CA LEU M 141 -1.19 4.24 43.91
C LEU M 141 -1.64 3.64 45.24
N PHE M 142 -2.74 2.88 45.24
CA PHE M 142 -3.14 2.16 46.44
C PHE M 142 -2.10 1.08 46.76
N THR M 143 -1.42 1.18 47.89
CA THR M 143 -0.31 0.25 48.13
C THR M 143 -0.24 -0.29 49.55
N ASP M 144 0.66 -1.23 49.77
CA ASP M 144 0.97 -1.76 51.09
C ASP M 144 -0.17 -2.46 51.85
N PHE M 145 -1.29 -2.68 51.18
CA PHE M 145 -2.43 -3.34 51.80
C PHE M 145 -2.38 -4.83 52.14
N ASP M 146 -3.24 -5.24 53.05
CA ASP M 146 -3.34 -6.65 53.44
C ASP M 146 -3.74 -7.73 52.48
N SER M 147 -3.42 -8.99 52.79
CA SER M 147 -3.57 -10.09 51.85
C SER M 147 -5.08 -10.17 51.60
N GLN M 148 -5.89 -10.09 52.66
CA GLN M 148 -7.34 -10.17 52.45
C GLN M 148 -8.07 -9.06 51.69
N THR M 149 -7.46 -7.89 51.58
CA THR M 149 -8.07 -6.77 50.83
C THR M 149 -8.07 -7.05 49.31
N ASN M 150 -9.23 -6.93 48.67
CA ASN M 150 -9.31 -7.02 47.22
C ASN M 150 -9.80 -5.75 46.54
N VAL M 151 -9.05 -5.30 45.54
CA VAL M 151 -9.38 -4.12 44.74
C VAL M 151 -10.35 -4.53 43.65
N SER M 152 -11.35 -3.69 43.41
CA SER M 152 -12.35 -3.98 42.38
C SER M 152 -12.32 -2.85 41.33
N GLN M 153 -13.01 -3.07 40.22
CA GLN M 153 -13.11 -2.09 39.14
C GLN M 153 -13.87 -0.83 39.53
N SER M 154 -13.54 0.27 38.86
CA SER M 154 -14.14 1.58 39.07
C SER M 154 -15.61 1.64 38.65
N LYS M 155 -16.41 2.40 39.39
CA LYS M 155 -17.83 2.53 39.04
C LYS M 155 -18.03 3.16 37.66
N ASP M 156 -17.24 4.19 37.36
CA ASP M 156 -17.24 4.83 36.05
C ASP M 156 -16.45 4.08 35.02
N SER M 157 -16.72 4.36 33.75
CA SER M 157 -16.01 3.73 32.65
C SER M 157 -14.85 4.51 32.07
N ASP M 158 -14.53 5.65 32.65
CA ASP M 158 -13.48 6.48 32.10
C ASP M 158 -12.38 6.56 33.09
N VAL M 159 -12.47 5.68 34.08
CA VAL M 159 -11.49 5.65 35.14
C VAL M 159 -10.91 4.22 35.10
N TYR M 160 -9.58 4.13 35.06
CA TYR M 160 -8.89 2.85 34.94
C TYR M 160 -8.28 2.39 36.26
N ILE M 161 -8.52 1.14 36.62
CA ILE M 161 -7.91 0.51 37.80
C ILE M 161 -7.40 -0.92 37.53
N THR M 162 -6.14 -1.16 37.90
CA THR M 162 -5.48 -2.45 37.72
C THR M 162 -5.76 -3.43 38.89
N ASP M 163 -5.42 -4.72 38.74
CA ASP M 163 -5.59 -5.68 39.84
C ASP M 163 -4.49 -5.49 40.86
N LYS M 164 -4.47 -6.31 41.90
CA LYS M 164 -3.40 -6.19 42.87
C LYS M 164 -2.19 -6.88 42.25
N CYS M 165 -1.01 -6.29 42.41
CA CYS M 165 0.21 -6.90 41.90
C CYS M 165 1.22 -6.93 43.03
N VAL M 166 1.92 -8.05 43.17
CA VAL M 166 2.88 -8.21 44.23
C VAL M 166 4.29 -7.98 43.71
N LEU M 167 5.06 -7.16 44.43
CA LEU M 167 6.42 -6.87 44.04
C LEU M 167 7.27 -7.31 45.20
N ASP M 168 8.52 -7.65 44.91
CA ASP M 168 9.42 -8.18 45.93
C ASP M 168 10.84 -7.57 45.91
N MET M 169 11.15 -6.74 46.91
CA MET M 169 12.48 -6.16 47.02
C MET M 169 13.37 -7.13 47.78
N ARG M 170 13.83 -8.17 47.09
CA ARG M 170 14.57 -9.28 47.71
C ARG M 170 15.80 -8.91 48.55
N SER M 171 16.52 -7.88 48.13
CA SER M 171 17.65 -7.39 48.90
C SER M 171 17.25 -7.01 50.33
N MET M 172 16.00 -6.60 50.52
CA MET M 172 15.48 -6.25 51.84
C MET M 172 14.47 -7.28 52.35
N ASP M 173 14.41 -8.44 51.71
CA ASP M 173 13.41 -9.48 52.01
C ASP M 173 11.98 -8.94 52.25
N PHE M 174 11.47 -8.14 51.33
CA PHE M 174 10.22 -7.40 51.56
C PHE M 174 9.22 -7.47 50.41
N LYS M 175 8.00 -7.92 50.69
CA LYS M 175 6.93 -7.94 49.68
C LYS M 175 5.75 -7.00 49.98
N SER M 176 5.12 -6.46 48.94
CA SER M 176 3.99 -5.56 49.11
C SER M 176 3.00 -5.61 47.94
N ASN M 177 1.71 -5.49 48.22
CA ASN M 177 0.73 -5.35 47.14
C ASN M 177 0.64 -3.92 46.55
N SER M 178 -0.04 -3.78 45.41
CA SER M 178 -0.26 -2.52 44.70
C SER M 178 -1.35 -2.56 43.64
N ALA M 179 -2.24 -1.57 43.66
CA ALA M 179 -3.15 -1.33 42.55
C ALA M 179 -2.83 0.06 42.03
N VAL M 180 -3.18 0.36 40.79
CA VAL M 180 -2.91 1.67 40.22
C VAL M 180 -4.18 2.17 39.59
N ALA M 181 -4.45 3.47 39.69
CA ALA M 181 -5.64 4.05 39.04
C ALA M 181 -5.29 5.37 38.36
N TRP M 182 -5.98 5.66 37.27
CA TRP M 182 -5.75 6.92 36.58
C TRP M 182 -7.00 7.32 35.81
N SER M 183 -7.04 8.60 35.40
CA SER M 183 -8.10 9.12 34.54
C SER M 183 -7.68 10.54 34.19
N ASN M 184 -8.19 11.06 33.07
CA ASN M 184 -8.00 12.48 32.76
C ASN M 184 -9.36 13.21 32.75
N LYS M 185 -10.25 12.73 33.61
CA LYS M 185 -11.45 13.48 33.92
C LYS M 185 -10.92 14.52 34.89
N SER M 186 -11.56 15.69 34.90
CA SER M 186 -11.24 16.76 35.82
C SER M 186 -11.81 16.27 37.15
N ASP M 187 -12.91 15.56 37.03
CA ASP M 187 -13.64 14.99 38.16
C ASP M 187 -12.80 14.20 39.19
N PHE M 188 -12.03 13.27 38.65
CA PHE M 188 -11.15 12.44 39.45
C PHE M 188 -10.16 13.02 40.45
N ALA M 189 -10.20 12.43 41.64
CA ALA M 189 -9.30 12.74 42.74
C ALA M 189 -8.89 11.38 43.26
N CYS M 190 -7.75 11.34 43.95
CA CYS M 190 -7.22 10.07 44.43
C CYS M 190 -8.19 9.42 45.40
N ALA M 191 -8.85 10.24 46.23
CA ALA M 191 -9.58 9.73 47.39
C ALA M 191 -10.85 9.11 46.84
N ASN M 192 -11.40 9.71 45.79
CA ASN M 192 -12.58 9.18 45.15
C ASN M 192 -12.25 7.99 44.28
N ALA M 193 -10.97 7.70 44.12
CA ALA M 193 -10.49 6.72 43.14
C ALA M 193 -10.89 5.29 43.45
N PHE M 194 -10.34 4.77 44.55
CA PHE M 194 -10.59 3.40 44.97
C PHE M 194 -11.84 3.26 45.84
N ASN M 195 -12.68 4.29 45.85
CA ASN M 195 -13.83 4.24 46.75
C ASN M 195 -14.83 3.12 46.39
N ASN M 196 -14.82 2.67 45.13
CA ASN M 196 -15.67 1.55 44.76
C ASN M 196 -15.06 0.22 45.28
N SER M 197 -14.14 0.32 46.25
CA SER M 197 -13.65 -0.86 46.97
C SER M 197 -13.76 -1.00 48.47
N ILE M 198 -13.63 -2.24 48.95
CA ILE M 198 -13.63 -2.56 50.37
C ILE M 198 -12.20 -2.25 50.84
N ILE M 199 -11.94 -0.96 51.04
CA ILE M 199 -10.68 -0.46 51.58
C ILE M 199 -10.68 -0.57 53.09
N PRO M 200 -9.50 -0.78 53.65
CA PRO M 200 -9.31 -0.85 55.09
C PRO M 200 -9.59 0.50 55.67
N GLU M 201 -10.09 0.53 56.89
CA GLU M 201 -10.45 1.79 57.54
C GLU M 201 -9.28 2.72 57.79
N ASP M 202 -8.16 2.13 58.19
CA ASP M 202 -7.03 2.86 58.73
C ASP M 202 -6.08 3.27 57.62
N THR M 203 -6.52 3.10 56.38
CA THR M 203 -5.68 3.44 55.26
C THR M 203 -5.21 4.87 55.32
N PHE M 204 -3.96 5.08 54.92
CA PHE M 204 -3.36 6.41 55.03
C PHE M 204 -3.50 7.33 53.84
N PHE M 205 -4.03 8.52 54.07
CA PHE M 205 -4.25 9.47 52.97
C PHE M 205 -3.27 10.61 53.21
N PRO M 206 -2.52 11.03 52.18
CA PRO M 206 -1.37 11.91 52.37
C PRO M 206 -1.68 13.42 52.39
N SER M 207 -2.81 13.82 51.81
CA SER M 207 -3.14 15.24 51.61
C SER M 207 -2.66 16.18 52.73
N ALA N 4 18.20 -27.89 29.71
CA ALA N 4 16.99 -27.76 28.89
C ALA N 4 17.23 -26.81 27.72
N ALA N 5 18.22 -27.12 26.90
CA ALA N 5 18.55 -26.30 25.74
C ALA N 5 17.65 -26.79 24.61
N VAL N 6 16.43 -26.28 24.61
CA VAL N 6 15.49 -26.39 23.51
C VAL N 6 15.11 -24.93 23.24
N THR N 7 15.48 -24.43 22.06
CA THR N 7 15.42 -22.99 21.82
C THR N 7 14.52 -22.58 20.65
N GLN N 8 13.53 -21.72 20.91
CA GLN N 8 12.63 -21.29 19.82
C GLN N 8 13.03 -19.98 19.21
N SER N 9 12.86 -19.86 17.89
CA SER N 9 12.96 -18.56 17.24
C SER N 9 11.84 -18.30 16.23
N PRO N 10 11.38 -17.07 16.09
CA PRO N 10 11.69 -15.96 16.99
C PRO N 10 10.77 -16.02 18.19
N ARG N 11 11.13 -15.35 19.27
CA ARG N 11 10.29 -15.29 20.45
C ARG N 11 8.98 -14.53 20.24
N ASN N 12 9.05 -13.45 19.47
CA ASN N 12 7.87 -12.64 19.18
C ASN N 12 7.70 -12.38 17.71
N LYS N 13 6.48 -12.50 17.21
CA LYS N 13 6.24 -12.24 15.82
C LYS N 13 4.87 -11.63 15.56
N VAL N 14 4.79 -10.81 14.54
CA VAL N 14 3.50 -10.27 14.13
C VAL N 14 3.50 -10.27 12.61
N THR N 15 2.32 -10.54 12.05
CA THR N 15 2.13 -10.70 10.62
C THR N 15 0.71 -10.41 10.27
N VAL N 16 0.43 -10.27 8.99
CA VAL N 16 -0.96 -10.03 8.60
C VAL N 16 -1.65 -11.20 7.90
N THR N 17 -2.95 -11.42 8.12
CA THR N 17 -3.71 -12.50 7.47
C THR N 17 -3.21 -12.65 6.07
N GLY N 18 -2.80 -13.87 5.72
CA GLY N 18 -2.33 -14.16 4.39
C GLY N 18 -0.82 -14.31 4.34
N GLY N 19 -0.18 -13.88 5.43
CA GLY N 19 1.26 -13.88 5.51
C GLY N 19 1.83 -15.26 5.71
N ASN N 20 3.14 -15.33 5.62
CA ASN N 20 3.88 -16.55 5.86
C ASN N 20 4.54 -16.39 7.21
N VAL N 21 4.47 -17.41 8.06
CA VAL N 21 5.17 -17.41 9.35
C VAL N 21 5.91 -18.71 9.56
N THR N 22 7.16 -18.61 10.00
CA THR N 22 7.98 -19.81 10.26
C THR N 22 8.57 -19.78 11.69
N LEU N 23 8.05 -20.62 12.58
CA LEU N 23 8.63 -20.74 13.91
C LEU N 23 9.71 -21.82 13.87
N SER N 24 10.90 -21.52 14.41
CA SER N 24 11.97 -22.53 14.38
C SER N 24 12.14 -23.10 15.75
N CYS N 25 12.69 -24.31 15.82
CA CYS N 25 13.01 -24.92 17.10
C CYS N 25 14.24 -25.81 17.03
N ARG N 26 15.22 -25.52 17.88
CA ARG N 26 16.49 -26.24 17.89
C ARG N 26 16.68 -26.97 19.23
N GLN N 27 17.06 -28.25 19.21
CA GLN N 27 17.32 -29.01 20.44
C GLN N 27 18.65 -29.75 20.40
N THR N 28 19.45 -29.48 21.43
CA THR N 28 20.84 -29.94 21.52
C THR N 28 21.02 -31.23 22.35
N ASN N 29 19.98 -31.65 23.04
CA ASN N 29 19.86 -33.05 23.43
C ASN N 29 19.80 -33.84 22.13
N SER N 30 19.89 -35.15 22.21
CA SER N 30 19.82 -35.85 20.95
C SER N 30 18.50 -36.60 20.93
N HIS N 31 17.45 -35.89 21.32
CA HIS N 31 16.11 -36.46 21.41
C HIS N 31 15.54 -36.76 20.04
N ASN N 32 14.71 -37.80 19.96
CA ASN N 32 14.16 -38.17 18.69
C ASN N 32 12.81 -37.47 18.53
N TYR N 33 12.07 -37.36 19.63
CA TYR N 33 10.75 -36.76 19.54
C TYR N 33 10.86 -35.25 19.59
N MET N 34 10.13 -34.57 18.74
CA MET N 34 9.91 -33.14 18.93
C MET N 34 8.44 -32.82 18.66
N TYR N 35 7.97 -31.74 19.27
CA TYR N 35 6.55 -31.41 19.32
C TYR N 35 6.32 -29.92 19.08
N TRP N 36 5.23 -29.58 18.40
CA TRP N 36 4.76 -28.20 18.37
C TRP N 36 3.38 -28.13 19.01
N TYR N 37 3.27 -27.25 20.01
CA TYR N 37 2.05 -27.03 20.77
C TYR N 37 1.63 -25.59 20.61
N ARG N 38 0.34 -25.33 20.67
CA ARG N 38 -0.12 -23.97 20.96
C ARG N 38 -0.78 -23.90 22.35
N GLN N 39 -0.98 -22.71 22.88
CA GLN N 39 -1.56 -22.55 24.20
C GLN N 39 -2.37 -21.29 24.14
N ASP N 40 -3.65 -21.44 24.45
CA ASP N 40 -4.57 -20.31 24.52
C ASP N 40 -5.42 -20.47 25.77
N THR N 41 -5.77 -19.37 26.43
CA THR N 41 -6.62 -19.47 27.60
C THR N 41 -7.96 -20.08 27.18
N GLY N 42 -8.41 -21.10 27.91
CA GLY N 42 -9.67 -21.75 27.60
C GLY N 42 -9.50 -23.08 26.87
N HIS N 43 -8.26 -23.42 26.52
CA HIS N 43 -7.97 -24.62 25.73
C HIS N 43 -6.66 -25.29 26.15
N GLY N 44 -5.96 -24.71 27.11
CA GLY N 44 -4.71 -25.27 27.58
C GLY N 44 -3.69 -25.48 26.46
N LEU N 45 -3.02 -26.62 26.51
CA LEU N 45 -1.99 -26.96 25.55
C LEU N 45 -2.63 -27.85 24.50
N ARG N 46 -2.49 -27.49 23.23
CA ARG N 46 -2.99 -28.32 22.13
C ARG N 46 -1.87 -28.68 21.17
N LEU N 47 -1.82 -29.96 20.77
CA LEU N 47 -0.72 -30.47 19.93
C LEU N 47 -0.97 -30.27 18.43
N ILE N 48 -0.05 -29.59 17.76
CA ILE N 48 -0.25 -29.26 16.36
C ILE N 48 0.35 -30.33 15.47
N HIS N 49 1.67 -30.53 15.56
CA HIS N 49 2.35 -31.62 14.86
C HIS N 49 3.55 -32.12 15.66
N TYR N 50 3.97 -33.37 15.43
CA TYR N 50 5.17 -33.86 16.09
C TYR N 50 5.98 -34.74 15.20
N SER N 51 6.94 -35.42 15.79
CA SER N 51 7.88 -36.12 14.94
C SER N 51 8.66 -37.13 15.75
N TYR N 52 8.76 -38.35 15.28
CA TYR N 52 9.50 -39.39 15.96
C TYR N 52 11.01 -39.19 15.89
N GLY N 53 11.43 -38.50 14.85
CA GLY N 53 12.83 -38.38 14.51
C GLY N 53 13.02 -37.72 13.16
N ALA N 54 14.25 -37.62 12.71
CA ALA N 54 14.54 -37.00 11.43
C ALA N 54 13.73 -37.63 10.29
N GLY N 55 13.14 -36.77 9.47
CA GLY N 55 12.41 -37.20 8.29
C GLY N 55 11.07 -37.85 8.57
N ASN N 56 10.58 -37.74 9.80
CA ASN N 56 9.24 -38.19 10.14
C ASN N 56 8.33 -37.03 10.55
N LEU N 57 7.11 -36.98 10.03
CA LEU N 57 6.11 -36.10 10.59
C LEU N 57 4.87 -36.89 11.01
N GLN N 58 4.31 -36.53 12.16
CA GLN N 58 2.99 -37.01 12.55
C GLN N 58 2.17 -35.74 12.81
N ILE N 59 0.93 -35.72 12.30
CA ILE N 59 0.00 -34.62 12.54
C ILE N 59 -0.50 -34.78 13.97
N GLY N 60 -0.88 -33.70 14.65
CA GLY N 60 -1.45 -33.83 15.98
C GLY N 60 -2.96 -33.62 16.05
N ASP N 61 -3.43 -33.00 17.14
CA ASP N 61 -4.87 -32.84 17.35
C ASP N 61 -5.45 -31.66 16.55
N VAL N 62 -4.65 -30.63 16.30
CA VAL N 62 -5.18 -29.42 15.66
C VAL N 62 -4.30 -28.90 14.54
N PRO N 63 -3.94 -29.79 13.61
CA PRO N 63 -2.96 -29.58 12.53
C PRO N 63 -3.47 -28.66 11.43
N ASP N 64 -4.79 -28.58 11.26
CA ASP N 64 -5.36 -27.71 10.23
C ASP N 64 -4.72 -26.33 10.23
N GLY N 65 -4.14 -25.97 9.08
CA GLY N 65 -3.60 -24.63 8.90
C GLY N 65 -2.11 -24.53 9.11
N TYR N 66 -1.50 -25.61 9.64
CA TYR N 66 -0.07 -25.66 9.91
C TYR N 66 0.58 -26.80 9.18
N LYS N 67 1.80 -26.59 8.72
CA LYS N 67 2.66 -27.70 8.28
C LYS N 67 3.93 -27.73 9.14
N ALA N 68 4.57 -28.87 9.21
CA ALA N 68 5.81 -28.97 9.96
C ALA N 68 6.89 -29.63 9.12
N THR N 69 8.15 -29.37 9.44
CA THR N 69 9.29 -29.97 8.73
C THR N 69 10.34 -30.39 9.74
N ARG N 70 10.68 -31.67 9.77
CA ARG N 70 11.76 -32.17 10.60
C ARG N 70 12.91 -32.52 9.65
N THR N 71 13.70 -31.51 9.28
CA THR N 71 14.70 -31.68 8.22
C THR N 71 15.76 -32.59 8.74
N THR N 72 16.21 -32.25 9.95
CA THR N 72 17.30 -32.93 10.64
C THR N 72 16.96 -33.29 12.08
N GLN N 73 17.91 -33.94 12.73
CA GLN N 73 17.69 -34.51 14.05
C GLN N 73 17.28 -33.48 15.09
N GLU N 74 17.80 -32.28 14.93
CA GLU N 74 17.67 -31.27 15.98
C GLU N 74 16.88 -30.01 15.62
N ASP N 75 16.42 -29.91 14.38
CA ASP N 75 15.61 -28.78 13.96
C ASP N 75 14.23 -29.19 13.52
N PHE N 76 13.23 -28.59 14.16
CA PHE N 76 11.83 -28.86 13.85
C PHE N 76 11.15 -27.52 13.55
N PHE N 77 10.50 -27.37 12.39
CA PHE N 77 9.89 -26.07 12.07
C PHE N 77 8.39 -26.14 11.92
N LEU N 78 7.69 -25.15 12.44
CA LEU N 78 6.28 -25.02 12.20
C LEU N 78 6.09 -24.01 11.09
N LEU N 79 5.17 -24.27 10.17
CA LEU N 79 4.95 -23.39 9.03
C LEU N 79 3.48 -23.00 8.86
N LEU N 80 3.22 -21.72 9.00
CA LEU N 80 1.90 -21.21 8.72
C LEU N 80 2.06 -20.53 7.39
N GLU N 81 1.62 -21.16 6.31
CA GLU N 81 1.87 -20.60 4.97
C GLU N 81 0.86 -19.54 4.56
N LEU N 82 -0.37 -19.68 5.02
CA LEU N 82 -1.35 -18.59 4.94
C LEU N 82 -1.91 -18.38 6.34
N ALA N 83 -1.33 -17.41 7.05
CA ALA N 83 -1.69 -17.12 8.42
C ALA N 83 -3.10 -16.59 8.58
N SER N 84 -3.80 -17.12 9.57
CA SER N 84 -5.13 -16.67 9.89
C SER N 84 -5.21 -16.16 11.33
N PRO N 85 -6.04 -15.14 11.57
CA PRO N 85 -6.28 -14.59 12.90
C PRO N 85 -6.43 -15.65 13.97
N SER N 86 -7.15 -16.72 13.68
CA SER N 86 -7.25 -17.91 14.55
C SER N 86 -5.93 -18.29 15.17
N GLN N 87 -4.84 -18.02 14.46
CA GLN N 87 -3.55 -18.60 14.84
C GLN N 87 -2.78 -17.69 15.75
N THR N 88 -3.38 -16.56 16.14
CA THR N 88 -2.75 -15.72 17.15
C THR N 88 -2.70 -16.51 18.44
N SER N 89 -1.55 -16.50 19.11
CA SER N 89 -1.39 -17.28 20.33
C SER N 89 0.08 -17.45 20.70
N LEU N 90 0.34 -18.34 21.65
CA LEU N 90 1.69 -18.67 22.07
C LEU N 90 2.02 -20.12 21.70
N TYR N 91 3.15 -20.32 21.03
CA TYR N 91 3.56 -21.65 20.58
C TYR N 91 4.76 -22.24 21.36
N PHE N 92 4.67 -23.52 21.71
CA PHE N 92 5.76 -24.16 22.40
C PHE N 92 6.32 -25.36 21.68
N CYS N 93 7.65 -25.38 21.55
CA CYS N 93 8.37 -26.51 21.04
C CYS N 93 8.70 -27.45 22.20
N ALA N 94 8.83 -28.75 21.97
CA ALA N 94 9.33 -29.65 23.03
C ALA N 94 10.08 -30.84 22.45
N SER N 95 11.15 -31.24 23.12
CA SER N 95 11.87 -32.46 22.74
C SER N 95 11.60 -33.57 23.77
N SER N 96 11.87 -34.82 23.41
CA SER N 96 11.69 -35.91 24.34
C SER N 96 12.49 -37.08 23.89
N ASP N 97 12.88 -37.90 24.87
CA ASP N 97 13.56 -39.17 24.60
C ASP N 97 12.95 -40.28 25.42
N ALA N 98 11.73 -40.04 25.93
CA ALA N 98 11.05 -41.06 26.71
C ALA N 98 9.61 -40.69 26.95
N PRO N 99 8.70 -41.68 26.93
CA PRO N 99 7.26 -41.47 27.04
C PRO N 99 6.91 -40.53 28.18
N GLY N 100 6.18 -39.47 27.89
CA GLY N 100 5.70 -38.57 28.92
C GLY N 100 6.69 -37.51 29.41
N GLN N 101 7.95 -37.64 29.02
CA GLN N 101 8.94 -36.68 29.49
C GLN N 101 9.30 -35.71 28.37
N LEU N 102 8.69 -34.53 28.40
CA LEU N 102 8.97 -33.49 27.42
C LEU N 102 9.84 -32.41 28.04
N TYR N 103 10.75 -31.87 27.24
CA TYR N 103 11.56 -30.72 27.64
C TYR N 103 11.16 -29.57 26.74
N PHE N 104 10.58 -28.51 27.32
CA PHE N 104 10.06 -27.37 26.55
C PHE N 104 11.02 -26.24 26.20
N GLY N 105 10.72 -25.58 25.10
CA GLY N 105 11.37 -24.34 24.77
C GLY N 105 10.60 -23.23 25.42
N GLU N 106 10.95 -21.98 25.08
CA GLU N 106 10.52 -20.87 25.90
C GLU N 106 9.23 -20.15 25.45
N GLY N 107 8.73 -20.48 24.27
CA GLY N 107 7.57 -19.78 23.74
C GLY N 107 7.86 -18.89 22.54
N SER N 108 6.94 -18.84 21.61
CA SER N 108 6.98 -17.86 20.53
C SER N 108 5.59 -17.31 20.53
N LYS N 109 5.48 -16.00 20.63
CA LYS N 109 4.19 -15.36 20.72
C LYS N 109 3.93 -14.74 19.39
N LEU N 110 2.80 -15.11 18.80
CA LEU N 110 2.49 -14.70 17.45
C LEU N 110 1.15 -14.04 17.39
N THR N 111 1.10 -12.85 16.79
CA THR N 111 -0.16 -12.17 16.53
C THR N 111 -0.35 -12.11 15.04
N VAL N 112 -1.45 -12.65 14.52
CA VAL N 112 -1.78 -12.37 13.12
C VAL N 112 -2.96 -11.42 13.04
N LEU N 113 -2.72 -10.30 12.37
CA LEU N 113 -3.62 -9.15 12.38
C LEU N 113 -4.52 -9.26 11.19
N GLU N 114 -5.81 -9.03 11.41
CA GLU N 114 -6.79 -8.97 10.32
C GLU N 114 -6.78 -7.59 9.68
N ASP N 115 -6.99 -6.57 10.50
CA ASP N 115 -7.16 -5.22 10.01
C ASP N 115 -6.04 -4.30 10.52
N LEU N 116 -5.20 -3.84 9.60
CA LEU N 116 -4.11 -2.94 9.97
C LEU N 116 -4.51 -1.56 10.55
N LYS N 117 -5.73 -1.11 10.26
CA LYS N 117 -6.18 0.22 10.70
C LYS N 117 -6.19 0.31 12.24
N ASN N 118 -6.34 -0.84 12.88
CA ASN N 118 -6.48 -0.89 14.32
C ASN N 118 -5.17 -0.80 15.10
N VAL N 119 -4.03 -0.87 14.41
CA VAL N 119 -2.75 -0.94 15.08
C VAL N 119 -2.22 0.39 15.58
N PHE N 120 -1.95 0.49 16.89
CA PHE N 120 -1.29 1.68 17.48
C PHE N 120 -0.21 1.30 18.45
N PRO N 121 0.87 2.08 18.47
CA PRO N 121 1.93 1.84 19.44
C PRO N 121 1.47 2.38 20.78
N PRO N 122 2.16 1.98 21.85
CA PRO N 122 1.82 2.50 23.16
C PRO N 122 2.36 3.91 23.32
N GLU N 123 1.66 4.71 24.13
CA GLU N 123 2.24 5.90 24.70
C GLU N 123 2.74 5.52 26.09
N VAL N 124 3.97 5.90 26.41
CA VAL N 124 4.57 5.53 27.69
C VAL N 124 4.90 6.73 28.57
N ALA N 125 4.39 6.72 29.79
CA ALA N 125 4.66 7.78 30.75
C ALA N 125 5.20 7.20 32.06
N VAL N 126 6.18 7.87 32.64
CA VAL N 126 6.60 7.49 33.99
C VAL N 126 6.03 8.46 35.00
N PHE N 127 5.66 7.97 36.18
CA PHE N 127 5.14 8.81 37.22
C PHE N 127 6.03 8.71 38.45
N GLU N 128 6.38 9.88 39.01
CA GLU N 128 7.36 9.95 40.08
C GLU N 128 6.74 9.74 41.47
N PRO N 129 7.51 9.10 42.38
CA PRO N 129 7.09 8.59 43.71
C PRO N 129 6.54 9.67 44.61
N SER N 130 5.40 9.40 45.25
CA SER N 130 4.78 10.36 46.18
C SER N 130 5.74 10.70 47.30
N GLU N 131 5.82 11.98 47.66
CA GLU N 131 6.69 12.36 48.78
C GLU N 131 6.10 11.77 50.06
N ALA N 132 4.78 11.86 50.20
CA ALA N 132 4.08 11.26 51.33
C ALA N 132 4.57 9.83 51.56
N GLU N 133 4.67 9.05 50.48
CA GLU N 133 5.09 7.65 50.56
C GLU N 133 6.52 7.51 51.08
N ILE N 134 7.40 8.38 50.62
CA ILE N 134 8.80 8.31 51.02
C ILE N 134 8.96 8.59 52.52
N SER N 135 8.26 9.60 53.03
CA SER N 135 8.31 9.96 54.46
C SER N 135 7.65 8.91 55.36
N HIS N 136 6.46 8.47 54.95
CA HIS N 136 5.65 7.52 55.70
C HIS N 136 6.24 6.11 55.74
N THR N 137 7.02 5.74 54.72
CA THR N 137 7.45 4.35 54.56
C THR N 137 8.93 4.10 54.24
N GLN N 138 9.68 5.16 53.92
CA GLN N 138 11.11 5.04 53.57
C GLN N 138 11.37 4.32 52.22
N LYS N 139 10.35 4.32 51.37
CA LYS N 139 10.42 3.67 50.08
C LYS N 139 9.75 4.52 49.03
N ALA N 140 10.33 4.54 47.83
CA ALA N 140 9.72 5.25 46.70
C ALA N 140 9.27 4.26 45.63
N THR N 141 7.97 4.32 45.28
CA THR N 141 7.41 3.51 44.21
C THR N 141 7.20 4.38 42.96
N LEU N 142 7.91 4.06 41.87
CA LEU N 142 7.61 4.64 40.56
C LEU N 142 6.56 3.80 39.83
N VAL N 143 5.68 4.46 39.06
CA VAL N 143 4.67 3.76 38.28
C VAL N 143 4.88 4.05 36.80
N CYS N 144 4.93 3.00 35.98
CA CYS N 144 4.94 3.20 34.53
C CYS N 144 3.58 2.88 33.90
N LEU N 145 3.17 3.73 32.96
CA LEU N 145 1.90 3.56 32.26
C LEU N 145 2.09 3.52 30.75
N ALA N 146 1.67 2.41 30.14
CA ALA N 146 1.68 2.23 28.70
C ALA N 146 0.24 2.14 28.23
N THR N 147 -0.14 3.00 27.30
CA THR N 147 -1.56 3.11 26.95
C THR N 147 -1.85 3.25 25.46
N GLY N 148 -3.06 2.84 25.11
CA GLY N 148 -3.60 3.00 23.76
C GLY N 148 -2.89 2.17 22.70
N PHE N 149 -2.40 0.99 23.07
CA PHE N 149 -1.66 0.18 22.12
C PHE N 149 -2.52 -0.97 21.64
N TYR N 150 -2.38 -1.30 20.36
CA TYR N 150 -2.97 -2.50 19.78
C TYR N 150 -2.12 -2.98 18.63
N PRO N 151 -1.80 -4.27 18.58
CA PRO N 151 -2.36 -5.45 19.23
C PRO N 151 -1.83 -5.59 20.66
N ASP N 152 -2.33 -6.53 21.45
CA ASP N 152 -1.76 -6.69 22.78
C ASP N 152 -0.46 -7.46 22.73
N HIS N 153 0.55 -6.83 22.15
CA HIS N 153 1.85 -7.46 22.00
C HIS N 153 2.99 -6.54 22.42
N VAL N 154 3.13 -6.32 23.72
CA VAL N 154 4.21 -5.46 24.21
C VAL N 154 4.99 -6.17 25.29
N GLU N 155 6.19 -5.68 25.56
CA GLU N 155 7.02 -6.22 26.63
C GLU N 155 7.66 -5.07 27.39
N LEU N 156 7.33 -4.97 28.67
CA LEU N 156 7.76 -3.82 29.48
C LEU N 156 8.87 -4.18 30.46
N SER N 157 9.88 -3.32 30.55
CA SER N 157 11.06 -3.57 31.38
C SER N 157 11.56 -2.27 32.03
N TRP N 158 12.16 -2.39 33.22
CA TRP N 158 12.69 -1.22 33.90
C TRP N 158 14.19 -1.16 33.74
N TRP N 159 14.69 0.02 33.37
CA TRP N 159 16.13 0.20 33.24
C TRP N 159 16.59 1.26 34.19
N VAL N 160 17.43 0.85 35.12
CA VAL N 160 18.05 1.79 36.06
C VAL N 160 19.54 1.90 35.77
N ASN N 161 19.97 3.12 35.39
CA ASN N 161 21.38 3.39 35.10
C ASN N 161 21.95 2.42 34.07
N GLY N 162 21.17 2.15 33.02
CA GLY N 162 21.67 1.36 31.91
C GLY N 162 21.60 -0.15 32.08
N LYS N 163 21.10 -0.60 33.21
CA LYS N 163 20.94 -2.05 33.38
C LYS N 163 19.51 -2.41 33.70
N GLU N 164 19.06 -3.54 33.18
CA GLU N 164 17.70 -3.98 33.43
C GLU N 164 17.63 -4.41 34.87
N VAL N 165 16.51 -4.11 35.53
CA VAL N 165 16.36 -4.41 36.94
C VAL N 165 15.17 -5.31 37.04
N HIS N 166 15.18 -6.23 37.98
CA HIS N 166 14.02 -7.11 38.18
C HIS N 166 13.45 -7.04 39.61
N SER N 167 14.34 -7.02 40.60
CA SER N 167 13.93 -6.85 41.98
C SER N 167 13.04 -5.60 42.11
N GLY N 168 11.91 -5.81 42.77
CA GLY N 168 11.06 -4.69 43.18
C GLY N 168 10.18 -4.26 42.06
N VAL N 169 9.89 -5.16 41.15
CA VAL N 169 8.94 -4.88 40.08
C VAL N 169 7.68 -5.75 40.04
N CYS N 170 6.56 -5.10 39.77
CA CYS N 170 5.31 -5.76 39.46
C CYS N 170 4.76 -5.13 38.18
N THR N 171 4.50 -5.94 37.16
CA THR N 171 3.90 -5.45 35.96
C THR N 171 2.66 -6.26 35.82
N ASP N 172 1.58 -5.57 35.55
CA ASP N 172 0.26 -6.22 35.44
C ASP N 172 0.36 -7.46 34.59
N PRO N 173 -0.15 -8.58 35.09
CA PRO N 173 -0.13 -9.80 34.30
C PRO N 173 -1.13 -9.73 33.14
N GLN N 174 -2.25 -9.05 33.36
CA GLN N 174 -3.24 -8.89 32.30
C GLN N 174 -3.40 -7.42 31.92
N PRO N 175 -3.48 -7.12 30.60
CA PRO N 175 -3.74 -5.74 30.19
C PRO N 175 -5.19 -5.39 30.35
N LEU N 176 -5.55 -4.19 29.89
CA LEU N 176 -6.79 -3.55 30.28
C LEU N 176 -7.44 -2.90 29.07
N LYS N 177 -8.61 -3.42 28.66
CA LYS N 177 -9.24 -2.93 27.43
C LYS N 177 -9.75 -1.54 27.64
N GLU N 178 -9.26 -0.58 26.85
CA GLU N 178 -9.74 0.78 27.00
C GLU N 178 -11.24 0.87 26.82
N GLN N 179 -11.74 0.26 25.75
CA GLN N 179 -13.17 0.18 25.57
C GLN N 179 -13.60 -1.26 25.52
N PRO N 180 -14.39 -1.67 26.49
CA PRO N 180 -14.96 -3.01 26.49
C PRO N 180 -15.93 -3.21 25.33
N ALA N 181 -16.72 -2.19 25.04
CA ALA N 181 -17.76 -2.30 24.04
C ALA N 181 -17.20 -2.60 22.66
N LEU N 182 -16.13 -1.92 22.30
CA LEU N 182 -15.47 -2.19 21.02
C LEU N 182 -14.60 -3.46 21.14
N ASN N 183 -14.53 -4.27 20.10
CA ASN N 183 -13.91 -5.60 20.23
C ASN N 183 -12.43 -5.70 19.80
N ASP N 184 -11.99 -4.74 18.99
CA ASP N 184 -10.56 -4.57 18.70
C ASP N 184 -10.04 -3.31 19.43
N SER N 185 -10.40 -3.21 20.72
CA SER N 185 -10.02 -2.13 21.59
C SER N 185 -8.53 -2.04 21.78
N ARG N 186 -8.03 -0.83 22.01
CA ARG N 186 -6.64 -0.62 22.40
C ARG N 186 -6.47 -0.95 23.88
N TYR N 187 -5.25 -1.22 24.31
CA TYR N 187 -5.06 -1.70 25.67
C TYR N 187 -4.19 -0.75 26.46
N ALA N 188 -4.39 -0.73 27.78
CA ALA N 188 -3.45 -0.08 28.72
C ALA N 188 -2.78 -1.12 29.63
N LEU N 189 -1.66 -0.76 30.22
CA LEU N 189 -0.93 -1.71 31.04
C LEU N 189 -0.07 -0.92 32.01
N SER N 190 -0.10 -1.30 33.29
CA SER N 190 0.65 -0.56 34.33
C SER N 190 1.77 -1.40 34.95
N SER N 191 2.81 -0.74 35.46
CA SER N 191 3.91 -1.43 36.11
C SER N 191 4.51 -0.57 37.23
N ARG N 192 5.05 -1.22 38.26
CA ARG N 192 5.66 -0.50 39.36
C ARG N 192 7.10 -0.93 39.58
N LEU N 193 7.95 0.03 39.91
CA LEU N 193 9.27 -0.26 40.43
C LEU N 193 9.39 0.41 41.79
N ARG N 194 9.61 -0.39 42.83
CA ARG N 194 9.84 0.15 44.17
C ARG N 194 11.33 0.12 44.57
N VAL N 195 11.79 1.20 45.21
CA VAL N 195 13.16 1.32 45.68
C VAL N 195 13.23 2.05 47.02
N SER N 196 14.38 1.97 47.68
CA SER N 196 14.58 2.68 48.94
C SER N 196 14.56 4.20 48.77
N ALA N 197 14.10 4.91 49.79
CA ALA N 197 14.02 6.35 49.69
C ALA N 197 15.40 6.93 49.41
N THR N 198 16.41 6.33 50.04
CA THR N 198 17.77 6.83 49.89
C THR N 198 18.21 6.77 48.43
N PHE N 199 17.72 5.75 47.72
CA PHE N 199 18.09 5.53 46.32
C PHE N 199 17.38 6.48 45.35
N TRP N 200 16.07 6.57 45.47
CA TRP N 200 15.35 7.48 44.63
C TRP N 200 15.87 8.89 44.82
N GLN N 201 16.47 9.15 45.99
CA GLN N 201 16.78 10.52 46.42
C GLN N 201 18.09 10.94 45.77
N ASN N 202 18.92 9.93 45.49
CA ASN N 202 20.11 10.11 44.68
C ASN N 202 19.83 10.64 43.27
N PRO N 203 20.30 11.86 43.02
CA PRO N 203 20.14 12.58 41.76
C PRO N 203 20.84 11.78 40.69
N ARG N 204 21.88 11.08 41.09
CA ARG N 204 22.72 10.35 40.16
C ARG N 204 21.82 9.39 39.41
N ASN N 205 20.83 8.84 40.11
CA ASN N 205 19.97 7.84 39.48
C ASN N 205 18.99 8.08 38.32
N HIS N 206 19.18 7.28 37.28
CA HIS N 206 18.40 7.34 36.06
C HIS N 206 17.41 6.17 35.99
N PHE N 207 16.12 6.49 35.90
CA PHE N 207 15.08 5.48 35.77
C PHE N 207 14.42 5.55 34.39
N ARG N 208 14.42 4.42 33.70
CA ARG N 208 13.73 4.33 32.41
C ARG N 208 12.74 3.17 32.35
N CYS N 209 11.51 3.50 31.95
CA CYS N 209 10.50 2.51 31.65
C CYS N 209 10.46 2.29 30.15
N GLN N 210 10.76 1.07 29.75
CA GLN N 210 10.95 0.75 28.35
C GLN N 210 9.92 -0.26 27.82
N VAL N 211 9.18 0.11 26.80
CA VAL N 211 8.20 -0.80 26.26
C VAL N 211 8.48 -1.15 24.82
N GLN N 212 8.51 -2.45 24.54
CA GLN N 212 8.76 -2.90 23.19
C GLN N 212 7.43 -3.24 22.56
N PHE N 213 7.12 -2.57 21.46
CA PHE N 213 5.86 -2.74 20.81
C PHE N 213 6.13 -3.48 19.55
N TYR N 214 5.45 -4.60 19.40
CA TYR N 214 5.58 -5.44 18.23
C TYR N 214 4.42 -5.13 17.29
N GLY N 215 4.71 -4.47 16.17
CA GLY N 215 3.68 -4.08 15.25
C GLY N 215 4.04 -4.37 13.81
N LEU N 216 3.80 -3.40 12.94
CA LEU N 216 3.96 -3.61 11.50
C LEU N 216 5.40 -3.62 11.03
N SER N 217 5.60 -4.23 9.86
CA SER N 217 6.92 -4.48 9.34
C SER N 217 7.31 -3.45 8.29
N GLU N 218 8.61 -3.36 8.03
CA GLU N 218 9.13 -2.43 7.06
C GLU N 218 8.37 -2.48 5.74
N ASN N 219 7.88 -3.65 5.36
CA ASN N 219 7.18 -3.79 4.09
C ASN N 219 5.76 -4.34 4.24
N ASP N 220 4.98 -3.73 5.13
CA ASP N 220 3.52 -3.81 5.12
C ASP N 220 3.13 -2.47 4.54
N GLU N 221 2.15 -2.40 3.64
CA GLU N 221 1.74 -1.08 3.16
C GLU N 221 0.92 -0.38 4.23
N TRP N 222 1.01 0.95 4.24
CA TRP N 222 0.28 1.73 5.19
C TRP N 222 -0.46 2.84 4.47
N THR N 223 -1.77 2.87 4.67
CA THR N 223 -2.61 3.86 4.01
C THR N 223 -3.50 4.60 5.01
N GLN N 224 -2.90 5.24 5.98
CA GLN N 224 -3.67 5.89 7.02
C GLN N 224 -3.11 7.27 7.23
N ASP N 225 -3.92 8.22 7.65
CA ASP N 225 -3.40 9.56 7.85
C ASP N 225 -2.62 9.76 9.16
N ARG N 226 -1.84 8.77 9.58
CA ARG N 226 -0.99 8.91 10.73
C ARG N 226 0.32 8.19 10.55
N ALA N 227 1.14 8.17 11.60
CA ALA N 227 2.39 7.49 11.50
C ALA N 227 2.16 5.99 11.44
N LYS N 228 3.01 5.30 10.69
CA LYS N 228 2.95 3.85 10.57
C LYS N 228 3.30 3.20 11.90
N PRO N 229 2.34 2.49 12.49
CA PRO N 229 2.46 1.85 13.81
C PRO N 229 3.37 0.64 13.69
N VAL N 230 4.57 0.97 13.30
CA VAL N 230 5.66 0.06 13.10
C VAL N 230 6.22 -0.51 14.43
N THR N 231 6.86 -1.69 14.35
CA THR N 231 7.59 -2.25 15.49
C THR N 231 8.63 -1.26 16.05
N GLN N 232 8.61 -1.04 17.37
CA GLN N 232 9.44 0.00 17.95
C GLN N 232 9.59 -0.06 19.48
N ILE N 233 10.51 0.75 19.99
CA ILE N 233 10.59 0.96 21.42
C ILE N 233 10.03 2.33 21.77
N VAL N 234 9.30 2.40 22.88
CA VAL N 234 8.77 3.65 23.39
C VAL N 234 9.14 3.69 24.85
N SER N 235 9.82 4.74 25.29
CA SER N 235 10.29 4.86 26.68
C SER N 235 9.81 6.12 27.37
N ALA N 236 10.01 6.14 28.68
CA ALA N 236 9.83 7.35 29.46
C ALA N 236 10.89 7.34 30.51
N GLU N 237 11.48 8.49 30.81
CA GLU N 237 12.47 8.55 31.88
C GLU N 237 12.09 9.35 33.11
N ALA N 238 12.94 9.24 34.12
CA ALA N 238 12.91 10.10 35.29
C ALA N 238 14.27 10.03 35.99
N TRP N 239 14.59 11.07 36.75
CA TRP N 239 15.82 11.10 37.56
C TRP N 239 15.47 11.26 39.03
N GLY N 240 16.37 10.79 39.90
CA GLY N 240 16.28 11.04 41.33
C GLY N 240 16.40 12.53 41.69
N ARG N 241 15.83 12.90 42.83
CA ARG N 241 15.89 14.24 43.37
C ARG N 241 15.80 14.12 44.90
N ALA N 242 16.43 15.04 45.62
CA ALA N 242 16.62 14.86 47.06
C ALA N 242 15.56 15.39 48.05
N ASP N 243 14.70 16.28 47.56
CA ASP N 243 13.64 16.92 48.37
C ASP N 243 13.53 16.40 49.82
N GLY O 2 -0.03 -75.48 36.10
CA GLY O 2 1.41 -75.50 36.27
C GLY O 2 2.02 -74.10 36.11
N PRO O 3 3.31 -74.01 35.69
CA PRO O 3 3.96 -72.75 35.27
C PRO O 3 3.55 -72.31 33.86
N HIS O 4 3.87 -71.08 33.50
CA HIS O 4 3.48 -70.54 32.19
C HIS O 4 4.44 -69.45 31.76
N SER O 5 4.29 -68.99 30.53
CA SER O 5 5.17 -67.96 29.99
C SER O 5 4.48 -67.16 28.91
N MET O 6 4.94 -65.92 28.73
CA MET O 6 4.51 -65.06 27.65
C MET O 6 5.72 -64.41 27.01
N ARG O 7 5.76 -64.40 25.68
CA ARG O 7 6.85 -63.78 24.94
C ARG O 7 6.35 -63.06 23.73
N TYR O 8 6.98 -61.94 23.41
CA TYR O 8 6.63 -61.19 22.21
C TYR O 8 7.94 -60.72 21.63
N TYR O 9 8.18 -61.03 20.36
CA TYR O 9 9.39 -60.59 19.68
C TYR O 9 9.07 -59.64 18.57
N GLU O 10 9.88 -58.59 18.46
CA GLU O 10 9.78 -57.65 17.34
C GLU O 10 11.14 -57.58 16.67
N THR O 11 11.15 -57.48 15.34
CA THR O 11 12.40 -57.28 14.61
C THR O 11 12.17 -56.26 13.51
N ALA O 12 13.15 -55.41 13.32
CA ALA O 12 13.09 -54.37 12.30
C ALA O 12 14.37 -54.45 11.53
N THR O 13 14.26 -54.58 10.22
CA THR O 13 15.47 -54.73 9.44
C THR O 13 15.59 -53.61 8.45
N SER O 14 16.65 -52.82 8.56
CA SER O 14 16.84 -51.70 7.65
C SER O 14 17.04 -52.23 6.25
N ARG O 15 16.69 -51.41 5.26
CA ARG O 15 16.83 -51.81 3.88
C ARG O 15 18.02 -51.08 3.32
N ARG O 16 18.33 -51.32 2.06
CA ARG O 16 19.45 -50.64 1.46
C ARG O 16 19.01 -49.23 1.04
N GLY O 17 19.77 -48.23 1.48
CA GLY O 17 19.45 -46.81 1.30
C GLY O 17 18.09 -46.29 1.80
N LEU O 18 17.39 -45.54 0.95
CA LEU O 18 16.01 -45.16 1.26
C LEU O 18 15.16 -46.41 1.14
N GLY O 19 14.53 -46.71 2.26
CA GLY O 19 13.55 -47.77 2.34
C GLY O 19 13.06 -47.62 3.75
N GLU O 20 11.79 -47.93 3.97
CA GLU O 20 11.36 -48.13 5.33
C GLU O 20 11.59 -49.57 5.78
N PRO O 21 12.08 -49.74 7.01
CA PRO O 21 12.50 -51.05 7.53
C PRO O 21 11.39 -52.10 7.51
N ARG O 22 11.78 -53.31 7.13
CA ARG O 22 10.94 -54.49 7.23
C ARG O 22 10.70 -54.83 8.71
N TYR O 23 9.49 -54.53 9.21
CA TYR O 23 9.16 -54.76 10.63
C TYR O 23 8.38 -56.05 10.77
N THR O 24 8.62 -56.73 11.87
CA THR O 24 8.05 -58.05 12.12
C THR O 24 7.76 -58.28 13.58
N SER O 25 6.72 -59.06 13.89
CA SER O 25 6.45 -59.39 15.27
C SER O 25 5.75 -60.73 15.39
N VAL O 26 5.86 -61.33 16.56
CA VAL O 26 5.25 -62.62 16.81
C VAL O 26 5.13 -62.82 18.30
N GLY O 27 4.00 -63.34 18.74
CA GLY O 27 3.76 -63.55 20.16
C GLY O 27 3.56 -65.02 20.51
N TYR O 28 3.95 -65.36 21.73
CA TYR O 28 3.82 -66.74 22.19
C TYR O 28 3.29 -66.73 23.61
N VAL O 29 2.40 -67.67 23.92
CA VAL O 29 2.25 -68.09 25.32
C VAL O 29 2.53 -69.59 25.34
N ASP O 30 3.35 -70.04 26.28
CA ASP O 30 3.60 -71.48 26.43
C ASP O 30 4.05 -72.12 25.11
N ASP O 31 5.04 -71.50 24.46
CA ASP O 31 5.63 -72.08 23.25
C ASP O 31 4.62 -72.37 22.13
N LYS O 32 3.53 -71.60 22.08
CA LYS O 32 2.62 -71.65 20.95
C LYS O 32 2.38 -70.23 20.44
N GLU O 33 2.38 -70.06 19.13
CA GLU O 33 2.15 -68.77 18.52
C GLU O 33 0.69 -68.37 18.72
N PHE O 34 0.45 -67.10 19.01
CA PHE O 34 -0.93 -66.63 19.12
C PHE O 34 -1.17 -65.41 18.25
N VAL O 35 -0.12 -64.87 17.65
CA VAL O 35 -0.27 -63.80 16.67
C VAL O 35 1.04 -63.49 16.02
N ARG O 36 0.96 -62.95 14.82
CA ARG O 36 2.16 -62.63 14.07
C ARG O 36 1.87 -61.41 13.26
N PHE O 37 2.92 -60.75 12.81
CA PHE O 37 2.75 -59.65 11.87
C PHE O 37 3.99 -59.51 11.03
N ASP O 38 3.80 -59.14 9.77
CA ASP O 38 4.91 -59.02 8.84
C ASP O 38 4.55 -57.98 7.81
N SER O 39 5.36 -56.92 7.70
CA SER O 39 5.08 -55.89 6.70
C SER O 39 5.67 -56.30 5.34
N ASP O 40 5.40 -57.54 4.94
CA ASP O 40 5.94 -58.08 3.71
C ASP O 40 4.90 -58.88 2.92
N ALA O 41 3.93 -59.42 3.62
CA ALA O 41 2.96 -60.24 2.96
C ALA O 41 2.06 -59.31 2.21
N GLU O 42 1.25 -59.79 1.29
CA GLU O 42 0.45 -58.86 0.55
C GLU O 42 -0.34 -58.02 1.55
N ASN O 43 -0.87 -58.66 2.57
CA ASN O 43 -1.59 -57.93 3.60
C ASN O 43 -0.64 -57.28 4.60
N PRO O 44 -1.12 -56.28 5.30
CA PRO O 44 -0.31 -55.62 6.31
C PRO O 44 -1.17 -55.59 7.53
N ARG O 45 -1.44 -56.77 8.08
CA ARG O 45 -2.29 -56.87 9.25
C ARG O 45 -1.96 -58.06 10.12
N TYR O 46 -2.29 -57.93 11.40
CA TYR O 46 -2.05 -59.02 12.34
C TYR O 46 -2.84 -60.32 12.15
N GLU O 47 -2.16 -61.47 12.22
CA GLU O 47 -2.81 -62.77 11.98
C GLU O 47 -2.91 -63.65 13.22
N PRO O 48 -3.98 -63.48 14.03
CA PRO O 48 -4.17 -64.33 15.22
C PRO O 48 -4.04 -65.78 14.81
N GLN O 49 -3.40 -66.60 15.63
CA GLN O 49 -3.16 -67.99 15.28
C GLN O 49 -3.91 -68.92 16.21
N VAL O 50 -4.87 -68.35 16.94
CA VAL O 50 -5.50 -69.09 18.01
C VAL O 50 -6.99 -68.73 18.09
N PRO O 51 -7.85 -69.74 18.25
CA PRO O 51 -9.29 -69.55 18.10
C PRO O 51 -9.86 -68.36 18.91
N TRP O 52 -9.51 -68.23 20.19
CA TRP O 52 -10.12 -67.20 21.05
C TRP O 52 -9.75 -65.75 20.80
N MET O 53 -8.83 -65.54 19.86
CA MET O 53 -8.33 -64.24 19.45
C MET O 53 -9.10 -63.70 18.24
N GLU O 54 -9.54 -64.65 17.42
CA GLU O 54 -10.04 -64.36 16.07
C GLU O 54 -11.40 -63.70 16.16
N GLN O 55 -12.26 -64.20 17.04
CA GLN O 55 -13.59 -63.65 17.21
C GLN O 55 -13.55 -62.34 17.99
N GLU O 56 -12.67 -61.43 17.56
CA GLU O 56 -12.60 -60.11 18.19
C GLU O 56 -12.97 -59.01 17.19
N GLY O 57 -13.52 -57.92 17.72
CA GLY O 57 -13.97 -56.80 16.92
C GLY O 57 -12.84 -56.16 16.12
N PRO O 58 -13.09 -55.89 14.83
CA PRO O 58 -12.03 -55.33 13.98
C PRO O 58 -11.61 -53.89 14.37
N GLU O 59 -12.23 -53.30 15.38
CA GLU O 59 -11.75 -52.02 15.93
C GLU O 59 -10.77 -52.27 17.08
N TYR O 60 -10.63 -53.54 17.44
CA TYR O 60 -9.61 -54.00 18.36
C TYR O 60 -8.31 -54.05 17.60
N TRP O 61 -8.34 -54.79 16.49
CA TRP O 61 -7.20 -54.92 15.62
C TRP O 61 -6.61 -53.71 14.89
N GLU O 62 -7.43 -52.67 14.71
CA GLU O 62 -6.93 -51.39 14.23
C GLU O 62 -6.14 -50.67 15.33
N ARG O 63 -6.76 -50.54 16.50
CA ARG O 63 -6.15 -49.96 17.69
C ARG O 63 -4.73 -50.55 17.68
N ILE O 64 -4.65 -51.88 17.63
CA ILE O 64 -3.37 -52.54 17.64
C ILE O 64 -2.51 -52.05 16.47
N THR O 65 -3.12 -51.96 15.29
CA THR O 65 -2.35 -51.61 14.11
C THR O 65 -1.82 -50.19 14.17
N GLN O 66 -2.66 -49.28 14.66
CA GLN O 66 -2.25 -47.90 14.83
C GLN O 66 -0.96 -47.87 15.66
N VAL O 67 -0.96 -48.60 16.77
CA VAL O 67 0.20 -48.66 17.64
C VAL O 67 1.42 -49.09 16.85
N ALA O 68 1.29 -50.17 16.08
CA ALA O 68 2.40 -50.67 15.29
C ALA O 68 3.03 -49.59 14.41
N LYS O 69 2.21 -48.81 13.71
CA LYS O 69 2.75 -47.78 12.82
C LYS O 69 3.70 -46.87 13.59
N GLY O 70 3.36 -46.59 14.85
CA GLY O 70 4.22 -45.82 15.73
C GLY O 70 5.51 -46.59 16.01
N GLN O 71 5.35 -47.78 16.58
CA GLN O 71 6.49 -48.64 16.85
C GLN O 71 7.47 -48.76 15.70
N GLU O 72 6.94 -48.80 14.48
CA GLU O 72 7.80 -48.92 13.31
C GLU O 72 8.63 -47.68 13.22
N GLN O 73 7.96 -46.53 13.33
CA GLN O 73 8.63 -45.27 13.15
C GLN O 73 9.68 -45.11 14.20
N TRP O 74 9.43 -45.68 15.37
CA TRP O 74 10.43 -45.72 16.43
C TRP O 74 11.65 -46.52 15.96
N PHE O 75 11.42 -47.74 15.48
CA PHE O 75 12.51 -48.60 14.98
C PHE O 75 13.39 -47.94 13.93
N ARG O 76 12.77 -47.29 12.96
CA ARG O 76 13.53 -46.68 11.89
C ARG O 76 14.43 -45.59 12.45
N VAL O 77 13.93 -44.84 13.42
CA VAL O 77 14.71 -43.72 13.97
C VAL O 77 15.89 -44.28 14.74
N ASN O 78 15.63 -45.25 15.61
CA ASN O 78 16.65 -45.82 16.46
C ASN O 78 17.64 -46.70 15.71
N LEU O 79 17.17 -47.40 14.69
CA LEU O 79 18.06 -48.17 13.82
C LEU O 79 19.20 -47.30 13.32
N ARG O 80 18.88 -46.03 13.14
CA ARG O 80 19.79 -45.03 12.60
C ARG O 80 20.80 -44.58 13.64
N THR O 81 20.36 -44.44 14.88
CA THR O 81 21.29 -44.09 15.94
C THR O 81 22.31 -45.21 16.12
N LEU O 82 21.84 -46.45 16.05
CA LEU O 82 22.77 -47.58 16.20
C LEU O 82 23.91 -47.60 15.20
N LEU O 83 23.59 -47.45 13.92
CA LEU O 83 24.64 -47.27 12.91
C LEU O 83 25.65 -46.15 13.25
N GLY O 84 25.17 -45.22 14.07
CA GLY O 84 25.97 -44.11 14.52
C GLY O 84 26.90 -44.67 15.58
N TYR O 85 26.31 -45.22 16.64
CA TYR O 85 27.05 -45.85 17.71
C TYR O 85 28.21 -46.74 17.23
N TYR O 86 27.95 -47.49 16.15
CA TYR O 86 28.91 -48.51 15.69
C TYR O 86 29.69 -48.10 14.45
N ASN O 87 29.65 -46.81 14.12
CA ASN O 87 30.38 -46.32 12.95
C ASN O 87 30.13 -47.12 11.67
N GLN O 88 28.89 -47.54 11.45
CA GLN O 88 28.58 -48.41 10.33
C GLN O 88 28.15 -47.66 9.09
N SER O 89 28.56 -48.22 7.95
CA SER O 89 28.21 -47.67 6.62
C SER O 89 26.70 -47.48 6.44
N ALA O 90 26.31 -46.37 5.80
CA ALA O 90 24.90 -46.05 5.60
C ALA O 90 24.16 -46.96 4.61
N GLY O 91 24.92 -47.58 3.70
CA GLY O 91 24.33 -48.42 2.66
C GLY O 91 23.80 -49.79 3.06
N GLY O 92 24.31 -50.34 4.16
CA GLY O 92 24.06 -51.73 4.52
C GLY O 92 22.72 -52.13 5.14
N THR O 93 22.69 -53.37 5.64
CA THR O 93 21.49 -54.00 6.18
C THR O 93 21.68 -54.38 7.65
N HIS O 94 20.85 -53.84 8.53
CA HIS O 94 20.99 -54.16 9.94
C HIS O 94 19.66 -54.52 10.60
N THR O 95 19.73 -55.27 11.69
CA THR O 95 18.53 -55.76 12.35
C THR O 95 18.53 -55.49 13.84
N LEU O 96 17.65 -54.61 14.28
CA LEU O 96 17.41 -54.43 15.72
C LEU O 96 16.28 -55.34 16.14
N GLN O 97 16.47 -56.11 17.20
CA GLN O 97 15.44 -57.03 17.63
C GLN O 97 15.12 -56.80 19.10
N ARG O 98 13.88 -57.09 19.49
CA ARG O 98 13.45 -56.79 20.84
C ARG O 98 12.52 -57.86 21.32
N MET O 99 12.69 -58.29 22.56
CA MET O 99 11.81 -59.30 23.16
C MET O 99 11.35 -58.85 24.53
N TYR O 100 10.08 -59.06 24.84
CA TYR O 100 9.64 -58.85 26.20
C TYR O 100 8.73 -59.99 26.59
N GLY O 101 8.32 -60.04 27.85
CA GLY O 101 7.42 -61.07 28.28
C GLY O 101 7.51 -61.41 29.75
N CYS O 102 6.60 -62.25 30.21
CA CYS O 102 6.56 -62.63 31.63
C CYS O 102 6.50 -64.13 31.87
N ASP O 103 7.17 -64.59 32.92
CA ASP O 103 7.11 -65.99 33.32
C ASP O 103 6.40 -66.02 34.65
N VAL O 104 5.23 -66.65 34.72
CA VAL O 104 4.60 -66.82 36.02
C VAL O 104 4.70 -68.28 36.47
N GLY O 105 4.83 -68.49 37.77
CA GLY O 105 4.93 -69.83 38.30
C GLY O 105 3.59 -70.52 38.57
N SER O 106 3.68 -71.63 39.31
CA SER O 106 2.52 -72.45 39.66
C SER O 106 1.47 -71.62 40.39
N ASP O 107 1.94 -70.65 41.17
CA ASP O 107 1.10 -69.78 42.02
C ASP O 107 0.40 -68.60 41.33
N GLY O 108 0.84 -68.26 40.12
CA GLY O 108 0.29 -67.13 39.38
C GLY O 108 1.06 -65.86 39.67
N ARG O 109 2.08 -65.98 40.51
CA ARG O 109 2.95 -64.87 40.88
C ARG O 109 4.10 -64.78 39.87
N LEU O 110 4.38 -63.57 39.40
CA LEU O 110 5.48 -63.38 38.46
C LEU O 110 6.75 -64.02 39.01
N LEU O 111 7.43 -64.75 38.15
CA LEU O 111 8.65 -65.42 38.52
C LEU O 111 9.80 -64.60 38.00
N ARG O 112 9.67 -64.17 36.76
CA ARG O 112 10.63 -63.26 36.16
C ARG O 112 10.01 -62.47 35.02
N GLY O 113 10.59 -61.31 34.73
CA GLY O 113 10.16 -60.53 33.57
C GLY O 113 11.31 -60.34 32.60
N TYR O 114 10.98 -60.05 31.34
CA TYR O 114 12.02 -59.78 30.35
C TYR O 114 11.82 -58.48 29.56
N GLU O 115 12.94 -57.85 29.18
CA GLU O 115 12.90 -56.69 28.29
C GLU O 115 14.32 -56.56 27.78
N GLN O 116 14.52 -56.79 26.49
CA GLN O 116 15.88 -56.84 25.96
C GLN O 116 15.95 -56.72 24.46
N PHE O 117 17.09 -56.24 23.98
CA PHE O 117 17.29 -55.96 22.59
C PHE O 117 18.56 -56.65 22.19
N ALA O 118 18.58 -57.16 20.98
CA ALA O 118 19.84 -57.58 20.39
C ALA O 118 20.01 -56.83 19.09
N TYR O 119 21.25 -56.55 18.71
CA TYR O 119 21.49 -55.81 17.48
C TYR O 119 22.42 -56.59 16.56
N ASP O 120 21.99 -56.84 15.34
CA ASP O 120 22.82 -57.53 14.37
C ASP O 120 23.23 -58.90 14.89
N GLY O 121 22.32 -59.58 15.59
CA GLY O 121 22.59 -60.91 16.08
C GLY O 121 23.17 -60.97 17.47
N CYS O 122 23.89 -59.92 17.87
CA CYS O 122 24.60 -59.92 19.16
C CYS O 122 23.77 -59.25 20.24
N ASP O 123 23.89 -59.73 21.48
CA ASP O 123 23.17 -59.09 22.60
C ASP O 123 23.54 -57.63 22.69
N TYR O 124 22.55 -56.77 23.00
CA TYR O 124 22.82 -55.34 23.13
C TYR O 124 22.53 -54.80 24.53
N ILE O 125 21.30 -54.93 24.99
CA ILE O 125 20.99 -54.50 26.35
C ILE O 125 19.82 -55.32 26.88
N ALA O 126 19.77 -55.53 28.19
CA ALA O 126 18.78 -56.43 28.78
C ALA O 126 18.49 -56.10 30.23
N LEU O 127 17.20 -56.01 30.54
CA LEU O 127 16.74 -55.70 31.89
C LEU O 127 16.99 -56.91 32.79
N ASN O 128 17.71 -56.67 33.88
CA ASN O 128 18.08 -57.72 34.82
C ASN O 128 16.88 -58.23 35.62
N GLU O 129 17.05 -59.41 36.22
CA GLU O 129 15.96 -60.06 36.96
C GLU O 129 15.37 -59.13 37.99
N ASP O 130 16.19 -58.18 38.46
CA ASP O 130 15.74 -57.24 39.48
C ASP O 130 14.70 -56.27 38.96
N LEU O 131 14.70 -56.07 37.67
CA LEU O 131 13.78 -55.13 37.06
C LEU O 131 14.13 -53.73 37.49
N ARG O 132 15.38 -53.51 37.84
CA ARG O 132 15.84 -52.19 38.20
C ARG O 132 17.13 -51.75 37.54
N THR O 133 17.83 -52.69 36.91
CA THR O 133 19.14 -52.43 36.35
C THR O 133 19.29 -52.98 34.96
N TRP O 134 20.26 -52.49 34.21
CA TRP O 134 20.40 -53.03 32.87
C TRP O 134 21.76 -53.64 32.68
N THR O 135 21.85 -54.60 31.79
CA THR O 135 23.15 -55.16 31.47
C THR O 135 23.54 -54.76 30.08
N ALA O 136 24.67 -54.05 29.97
CA ALA O 136 25.12 -53.55 28.67
C ALA O 136 26.29 -54.32 28.02
N ALA O 137 26.00 -54.98 26.91
CA ALA O 137 26.99 -55.78 26.22
C ALA O 137 28.26 -54.99 25.91
N ASP O 138 28.12 -53.75 25.43
CA ASP O 138 29.34 -53.03 25.05
C ASP O 138 29.31 -51.54 25.31
N MET O 139 30.23 -50.84 24.65
CA MET O 139 30.38 -49.39 24.80
C MET O 139 29.14 -48.63 24.32
N ALA O 140 28.61 -49.00 23.15
CA ALA O 140 27.38 -48.40 22.68
C ALA O 140 26.26 -48.62 23.71
N ALA O 141 25.98 -49.88 24.01
CA ALA O 141 24.93 -50.21 24.96
C ALA O 141 24.91 -49.44 26.29
N GLN O 142 26.10 -49.32 26.90
CA GLN O 142 26.37 -48.39 28.01
C GLN O 142 25.57 -47.09 27.93
N ILE O 143 25.80 -46.39 26.81
CA ILE O 143 25.21 -45.10 26.50
C ILE O 143 23.71 -45.23 26.65
N THR O 144 23.16 -46.20 25.91
CA THR O 144 21.74 -46.51 25.98
C THR O 144 21.28 -46.66 27.42
N ARG O 145 22.00 -47.51 28.15
CA ARG O 145 21.75 -47.69 29.57
C ARG O 145 21.69 -46.39 30.39
N ARG O 146 22.64 -45.50 30.13
CA ARG O 146 22.67 -44.23 30.83
C ARG O 146 21.37 -43.48 30.60
N LYS O 147 21.00 -43.31 29.33
CA LYS O 147 19.77 -42.65 28.94
C LYS O 147 18.60 -43.26 29.69
N TRP O 148 18.55 -44.59 29.70
CA TRP O 148 17.40 -45.30 30.25
C TRP O 148 17.42 -45.28 31.78
N GLU O 149 18.63 -45.31 32.34
CA GLU O 149 18.82 -45.15 33.78
C GLU O 149 18.20 -43.81 34.19
N GLN O 150 18.61 -42.75 33.52
CA GLN O 150 18.16 -41.44 33.92
C GLN O 150 16.68 -41.21 33.54
N ALA O 151 16.24 -41.84 32.46
CA ALA O 151 14.85 -41.65 31.96
C ALA O 151 13.84 -42.50 32.74
N GLY O 152 14.36 -43.54 33.40
CA GLY O 152 13.53 -44.37 34.25
C GLY O 152 12.87 -45.48 33.47
N ALA O 153 13.58 -45.99 32.47
CA ALA O 153 13.02 -47.00 31.61
C ALA O 153 12.64 -48.20 32.45
N ALA O 154 13.60 -48.72 33.22
CA ALA O 154 13.36 -49.91 34.03
C ALA O 154 12.07 -49.85 34.85
N GLU O 155 11.80 -48.68 35.45
CA GLU O 155 10.57 -48.54 36.24
C GLU O 155 9.34 -48.63 35.34
N TYR O 156 9.42 -48.02 34.16
CA TYR O 156 8.34 -48.03 33.18
C TYR O 156 7.87 -49.46 32.87
N TYR O 157 8.85 -50.34 32.68
CA TYR O 157 8.53 -51.69 32.25
C TYR O 157 8.26 -52.66 33.38
N ARG O 158 8.82 -52.35 34.56
CA ARG O 158 8.43 -53.08 35.76
C ARG O 158 6.90 -52.99 35.88
N ALA O 159 6.35 -51.80 35.70
CA ALA O 159 4.92 -51.63 35.93
C ALA O 159 4.16 -52.63 35.06
N TYR O 160 4.65 -52.76 33.84
CA TYR O 160 4.00 -53.65 32.89
C TYR O 160 4.24 -55.10 33.31
N LEU O 161 5.50 -55.51 33.27
CA LEU O 161 5.89 -56.87 33.64
C LEU O 161 5.22 -57.44 34.89
N GLU O 162 5.26 -56.70 36.01
CA GLU O 162 4.66 -57.20 37.25
C GLU O 162 3.12 -57.16 37.28
N GLY O 163 2.53 -56.42 36.35
CA GLY O 163 1.10 -56.22 36.41
C GLY O 163 0.33 -56.74 35.21
N GLU O 164 0.27 -55.93 34.17
CA GLU O 164 -0.44 -56.27 32.94
C GLU O 164 0.08 -57.57 32.27
N CYS O 165 1.39 -57.73 32.20
CA CYS O 165 1.95 -58.86 31.48
C CYS O 165 1.42 -60.14 32.09
N VAL O 166 1.29 -60.15 33.40
CA VAL O 166 0.80 -61.31 34.13
C VAL O 166 -0.72 -61.46 34.10
N GLU O 167 -1.43 -60.35 34.25
CA GLU O 167 -2.89 -60.35 34.17
C GLU O 167 -3.42 -60.78 32.79
N TRP O 168 -2.67 -60.47 31.74
CA TRP O 168 -3.11 -60.78 30.38
C TRP O 168 -2.87 -62.28 30.14
N LEU O 169 -1.65 -62.72 30.44
CA LEU O 169 -1.31 -64.14 30.33
C LEU O 169 -2.38 -65.00 30.98
N HIS O 170 -2.93 -64.51 32.08
CA HIS O 170 -4.00 -65.20 32.76
C HIS O 170 -5.27 -65.27 31.92
N ARG O 171 -5.95 -64.15 31.75
CA ARG O 171 -7.18 -64.14 30.94
C ARG O 171 -7.03 -64.95 29.63
N TYR O 172 -5.85 -64.86 29.02
CA TYR O 172 -5.58 -65.56 27.76
C TYR O 172 -5.68 -67.07 28.03
N LEU O 173 -4.86 -67.57 28.95
CA LEU O 173 -4.94 -68.97 29.39
C LEU O 173 -6.34 -69.37 29.84
N LYS O 174 -7.08 -68.43 30.40
CA LYS O 174 -8.44 -68.73 30.82
C LYS O 174 -9.39 -68.91 29.62
N ASN O 175 -9.00 -68.39 28.45
CA ASN O 175 -9.83 -68.58 27.27
C ASN O 175 -9.51 -69.86 26.50
N GLY O 176 -8.33 -70.43 26.76
CA GLY O 176 -8.04 -71.84 26.49
C GLY O 176 -8.56 -72.79 27.59
N ASN O 177 -9.90 -72.95 27.57
CA ASN O 177 -10.75 -73.82 28.41
C ASN O 177 -12.15 -73.21 28.61
N PHE P 1 -1.33 -57.59 24.81
CA PHE P 1 -0.03 -58.22 24.87
C PHE P 1 0.93 -57.15 24.51
N LEU P 2 0.43 -55.93 24.54
CA LEU P 2 1.17 -54.83 24.04
C LEU P 2 1.87 -54.01 25.06
N SER P 3 3.15 -53.83 24.81
CA SER P 3 3.99 -53.03 25.61
C SER P 3 4.93 -52.38 24.65
N PRO P 4 4.42 -51.38 23.97
CA PRO P 4 5.20 -50.57 23.04
C PRO P 4 6.42 -49.98 23.70
N PHE P 5 7.48 -49.78 22.93
CA PHE P 5 8.73 -49.30 23.49
C PHE P 5 9.16 -47.96 22.92
N TRP P 6 9.10 -46.94 23.77
CA TRP P 6 9.19 -45.58 23.30
C TRP P 6 10.51 -44.80 23.57
N PHE P 7 11.32 -45.28 24.50
CA PHE P 7 12.52 -44.58 24.91
C PHE P 7 13.49 -44.50 23.77
N ASP P 8 14.59 -43.79 23.98
CA ASP P 8 15.55 -43.55 22.90
C ASP P 8 16.80 -44.40 23.07
N ILE P 9 17.13 -45.15 22.03
CA ILE P 9 18.31 -46.01 22.05
C ILE P 9 19.53 -45.26 22.55
S SO4 Q . 12.98 33.09 -5.33
O1 SO4 Q . 12.98 34.49 -5.75
O2 SO4 Q . 13.19 32.15 -6.42
O3 SO4 Q . 14.13 32.94 -4.43
O4 SO4 Q . 11.69 32.78 -4.72
S SO4 R . 26.10 34.85 -0.24
O1 SO4 R . 27.37 34.80 -0.99
O2 SO4 R . 24.95 35.04 -1.13
O3 SO4 R . 26.02 33.58 0.47
O4 SO4 R . 26.13 36.00 0.68
S SO4 S . 36.64 32.88 10.49
O1 SO4 S . 37.97 33.25 9.99
O2 SO4 S . 36.07 31.76 9.68
O3 SO4 S . 36.85 32.54 11.91
O4 SO4 S . 35.77 34.06 10.39
S SO4 T . 23.76 45.07 17.42
O1 SO4 T . 24.09 44.93 16.02
O2 SO4 T . 22.67 44.17 17.72
O3 SO4 T . 24.92 44.67 18.17
O4 SO4 T . 23.37 46.42 17.78
S SO4 U . -22.06 12.19 9.08
O1 SO4 U . -21.88 13.62 8.81
O2 SO4 U . -21.32 11.42 8.10
O3 SO4 U . -21.52 11.85 10.40
O4 SO4 U . -23.49 11.86 8.93
S SO4 V . -7.26 17.39 10.00
O1 SO4 V . -6.11 17.95 9.28
O2 SO4 V . -7.12 15.96 10.24
O3 SO4 V . -7.31 18.07 11.29
O4 SO4 V . -8.54 17.64 9.30
S SO4 W . -11.31 -36.49 5.97
O1 SO4 W . -10.03 -35.82 6.01
O2 SO4 W . -11.36 -37.33 4.80
O3 SO4 W . -11.47 -37.29 7.16
O4 SO4 W . -12.34 -35.46 5.91
S SO4 X . 11.34 -31.41 -41.19
O1 SO4 X . 12.37 -30.56 -40.66
O2 SO4 X . 10.71 -30.78 -42.32
O3 SO4 X . 11.89 -32.66 -41.64
O4 SO4 X . 10.34 -31.63 -40.17
S SO4 Y . 11.74 15.10 -32.16
O1 SO4 Y . 13.09 14.68 -32.51
O2 SO4 Y . 11.18 15.81 -33.33
O3 SO4 Y . 10.92 13.92 -31.86
O4 SO4 Y . 11.84 16.02 -31.00
S SO4 Z . 14.69 19.31 -17.43
O1 SO4 Z . 15.04 19.73 -18.80
O2 SO4 Z . 13.30 18.83 -17.42
O3 SO4 Z . 15.57 18.24 -16.92
O4 SO4 Z . 14.89 20.42 -16.50
S SO4 AA . 7.41 -42.29 -62.37
O1 SO4 AA . 8.34 -42.50 -63.47
O2 SO4 AA . 6.29 -43.22 -62.52
O3 SO4 AA . 8.12 -42.50 -61.10
O4 SO4 AA . 6.88 -40.92 -62.33
S SO4 BA . -3.70 -17.29 -58.37
O1 SO4 BA . -2.58 -16.25 -58.41
O2 SO4 BA . -3.97 -17.74 -59.80
O3 SO4 BA . -3.14 -18.43 -57.70
O4 SO4 BA . -4.86 -16.59 -57.96
S SO4 CA . 27.11 6.49 43.59
O1 SO4 CA . 27.32 7.92 43.69
O2 SO4 CA . 26.28 6.20 42.43
O3 SO4 CA . 28.38 5.80 43.46
O4 SO4 CA . 26.42 6.01 44.79
S SO4 DA . 19.31 3.54 29.91
O1 SO4 DA . 20.42 4.44 29.62
O2 SO4 DA . 18.92 2.87 28.67
O3 SO4 DA . 19.64 2.47 30.85
O4 SO4 DA . 18.23 4.32 30.52
C1 EDO EA . 12.05 -10.65 21.01
O1 EDO EA . 13.00 -10.06 21.91
C2 EDO EA . 12.78 -11.58 20.05
O2 EDO EA . 12.02 -11.69 18.85
S SO4 FA . 16.90 -44.32 6.82
O1 SO4 FA . 17.22 -42.88 6.61
O2 SO4 FA . 16.19 -44.89 5.68
O3 SO4 FA . 18.12 -45.10 6.99
O4 SO4 FA . 16.10 -44.44 8.04
#